data_1WM3
# 
_entry.id   1WM3 
# 
_audit_conform.dict_name       mmcif_pdbx.dic 
_audit_conform.dict_version    5.380 
_audit_conform.dict_location   http://mmcif.pdb.org/dictionaries/ascii/mmcif_pdbx.dic 
# 
loop_
_database_2.database_id 
_database_2.database_code 
_database_2.pdbx_database_accession 
_database_2.pdbx_DOI 
PDB   1WM3         pdb_00001wm3 10.2210/pdb1wm3/pdb 
RCSB  RCSB023729   ?            ?                   
WWPDB D_1000023729 ?            ?                   
# 
_pdbx_database_related.db_name        PDB 
_pdbx_database_related.db_id          1WM2 
_pdbx_database_related.details        'the same protein at 1.6 A' 
_pdbx_database_related.content_type   unspecified 
# 
_pdbx_database_status.status_code                     REL 
_pdbx_database_status.entry_id                        1WM3 
_pdbx_database_status.recvd_initial_deposition_date   2004-07-02 
_pdbx_database_status.deposit_site                    PDBJ 
_pdbx_database_status.process_site                    PDBJ 
_pdbx_database_status.status_code_sf                  REL 
_pdbx_database_status.status_code_mr                  ? 
_pdbx_database_status.SG_entry                        ? 
_pdbx_database_status.pdb_format_compatible           Y 
_pdbx_database_status.status_code_cs                  ? 
_pdbx_database_status.status_code_nmr_data            ? 
_pdbx_database_status.methods_development_category    ? 
# 
loop_
_audit_author.name 
_audit_author.pdbx_ordinal 
'Huang, W.-C.'  1 
'Ko, T.-P.'     2 
'Li, S.S.-L.'   3 
'Wang, A.H.-J.' 4 
# 
_citation.id                        primary 
_citation.title                     
;Crystal structures of the human SUMO-2 protein at 1.6 A and 1.2 A resolution: implication on the functional differences of SUMO proteins
;
_citation.journal_abbrev            Eur.J.Biochem. 
_citation.journal_volume            271 
_citation.page_first                4114 
_citation.page_last                 4122 
_citation.year                      2004 
_citation.journal_id_ASTM           EJBCAI 
_citation.country                   IX 
_citation.journal_id_ISSN           0014-2956 
_citation.journal_id_CSD            0262 
_citation.book_publisher            ? 
_citation.pdbx_database_id_PubMed   15479240 
_citation.pdbx_database_id_DOI      10.1111/j.1432-1033.2004.04349.x 
# 
loop_
_citation_author.citation_id 
_citation_author.name 
_citation_author.ordinal 
_citation_author.identifier_ORCID 
primary 'Huang, W.-C.'  1 ? 
primary 'Ko, T.-P.'     2 ? 
primary 'Li, S.S.-L.'   3 ? 
primary 'Wang, A.H.-J.' 4 ? 
# 
_cell.entry_id           1WM3 
_cell.length_a           74.964 
_cell.length_b           74.964 
_cell.length_c           33.231 
_cell.angle_alpha        90.00 
_cell.angle_beta         90.00 
_cell.angle_gamma        120.00 
_cell.Z_PDB              9 
_cell.pdbx_unique_axis   ? 
# 
_symmetry.entry_id                         1WM3 
_symmetry.space_group_name_H-M             'H 3' 
_symmetry.pdbx_full_space_group_name_H-M   ? 
_symmetry.cell_setting                     ? 
_symmetry.Int_Tables_number                146 
_symmetry.space_group_name_Hall            ? 
# 
loop_
_entity.id 
_entity.type 
_entity.src_method 
_entity.pdbx_description 
_entity.formula_weight 
_entity.pdbx_number_of_molecules 
_entity.pdbx_ec 
_entity.pdbx_mutation 
_entity.pdbx_fragment 
_entity.details 
1 polymer man 'Ubiquitin-like protein SMT3B' 8362.512 1   ? ? 'no N-terminal arm(residues 17-88)' ? 
2 water   nat water                          18.015   127 ? ? ?                                   ? 
# 
_entity_name_com.entity_id   1 
_entity_name_com.name        'SUMO-2, small ubiquitin-like modifier, Sentrin 2, HSMT3' 
# 
_entity_poly.entity_id                      1 
_entity_poly.type                           'polypeptide(L)' 
_entity_poly.nstd_linkage                   no 
_entity_poly.nstd_monomer                   no 
_entity_poly.pdbx_seq_one_letter_code       HINLKVAGQDGSVVQFKIKRHTPLSKLMKAYCERQGLSMRQIRFRFDGQPINETDTPAQLEMEDEDTIDVFQ 
_entity_poly.pdbx_seq_one_letter_code_can   HINLKVAGQDGSVVQFKIKRHTPLSKLMKAYCERQGLSMRQIRFRFDGQPINETDTPAQLEMEDEDTIDVFQ 
_entity_poly.pdbx_strand_id                 A 
_entity_poly.pdbx_target_identifier         ? 
# 
loop_
_entity_poly_seq.entity_id 
_entity_poly_seq.num 
_entity_poly_seq.mon_id 
_entity_poly_seq.hetero 
1 1  HIS n 
1 2  ILE n 
1 3  ASN n 
1 4  LEU n 
1 5  LYS n 
1 6  VAL n 
1 7  ALA n 
1 8  GLY n 
1 9  GLN n 
1 10 ASP n 
1 11 GLY n 
1 12 SER n 
1 13 VAL n 
1 14 VAL n 
1 15 GLN n 
1 16 PHE n 
1 17 LYS n 
1 18 ILE n 
1 19 LYS n 
1 20 ARG n 
1 21 HIS n 
1 22 THR n 
1 23 PRO n 
1 24 LEU n 
1 25 SER n 
1 26 LYS n 
1 27 LEU n 
1 28 MET n 
1 29 LYS n 
1 30 ALA n 
1 31 TYR n 
1 32 CYS n 
1 33 GLU n 
1 34 ARG n 
1 35 GLN n 
1 36 GLY n 
1 37 LEU n 
1 38 SER n 
1 39 MET n 
1 40 ARG n 
1 41 GLN n 
1 42 ILE n 
1 43 ARG n 
1 44 PHE n 
1 45 ARG n 
1 46 PHE n 
1 47 ASP n 
1 48 GLY n 
1 49 GLN n 
1 50 PRO n 
1 51 ILE n 
1 52 ASN n 
1 53 GLU n 
1 54 THR n 
1 55 ASP n 
1 56 THR n 
1 57 PRO n 
1 58 ALA n 
1 59 GLN n 
1 60 LEU n 
1 61 GLU n 
1 62 MET n 
1 63 GLU n 
1 64 ASP n 
1 65 GLU n 
1 66 ASP n 
1 67 THR n 
1 68 ILE n 
1 69 ASP n 
1 70 VAL n 
1 71 PHE n 
1 72 GLN n 
# 
_entity_src_gen.entity_id                          1 
_entity_src_gen.pdbx_src_id                        1 
_entity_src_gen.pdbx_alt_source_flag               sample 
_entity_src_gen.pdbx_seq_type                      ? 
_entity_src_gen.pdbx_beg_seq_num                   ? 
_entity_src_gen.pdbx_end_seq_num                   ? 
_entity_src_gen.gene_src_common_name               human 
_entity_src_gen.gene_src_genus                     Homo 
_entity_src_gen.pdbx_gene_src_gene                 SUMO-2 
_entity_src_gen.gene_src_species                   ? 
_entity_src_gen.gene_src_strain                    ? 
_entity_src_gen.gene_src_tissue                    brain 
_entity_src_gen.gene_src_tissue_fraction           ? 
_entity_src_gen.gene_src_details                   ? 
_entity_src_gen.pdbx_gene_src_fragment             ? 
_entity_src_gen.pdbx_gene_src_scientific_name      'Homo sapiens' 
_entity_src_gen.pdbx_gene_src_ncbi_taxonomy_id     9606 
_entity_src_gen.pdbx_gene_src_variant              ? 
_entity_src_gen.pdbx_gene_src_cell_line            ? 
_entity_src_gen.pdbx_gene_src_atcc                 ? 
_entity_src_gen.pdbx_gene_src_organ                ? 
_entity_src_gen.pdbx_gene_src_organelle            ? 
_entity_src_gen.pdbx_gene_src_cell                 ? 
_entity_src_gen.pdbx_gene_src_cellular_location    ? 
_entity_src_gen.host_org_common_name               ? 
_entity_src_gen.pdbx_host_org_scientific_name      'Escherichia coli BL21(DE3)' 
_entity_src_gen.pdbx_host_org_ncbi_taxonomy_id     469008 
_entity_src_gen.host_org_genus                     Escherichia 
_entity_src_gen.pdbx_host_org_gene                 ? 
_entity_src_gen.pdbx_host_org_organ                ? 
_entity_src_gen.host_org_species                   'Escherichia coli' 
_entity_src_gen.pdbx_host_org_tissue               ? 
_entity_src_gen.pdbx_host_org_tissue_fraction      ? 
_entity_src_gen.pdbx_host_org_strain               'BL21(DE3)' 
_entity_src_gen.pdbx_host_org_variant              ? 
_entity_src_gen.pdbx_host_org_cell_line            ? 
_entity_src_gen.pdbx_host_org_atcc                 ? 
_entity_src_gen.pdbx_host_org_culture_collection   ? 
_entity_src_gen.pdbx_host_org_cell                 ? 
_entity_src_gen.pdbx_host_org_organelle            ? 
_entity_src_gen.pdbx_host_org_cellular_location    ? 
_entity_src_gen.pdbx_host_org_vector_type          plasmid 
_entity_src_gen.pdbx_host_org_vector               ? 
_entity_src_gen.host_org_details                   ? 
_entity_src_gen.expression_system_id               ? 
_entity_src_gen.plasmid_name                       pET16b 
_entity_src_gen.plasmid_details                    ? 
_entity_src_gen.pdbx_description                   ? 
# 
_struct_ref.id                         1 
_struct_ref.db_name                    UNP 
_struct_ref.db_code                    SMT3B_HUMAN 
_struct_ref.pdbx_db_accession          P61956 
_struct_ref.entity_id                  1 
_struct_ref.pdbx_seq_one_letter_code   HINLKVAGQDGSVVQFKIKRHTPLSKLMKAYCERQGLSMRQIRFRFDGQPINETDTPAQLEMEDEDTIDVFQ 
_struct_ref.pdbx_align_begin           17 
_struct_ref.pdbx_db_isoform            ? 
# 
_struct_ref_seq.align_id                      1 
_struct_ref_seq.ref_id                        1 
_struct_ref_seq.pdbx_PDB_id_code              1WM3 
_struct_ref_seq.pdbx_strand_id                A 
_struct_ref_seq.seq_align_beg                 1 
_struct_ref_seq.pdbx_seq_align_beg_ins_code   ? 
_struct_ref_seq.seq_align_end                 72 
_struct_ref_seq.pdbx_seq_align_end_ins_code   ? 
_struct_ref_seq.pdbx_db_accession             P61956 
_struct_ref_seq.db_align_beg                  17 
_struct_ref_seq.pdbx_db_align_beg_ins_code    ? 
_struct_ref_seq.db_align_end                  88 
_struct_ref_seq.pdbx_db_align_end_ins_code    ? 
_struct_ref_seq.pdbx_auth_seq_align_beg       17 
_struct_ref_seq.pdbx_auth_seq_align_end       88 
# 
loop_
_chem_comp.id 
_chem_comp.type 
_chem_comp.mon_nstd_flag 
_chem_comp.name 
_chem_comp.pdbx_synonyms 
_chem_comp.formula 
_chem_comp.formula_weight 
ALA 'L-peptide linking' y ALANINE         ? 'C3 H7 N O2'     89.093  
ARG 'L-peptide linking' y ARGININE        ? 'C6 H15 N4 O2 1' 175.209 
ASN 'L-peptide linking' y ASPARAGINE      ? 'C4 H8 N2 O3'    132.118 
ASP 'L-peptide linking' y 'ASPARTIC ACID' ? 'C4 H7 N O4'     133.103 
CYS 'L-peptide linking' y CYSTEINE        ? 'C3 H7 N O2 S'   121.158 
GLN 'L-peptide linking' y GLUTAMINE       ? 'C5 H10 N2 O3'   146.144 
GLU 'L-peptide linking' y 'GLUTAMIC ACID' ? 'C5 H9 N O4'     147.129 
GLY 'peptide linking'   y GLYCINE         ? 'C2 H5 N O2'     75.067  
HIS 'L-peptide linking' y HISTIDINE       ? 'C6 H10 N3 O2 1' 156.162 
HOH non-polymer         . WATER           ? 'H2 O'           18.015  
ILE 'L-peptide linking' y ISOLEUCINE      ? 'C6 H13 N O2'    131.173 
LEU 'L-peptide linking' y LEUCINE         ? 'C6 H13 N O2'    131.173 
LYS 'L-peptide linking' y LYSINE          ? 'C6 H15 N2 O2 1' 147.195 
MET 'L-peptide linking' y METHIONINE      ? 'C5 H11 N O2 S'  149.211 
PHE 'L-peptide linking' y PHENYLALANINE   ? 'C9 H11 N O2'    165.189 
PRO 'L-peptide linking' y PROLINE         ? 'C5 H9 N O2'     115.130 
SER 'L-peptide linking' y SERINE          ? 'C3 H7 N O3'     105.093 
THR 'L-peptide linking' y THREONINE       ? 'C4 H9 N O3'     119.119 
TYR 'L-peptide linking' y TYROSINE        ? 'C9 H11 N O3'    181.189 
VAL 'L-peptide linking' y VALINE          ? 'C5 H11 N O2'    117.146 
# 
_exptl.entry_id          1WM3 
_exptl.method            'X-RAY DIFFRACTION' 
_exptl.crystals_number   1 
# 
_exptl_crystal.id                    1 
_exptl_crystal.density_meas          ? 
_exptl_crystal.density_Matthews      1.81 
_exptl_crystal.density_percent_sol   31.9 
_exptl_crystal.description           ? 
_exptl_crystal.F_000                 ? 
_exptl_crystal.preparation           ? 
# 
_exptl_crystal_grow.crystal_id      1 
_exptl_crystal_grow.method          'VAPOR DIFFUSION, HANGING DROP' 
_exptl_crystal_grow.temp            298.0 
_exptl_crystal_grow.temp_details    ? 
_exptl_crystal_grow.pH              8.0 
_exptl_crystal_grow.pdbx_details    
'40% PEG600, 0.1M CHES, 0.1M Na-HEPES, pH 8.0, VAPOR DIFFUSION, HANGING DROP, temperature 298.0K' 
_exptl_crystal_grow.pdbx_pH_range   . 
# 
_diffrn.id                     1 
_diffrn.ambient_temp           100 
_diffrn.ambient_temp_details   ? 
_diffrn.crystal_id             1 
# 
_diffrn_detector.diffrn_id              1 
_diffrn_detector.detector               'IMAGE PLATE' 
_diffrn_detector.type                   'RIGAKU RAXIS IV' 
_diffrn_detector.pdbx_collection_date   2003-07-07 
_diffrn_detector.details                mirrors 
# 
_diffrn_radiation.diffrn_id                        1 
_diffrn_radiation.wavelength_id                    1 
_diffrn_radiation.pdbx_monochromatic_or_laue_m_l   M 
_diffrn_radiation.monochromator                    'Si 111 CHANNEL' 
_diffrn_radiation.pdbx_diffrn_protocol             'SINGLE WAVELENGTH' 
_diffrn_radiation.pdbx_scattering_type             x-ray 
# 
_diffrn_radiation_wavelength.id           1 
_diffrn_radiation_wavelength.wavelength   1.0717 
_diffrn_radiation_wavelength.wt           1.0 
# 
_diffrn_source.diffrn_id                   1 
_diffrn_source.source                      SYNCHROTRON 
_diffrn_source.type                        'NSRRC BEAMLINE BL17B2' 
_diffrn_source.pdbx_synchrotron_site       NSRRC 
_diffrn_source.pdbx_synchrotron_beamline   BL17B2 
_diffrn_source.pdbx_wavelength             ? 
_diffrn_source.pdbx_wavelength_list        1.0717 
# 
_reflns.entry_id                     1WM3 
_reflns.observed_criterion_sigma_F   0 
_reflns.observed_criterion_sigma_I   0 
_reflns.d_resolution_high            1.2 
_reflns.d_resolution_low             20 
_reflns.number_all                   21786 
_reflns.number_obs                   21781 
_reflns.percent_possible_obs         100.0 
_reflns.pdbx_Rmerge_I_obs            0.046 
_reflns.pdbx_Rsym_value              ? 
_reflns.pdbx_netI_over_sigmaI        39.6 
_reflns.B_iso_Wilson_estimate        ? 
_reflns.pdbx_redundancy              6.49 
_reflns.R_free_details               ? 
_reflns.limit_h_max                  ? 
_reflns.limit_h_min                  ? 
_reflns.limit_k_max                  ? 
_reflns.limit_k_min                  ? 
_reflns.limit_l_max                  ? 
_reflns.limit_l_min                  ? 
_reflns.observed_criterion_F_max     ? 
_reflns.observed_criterion_F_min     ? 
_reflns.pdbx_chi_squared             ? 
_reflns.pdbx_scaling_rejects         ? 
_reflns.pdbx_diffrn_id               1 
_reflns.pdbx_ordinal                 1 
# 
_reflns_shell.d_res_high             1.2 
_reflns_shell.d_res_low              1.24 
_reflns_shell.percent_possible_all   99.8 
_reflns_shell.Rmerge_I_obs           0.559 
_reflns_shell.pdbx_Rsym_value        ? 
_reflns_shell.meanI_over_sigI_obs    2.6 
_reflns_shell.pdbx_redundancy        5.24 
_reflns_shell.percent_possible_obs   ? 
_reflns_shell.number_unique_all      2190 
_reflns_shell.number_measured_all    ? 
_reflns_shell.number_measured_obs    ? 
_reflns_shell.number_unique_obs      ? 
_reflns_shell.pdbx_chi_squared       ? 
_reflns_shell.pdbx_diffrn_id         ? 
_reflns_shell.pdbx_ordinal           1 
# 
_refine.entry_id                                 1WM3 
_refine.ls_d_res_high                            1.2 
_refine.ls_d_res_low                             20 
_refine.pdbx_ls_sigma_F                          0 
_refine.pdbx_ls_sigma_I                          0 
_refine.ls_number_reflns_all                     21786 
_refine.ls_number_reflns_obs                     20948 
_refine.ls_number_reflns_R_free                  1014 
_refine.ls_percent_reflns_obs                    96.2 
_refine.ls_R_factor_all                          0.124 
_refine.ls_R_factor_obs                          0.122 
_refine.ls_R_factor_R_work                       0.119 
_refine.ls_R_factor_R_free                       0.185 
_refine.ls_redundancy_reflns_obs                 ? 
_refine.pdbx_data_cutoff_high_absF               ? 
_refine.pdbx_data_cutoff_low_absF                ? 
_refine.ls_number_parameters                     ? 
_refine.ls_number_restraints                     ? 
_refine.ls_percent_reflns_R_free                 ? 
_refine.ls_R_factor_R_free_error                 ? 
_refine.ls_R_factor_R_free_error_details         ? 
_refine.pdbx_method_to_determine_struct          'MOLECULAR REPLACEMENT' 
_refine.pdbx_starting_model                      'PDB entry 1WM2' 
_refine.pdbx_ls_cross_valid_method               THROUGHOUT 
_refine.pdbx_R_Free_selection_details            RANDOM 
_refine.pdbx_stereochem_target_val_spec_case     ? 
_refine.pdbx_stereochemistry_target_values       'Engh & Huber' 
_refine.solvent_model_details                    ? 
_refine.solvent_model_param_bsol                 ? 
_refine.solvent_model_param_ksol                 ? 
_refine.occupancy_max                            ? 
_refine.occupancy_min                            ? 
_refine.pdbx_isotropic_thermal_model             Isotropic 
_refine.B_iso_mean                               26.6 
_refine.aniso_B[1][1]                            ? 
_refine.aniso_B[1][2]                            ? 
_refine.aniso_B[1][3]                            ? 
_refine.aniso_B[2][2]                            ? 
_refine.aniso_B[2][3]                            ? 
_refine.aniso_B[3][3]                            ? 
_refine.details                                  ? 
_refine.B_iso_min                                ? 
_refine.B_iso_max                                ? 
_refine.correlation_coeff_Fo_to_Fc               ? 
_refine.correlation_coeff_Fo_to_Fc_free          ? 
_refine.pdbx_solvent_vdw_probe_radii             ? 
_refine.pdbx_solvent_ion_probe_radii             ? 
_refine.pdbx_solvent_shrinkage_radii             ? 
_refine.overall_SU_R_Cruickshank_DPI             ? 
_refine.overall_SU_R_free                        ? 
_refine.overall_SU_B                             ? 
_refine.overall_SU_ML                            ? 
_refine.pdbx_overall_ESU_R                       ? 
_refine.pdbx_overall_ESU_R_Free                  ? 
_refine.pdbx_data_cutoff_high_rms_absF           ? 
_refine.ls_wR_factor_R_free                      ? 
_refine.ls_wR_factor_R_work                      ? 
_refine.overall_FOM_free_R_set                   ? 
_refine.overall_FOM_work_R_set                   ? 
_refine.pdbx_refine_id                           'X-RAY DIFFRACTION' 
_refine.pdbx_diffrn_id                           1 
_refine.pdbx_TLS_residual_ADP_flag               ? 
_refine.pdbx_overall_phase_error                 ? 
_refine.pdbx_overall_SU_R_free_Cruickshank_DPI   ? 
_refine.pdbx_overall_SU_R_Blow_DPI               ? 
_refine.pdbx_overall_SU_R_free_Blow_DPI          ? 
# 
_refine_analyze.entry_id                        1WM3 
_refine_analyze.Luzzati_coordinate_error_obs    0.013 
_refine_analyze.Luzzati_sigma_a_obs             ? 
_refine_analyze.Luzzati_d_res_low_obs           ? 
_refine_analyze.Luzzati_coordinate_error_free   ? 
_refine_analyze.Luzzati_sigma_a_free            ? 
_refine_analyze.Luzzati_d_res_low_free          ? 
_refine_analyze.number_disordered_residues      ? 
_refine_analyze.occupancy_sum_non_hydrogen      ? 
_refine_analyze.occupancy_sum_hydrogen          ? 
_refine_analyze.pdbx_Luzzati_d_res_high_obs     ? 
_refine_analyze.pdbx_refine_id                  'X-RAY DIFFRACTION' 
# 
_refine_hist.pdbx_refine_id                   'X-RAY DIFFRACTION' 
_refine_hist.cycle_id                         LAST 
_refine_hist.pdbx_number_atoms_protein        584 
_refine_hist.pdbx_number_atoms_nucleic_acid   0 
_refine_hist.pdbx_number_atoms_ligand         0 
_refine_hist.number_atoms_solvent             127 
_refine_hist.number_atoms_total               711 
_refine_hist.d_res_high                       1.2 
_refine_hist.d_res_low                        20 
# 
loop_
_refine_ls_restr.type 
_refine_ls_restr.dev_ideal 
_refine_ls_restr.dev_ideal_target 
_refine_ls_restr.weight 
_refine_ls_restr.number 
_refine_ls_restr.pdbx_refine_id 
_refine_ls_restr.pdbx_restraint_function 
s_bond_d    0.013 ? ? ? 'X-RAY DIFFRACTION' ? 
o_angle_deg 2.3   ? ? ? 'X-RAY DIFFRACTION' ? 
# 
_refine_ls_shell.pdbx_total_number_of_bins_used   ? 
_refine_ls_shell.d_res_high                       1.2 
_refine_ls_shell.d_res_low                        1.24 
_refine_ls_shell.number_reflns_R_work             ? 
_refine_ls_shell.R_factor_R_work                  0.217 
_refine_ls_shell.percent_reflns_obs               88 
_refine_ls_shell.R_factor_R_free                  0.239 
_refine_ls_shell.R_factor_R_free_error            0.013 
_refine_ls_shell.percent_reflns_R_free            ? 
_refine_ls_shell.number_reflns_R_free             90 
_refine_ls_shell.number_reflns_obs                1924 
_refine_ls_shell.redundancy_reflns_obs            ? 
_refine_ls_shell.number_reflns_all                ? 
_refine_ls_shell.pdbx_refine_id                   'X-RAY DIFFRACTION' 
_refine_ls_shell.R_factor_all                     ? 
# 
_struct.entry_id                  1WM3 
_struct.title                     'Crystal structure of human SUMO-2 protein' 
_struct.pdbx_model_details        ? 
_struct.pdbx_CASP_flag            ? 
_struct.pdbx_model_type_details   ? 
# 
_struct_keywords.entry_id        1WM3 
_struct_keywords.pdbx_keywords   'PROTEIN TRANSPORT' 
_struct_keywords.text            'ubiquitin fold, half-open barrel, two helices, PROTEIN TRANSPORT' 
# 
loop_
_struct_asym.id 
_struct_asym.pdbx_blank_PDB_chainid_flag 
_struct_asym.pdbx_modified 
_struct_asym.entity_id 
_struct_asym.details 
A N N 1 ? 
B N N 2 ? 
# 
_struct_biol.id                    1 
_struct_biol.details               
;The protein functions as monomer, but 
in this crystal structure it may form 
a trimer, via the 3-fold axis.
;
_struct_biol.pdbx_parent_biol_id   ? 
# 
_struct_conf.conf_type_id            HELX_P 
_struct_conf.id                      HELX_P1 
_struct_conf.pdbx_PDB_helix_id       1 
_struct_conf.beg_label_comp_id       LEU 
_struct_conf.beg_label_asym_id       A 
_struct_conf.beg_label_seq_id        24 
_struct_conf.pdbx_beg_PDB_ins_code   ? 
_struct_conf.end_label_comp_id       GLY 
_struct_conf.end_label_asym_id       A 
_struct_conf.end_label_seq_id        36 
_struct_conf.pdbx_end_PDB_ins_code   ? 
_struct_conf.beg_auth_comp_id        LEU 
_struct_conf.beg_auth_asym_id        A 
_struct_conf.beg_auth_seq_id         40 
_struct_conf.end_auth_comp_id        GLY 
_struct_conf.end_auth_asym_id        A 
_struct_conf.end_auth_seq_id         52 
_struct_conf.pdbx_PDB_helix_class    1 
_struct_conf.details                 ? 
_struct_conf.pdbx_PDB_helix_length   13 
# 
_struct_conf_type.id          HELX_P 
_struct_conf_type.criteria    ? 
_struct_conf_type.reference   ? 
# 
_struct_sheet.id               A 
_struct_sheet.type             ? 
_struct_sheet.number_strands   5 
_struct_sheet.details          ? 
# 
loop_
_struct_sheet_order.sheet_id 
_struct_sheet_order.range_id_1 
_struct_sheet_order.range_id_2 
_struct_sheet_order.offset 
_struct_sheet_order.sense 
A 1 2 ? anti-parallel 
A 2 3 ? parallel      
A 3 4 ? anti-parallel 
A 4 5 ? anti-parallel 
# 
loop_
_struct_sheet_range.sheet_id 
_struct_sheet_range.id 
_struct_sheet_range.beg_label_comp_id 
_struct_sheet_range.beg_label_asym_id 
_struct_sheet_range.beg_label_seq_id 
_struct_sheet_range.pdbx_beg_PDB_ins_code 
_struct_sheet_range.end_label_comp_id 
_struct_sheet_range.end_label_asym_id 
_struct_sheet_range.end_label_seq_id 
_struct_sheet_range.pdbx_end_PDB_ins_code 
_struct_sheet_range.beg_auth_comp_id 
_struct_sheet_range.beg_auth_asym_id 
_struct_sheet_range.beg_auth_seq_id 
_struct_sheet_range.end_auth_comp_id 
_struct_sheet_range.end_auth_asym_id 
_struct_sheet_range.end_auth_seq_id 
A 1 VAL A 13 ? ILE A 18 ? VAL A 29 ILE A 34 
A 2 ILE A 2  ? ALA A 7  ? ILE A 18 ALA A 23 
A 3 ASP A 66 ? PHE A 71 ? ASP A 82 PHE A 87 
A 4 ARG A 43 ? PHE A 46 ? ARG A 59 PHE A 62 
A 5 GLN A 49 ? PRO A 50 ? GLN A 65 PRO A 66 
# 
loop_
_pdbx_struct_sheet_hbond.sheet_id 
_pdbx_struct_sheet_hbond.range_id_1 
_pdbx_struct_sheet_hbond.range_id_2 
_pdbx_struct_sheet_hbond.range_1_label_atom_id 
_pdbx_struct_sheet_hbond.range_1_label_comp_id 
_pdbx_struct_sheet_hbond.range_1_label_asym_id 
_pdbx_struct_sheet_hbond.range_1_label_seq_id 
_pdbx_struct_sheet_hbond.range_1_PDB_ins_code 
_pdbx_struct_sheet_hbond.range_1_auth_atom_id 
_pdbx_struct_sheet_hbond.range_1_auth_comp_id 
_pdbx_struct_sheet_hbond.range_1_auth_asym_id 
_pdbx_struct_sheet_hbond.range_1_auth_seq_id 
_pdbx_struct_sheet_hbond.range_2_label_atom_id 
_pdbx_struct_sheet_hbond.range_2_label_comp_id 
_pdbx_struct_sheet_hbond.range_2_label_asym_id 
_pdbx_struct_sheet_hbond.range_2_label_seq_id 
_pdbx_struct_sheet_hbond.range_2_PDB_ins_code 
_pdbx_struct_sheet_hbond.range_2_auth_atom_id 
_pdbx_struct_sheet_hbond.range_2_auth_comp_id 
_pdbx_struct_sheet_hbond.range_2_auth_asym_id 
_pdbx_struct_sheet_hbond.range_2_auth_seq_id 
A 1 2 O ILE A 18 ? O ILE A 34 N ILE A 2  ? N ILE A 18 
A 2 3 N LYS A 5  ? N LYS A 21 O ILE A 68 ? O ILE A 84 
A 3 4 O ASP A 69 ? O ASP A 85 N ARG A 45 ? N ARG A 61 
A 4 5 N PHE A 46 ? N PHE A 62 O GLN A 49 ? O GLN A 65 
# 
_atom_sites.entry_id                    1WM3 
_atom_sites.fract_transf_matrix[1][1]   0.01199663 
_atom_sites.fract_transf_matrix[1][2]   -0.00746362 
_atom_sites.fract_transf_matrix[1][3]   -0.00613609 
_atom_sites.fract_transf_matrix[2][1]   0.01304161 
_atom_sites.fract_transf_matrix[2][2]   0.00759645 
_atom_sites.fract_transf_matrix[2][3]   -0.00307616 
_atom_sites.fract_transf_matrix[3][1]   0.01018881 
_atom_sites.fract_transf_matrix[3][2]   -0.00631507 
_atom_sites.fract_transf_matrix[3][3]   0.02760139 
_atom_sites.fract_transf_vector[1]      0.085941 
_atom_sites.fract_transf_vector[2]      0.209732 
_atom_sites.fract_transf_vector[3]      0.446199 
# 
loop_
_atom_type.symbol 
C 
N 
O 
S 
# 
loop_
_atom_site.group_PDB 
_atom_site.id 
_atom_site.type_symbol 
_atom_site.label_atom_id 
_atom_site.label_alt_id 
_atom_site.label_comp_id 
_atom_site.label_asym_id 
_atom_site.label_entity_id 
_atom_site.label_seq_id 
_atom_site.pdbx_PDB_ins_code 
_atom_site.Cartn_x 
_atom_site.Cartn_y 
_atom_site.Cartn_z 
_atom_site.occupancy 
_atom_site.B_iso_or_equiv 
_atom_site.pdbx_formal_charge 
_atom_site.auth_seq_id 
_atom_site.auth_comp_id 
_atom_site.auth_asym_id 
_atom_site.auth_atom_id 
_atom_site.pdbx_PDB_model_num 
ATOM   1   N N   . HIS A 1 1  ? -11.920 9.086   -3.749  1.00 29.32  ? 17  HIS A N   1 
ATOM   2   C CA  . HIS A 1 1  ? -10.985 8.049   -3.346  1.00 21.61  ? 17  HIS A CA  1 
ATOM   3   C C   . HIS A 1 1  ? -10.712 7.132   -4.536  1.00 22.01  ? 17  HIS A C   1 
ATOM   4   O O   . HIS A 1 1  ? -11.590 6.962   -5.398  1.00 29.95  ? 17  HIS A O   1 
ATOM   5   C CB  . HIS A 1 1  ? -11.552 7.183   -2.212  1.00 23.64  ? 17  HIS A CB  1 
ATOM   6   C CG  . HIS A 1 1  ? -11.654 7.879   -0.880  1.00 21.18  ? 17  HIS A CG  1 
ATOM   7   N ND1 . HIS A 1 1  ? -12.786 8.591   -0.547  1.00 28.94  ? 17  HIS A ND1 1 
ATOM   8   C CD2 . HIS A 1 1  ? -10.788 7.975   0.156   1.00 21.69  ? 17  HIS A CD2 1 
ATOM   9   C CE1 . HIS A 1 1  ? -12.596 9.089   0.666   1.00 27.01  ? 17  HIS A CE1 1 
ATOM   10  N NE2 . HIS A 1 1  ? -11.394 8.747   1.127   1.00 22.66  ? 17  HIS A NE2 1 
ATOM   11  N N   . ILE A 1 2  ? -9.531  6.510   -4.520  1.00 19.45  ? 18  ILE A N   1 
ATOM   12  C CA  . ILE A 1 2  ? -9.376  5.325   -5.376  1.00 18.67  ? 18  ILE A CA  1 
ATOM   13  C C   . ILE A 1 2  ? -9.189  4.114   -4.475  1.00 16.24  ? 18  ILE A C   1 
ATOM   14  O O   . ILE A 1 2  ? -8.778  4.202   -3.320  1.00 18.80  ? 18  ILE A O   1 
ATOM   15  C CB  . ILE A 1 2  ? -8.202  5.480   -6.337  1.00 20.22  ? 18  ILE A CB  1 
ATOM   16  C CG1 . ILE A 1 2  ? -6.878  5.626   -5.599  1.00 18.52  ? 18  ILE A CG1 1 
ATOM   17  C CG2 . ILE A 1 2  ? -8.463  6.632   -7.284  1.00 24.61  ? 18  ILE A CG2 1 
ATOM   18  C CD1 . ILE A 1 2  ? -5.691  5.518   -6.535  1.00 28.21  ? 18  ILE A CD1 1 
ATOM   19  N N   . ASN A 1 3  ? -9.537  2.990   -5.039  1.00 15.46  ? 19  ASN A N   1 
ATOM   20  C CA  . ASN A 1 3  ? -9.479  1.704   -4.380  1.00 14.34  ? 19  ASN A CA  1 
ATOM   21  C C   . ASN A 1 3  ? -8.148  1.043   -4.735  1.00 14.83  ? 19  ASN A C   1 
ATOM   22  O O   . ASN A 1 3  ? -7.770  1.013   -5.898  1.00 18.03  ? 19  ASN A O   1 
ATOM   23  C CB  . ASN A 1 3  ? -10.639 0.853   -4.877  1.00 17.71  ? 19  ASN A CB  1 
ATOM   24  C CG  . ASN A 1 3  ? -11.966 1.485   -4.417  1.00 21.26  ? 19  ASN A CG  1 
ATOM   25  O OD1 . ASN A 1 3  ? -12.235 1.516   -3.235  1.00 26.18  ? 19  ASN A OD1 1 
ATOM   26  N ND2 . ASN A 1 3  ? -12.669 1.869   -5.446  1.00 31.73  ? 19  ASN A ND2 1 
ATOM   27  N N   . LEU A 1 4  ? -7.447  0.563   -3.747  1.00 13.44  ? 20  LEU A N   1 
ATOM   28  C CA  . LEU A 1 4  ? -6.179  -0.115  -3.940  1.00 13.32  ? 20  LEU A CA  1 
ATOM   29  C C   . LEU A 1 4  ? -6.233  -1.451  -3.219  1.00 13.64  ? 20  LEU A C   1 
ATOM   30  O O   . LEU A 1 4  ? -6.817  -1.586  -2.160  1.00 17.53  ? 20  LEU A O   1 
ATOM   31  C CB  . LEU A 1 4  ? -5.031  0.733   -3.405  1.00 13.81  ? 20  LEU A CB  1 
ATOM   32  C CG  . LEU A 1 4  ? -4.761  2.044   -4.131  1.00 14.52  ? 20  LEU A CG  1 
ATOM   33  C CD1 . LEU A 1 4  ? -3.740  2.869   -3.381  1.00 16.10  ? 20  LEU A CD1 1 
ATOM   34  C CD2 . LEU A 1 4  ? -4.334  1.785   -5.588  1.00 17.85  ? 20  LEU A CD2 1 
ATOM   35  N N   . LYS A 1 5  ? -5.536  -2.394  -3.779  1.00 13.63  ? 21  LYS A N   1 
ATOM   36  C CA  . LYS A 1 5  ? -5.340  -3.720  -3.256  1.00 14.38  ? 21  LYS A CA  1 
ATOM   37  C C   . LYS A 1 5  ? -3.930  -3.801  -2.681  1.00 12.80  ? 21  LYS A C   1 
ATOM   38  O O   . LYS A 1 5  ? -2.977  -3.260  -3.265  1.00 15.55  ? 21  LYS A O   1 
ATOM   39  C CB  . LYS A 1 5  ? -5.512  -4.797  -4.346  1.00 16.10  ? 21  LYS A CB  1 
ATOM   40  C CG  . LYS A 1 5  ? -6.898  -4.810  -4.965  1.00 21.30  ? 21  LYS A CG  1 
ATOM   41  C CD  . LYS A 1 5  ? -7.104  -5.768  -6.128  1.00 27.78  ? 21  LYS A CD  1 
ATOM   42  C CE  . LYS A 1 5  ? -8.427  -5.603  -6.824  1.00 47.13  ? 21  LYS A CE  1 
ATOM   43  N NZ  . LYS A 1 5  ? -9.300  -6.802  -6.581  1.00 70.83  ? 21  LYS A NZ  1 
ATOM   44  N N   . VAL A 1 6  ? -3.775  -4.493  -1.574  1.00 11.31  ? 22  VAL A N   1 
ATOM   45  C CA  . VAL A 1 6  ? -2.478  -4.816  -0.985  1.00 11.17  ? 22  VAL A CA  1 
ATOM   46  C C   . VAL A 1 6  ? -2.347  -6.334  -1.006  1.00 11.01  ? 22  VAL A C   1 
ATOM   47  O O   . VAL A 1 6  ? -3.105  -7.028  -0.306  1.00 12.37  ? 22  VAL A O   1 
ATOM   48  C CB  . VAL A 1 6  ? -2.292  -4.262  0.435   1.00 13.11  ? 22  VAL A CB  1 
ATOM   49  C CG1 . VAL A 1 6  ? -0.940  -4.663  0.922   1.00 17.14  ? 22  VAL A CG1 1 
ATOM   50  C CG2 . VAL A 1 6  ? -2.517  -2.730  0.376   1.00 18.39  ? 22  VAL A CG2 1 
ATOM   51  N N   . ALA A 1 7  ? -1.431  -6.856  -1.800  1.00 11.97  ? 23  ALA A N   1 
ATOM   52  C CA  . ALA A 1 7  ? -1.277  -8.281  -2.051  1.00 13.62  ? 23  ALA A CA  1 
ATOM   53  C C   . ALA A 1 7  ? -0.061  -8.846  -1.350  1.00 13.03  ? 23  ALA A C   1 
ATOM   54  O O   . ALA A 1 7  ? 1.050   -8.349  -1.602  1.00 13.78  ? 23  ALA A O   1 
ATOM   55  C CB  . ALA A 1 7  ? -1.167  -8.523  -3.554  1.00 16.52  ? 23  ALA A CB  1 
ATOM   56  N N   . GLY A 1 8  ? -0.267  -9.852  -0.532  1.00 14.81  ? 24  GLY A N   1 
ATOM   57  C CA  . GLY A 1 8  ? 0.840   -10.537 0.098   1.00 15.26  ? 24  GLY A CA  1 
ATOM   58  C C   . GLY A 1 8  ? 1.325   -11.675 -0.750  1.00 15.07  ? 24  GLY A C   1 
ATOM   59  O O   . GLY A 1 8  ? 0.672   -12.158 -1.712  1.00 15.47  ? 24  GLY A O   1 
ATOM   60  N N   . GLN A 1 9  ? 2.523   -12.175 -0.401  1.00 16.73  ? 25  GLN A N   1 
ATOM   61  C CA  . GLN A 1 9  ? 3.082   -13.292 -1.145  1.00 18.18  ? 25  GLN A CA  1 
ATOM   62  C C   . GLN A 1 9  ? 2.297   -14.613 -0.954  1.00 16.69  ? 25  GLN A C   1 
ATOM   63  O O   . GLN A 1 9  ? 2.399   -15.542 -1.756  1.00 18.80  ? 25  GLN A O   1 
ATOM   64  C CB  . GLN A 1 9  ? 4.583   -13.482 -0.809  1.00 22.00  ? 25  GLN A CB  1 
ATOM   65  C CG  . GLN A 1 9  ? 5.502   -12.338 -1.248  1.00 30.84  ? 25  GLN A CG  1 
ATOM   66  C CD  . GLN A 1 9  ? 6.990   -12.590 -0.993  1.00 27.20  ? 25  GLN A CD  1 
ATOM   67  O OE1 . GLN A 1 9  ? 7.482   -12.356 0.123   1.00 35.86  ? 25  GLN A OE1 1 
ATOM   68  N NE2 . GLN A 1 9  ? 7.756   -13.020 -2.012  1.00 33.11  ? 25  GLN A NE2 1 
ATOM   69  N N   . ASP A 1 10 ? 1.490   -14.686 0.098   1.00 15.52  ? 26  ASP A N   1 
ATOM   70  C CA  . ASP A 1 10 ? 0.616   -15.801 0.343   1.00 15.62  ? 26  ASP A CA  1 
ATOM   71  C C   . ASP A 1 10 ? -0.643  -15.741 -0.508  1.00 14.82  ? 26  ASP A C   1 
ATOM   72  O O   . ASP A 1 10 ? -1.454  -16.688 -0.419  1.00 16.69  ? 26  ASP A O   1 
ATOM   73  C CB  . ASP A 1 10 ? 0.250   -15.889 1.837   1.00 18.14  ? 26  ASP A CB  1 
ATOM   74  C CG  . ASP A 1 10 ? -0.527  -14.689 2.367   1.00 16.64  ? 26  ASP A CG  1 
ATOM   75  O OD1 . ASP A 1 10 ? -0.951  -14.749 3.538   1.00 21.84  ? 26  ASP A OD1 1 
ATOM   76  O OD2 . ASP A 1 10 ? -0.730  -13.699 1.644   1.00 16.70  ? 26  ASP A OD2 1 
ATOM   77  N N   . GLY A 1 11 ? -0.820  -14.730 -1.324  1.00 14.01  ? 27  GLY A N   1 
ATOM   78  C CA  . GLY A 1 11 ? -2.011  -14.582 -2.135  1.00 14.93  ? 27  GLY A CA  1 
ATOM   79  C C   . GLY A 1 11 ? -3.123  -13.766 -1.508  1.00 12.38  ? 27  GLY A C   1 
ATOM   80  O O   . GLY A 1 11 ? -4.109  -13.455 -2.154  1.00 13.11  ? 27  GLY A O   1 
ATOM   81  N N   . SER A 1 12 ? -2.983  -13.382 -0.243  1.00 12.44  ? 28  SER A N   1 
ATOM   82  C CA  . SER A 1 12 ? -3.976  -12.525 0.377   1.00 13.59  ? 28  SER A CA  1 
ATOM   83  C C   . SER A 1 12 ? -4.057  -11.199 -0.316  1.00 13.96  ? 28  SER A C   1 
ATOM   84  O O   . SER A 1 12 ? -3.061  -10.595 -0.727  1.00 15.72  ? 28  SER A O   1 
ATOM   85  C CB  . SER A 1 12 ? -3.575  -12.326 1.849   1.00 17.30  ? 28  SER A CB  1 
ATOM   86  O OG  . SER A 1 12 ? -2.369  -11.628 2.035   1.00 21.25  ? 28  SER A OG  1 
ATOM   87  N N   . VAL A 1 13 ? -5.286  -10.680 -0.465  1.00 13.56  ? 29  VAL A N   1 
ATOM   88  C CA  . VAL A 1 13 ? -5.528  -9.374  -1.062  1.00 15.00  ? 29  VAL A CA  1 
ATOM   89  C C   . VAL A 1 13 ? -6.452  -8.584  -0.134  1.00 17.04  ? 29  VAL A C   1 
ATOM   90  O O   . VAL A 1 13 ? -7.583  -9.010  0.098   1.00 23.63  ? 29  VAL A O   1 
ATOM   91  C CB  . VAL A 1 13 ? -6.185  -9.492  -2.436  1.00 16.41  ? 29  VAL A CB  1 
ATOM   92  C CG1 . VAL A 1 13 ? -6.604  -8.098  -2.922  1.00 24.01  ? 29  VAL A CG1 1 
ATOM   93  C CG2 . VAL A 1 13 ? -5.331  -10.202 -3.466  1.00 16.50  ? 29  VAL A CG2 1 
ATOM   94  N N   . VAL A 1 14 ? -5.965  -7.489  0.395   1.00 14.62  ? 30  VAL A N   1 
ATOM   95  C CA  . VAL A 1 14 ? -6.711  -6.652  1.332   1.00 16.77  ? 30  VAL A CA  1 
ATOM   96  C C   . VAL A 1 14 ? -6.916  -5.322  0.671   1.00 13.34  ? 30  VAL A C   1 
ATOM   97  O O   . VAL A 1 14 ? -6.045  -4.790  -0.018  1.00 17.42  ? 30  VAL A O   1 
ATOM   98  C CB  . VAL A 1 14 ? -5.875  -6.484  2.636   1.00 22.87  ? 30  VAL A CB  1 
ATOM   99  C CG1 . VAL A 1 14 ? -6.521  -5.558  3.616   1.00 25.35  ? 30  VAL A CG1 1 
ATOM   100 C CG2 . VAL A 1 14 ? -5.612  -7.907  3.207   1.00 27.02  ? 30  VAL A CG2 1 
ATOM   101 N N   . GLN A 1 15 ? -8.073  -4.703  0.850   1.00 13.57  ? 31  GLN A N   1 
ATOM   102 C CA  . GLN A 1 15 ? -8.507  -3.543  0.129   1.00 13.59  ? 31  GLN A CA  1 
ATOM   103 C C   . GLN A 1 15 ? -8.461  -2.314  1.046   1.00 10.89  ? 31  GLN A C   1 
ATOM   104 O O   . GLN A 1 15 ? -8.779  -2.354  2.236   1.00 11.53  ? 31  GLN A O   1 
ATOM   105 C CB  . GLN A 1 15 ? -9.946  -3.716  -0.373  1.00 17.95  ? 31  GLN A CB  1 
ATOM   106 C CG  . GLN A 1 15 ? -10.066 -4.710  -1.493  1.00 31.09  ? 31  GLN A CG  1 
ATOM   107 C CD  . GLN A 1 15 ? -10.878 -4.114  -2.643  1.00 52.97  ? 31  GLN A CD  1 
ATOM   108 O OE1 . GLN A 1 15 ? -11.963 -3.616  -2.359  1.00 64.93  ? 31  GLN A OE1 1 
ATOM   109 N NE2 . GLN A 1 15 ? -10.338 -4.145  -3.846  1.00 94.66  ? 31  GLN A NE2 1 
ATOM   110 N N   . PHE A 1 16 ? -8.108  -1.200  0.417   1.00 12.33  ? 32  PHE A N   1 
ATOM   111 C CA  . PHE A 1 16 ? -8.108  0.129   0.998   1.00 12.24  ? 32  PHE A CA  1 
ATOM   112 C C   . PHE A 1 16 ? -8.709  1.110   0.021   1.00 13.28  ? 32  PHE A C   1 
ATOM   113 O O   . PHE A 1 16 ? -8.729  0.889   -1.206  1.00 18.90  ? 32  PHE A O   1 
ATOM   114 C CB  . PHE A 1 16 ? -6.677  0.573   1.362   1.00 14.19  ? 32  PHE A CB  1 
ATOM   115 C CG  . PHE A 1 16 ? -6.130  -0.272  2.470   1.00 15.15  ? 32  PHE A CG  1 
ATOM   116 C CD1 . PHE A 1 16 ? -5.524  -1.476  2.023   1.00 18.98  ? 32  PHE A CD1 1 
ATOM   117 C CD2 . PHE A 1 16 ? -6.223  0.005   3.819   1.00 18.16  ? 32  PHE A CD2 1 
ATOM   118 C CE1 . PHE A 1 16 ? -5.033  -2.396  2.910   1.00 21.05  ? 32  PHE A CE1 1 
ATOM   119 C CE2 . PHE A 1 16 ? -5.748  -0.931  4.737   1.00 21.07  ? 32  PHE A CE2 1 
ATOM   120 C CZ  . PHE A 1 16 ? -5.244  -2.110  4.247   1.00 24.17  ? 32  PHE A CZ  1 
ATOM   121 N N   . LYS A 1 17 ? -9.136  2.227   0.511   1.00 12.45  ? 33  LYS A N   1 
ATOM   122 C CA  . LYS A 1 17 ? -9.501  3.373   -0.304  1.00 14.71  ? 33  LYS A CA  1 
ATOM   123 C C   . LYS A 1 17 ? -8.691  4.547   0.230   1.00 13.01  ? 33  LYS A C   1 
ATOM   124 O O   . LYS A 1 17 ? -8.465  4.705   1.412   1.00 14.67  ? 33  LYS A O   1 
ATOM   125 C CB  . LYS A 1 17 ? -10.992 3.645   -0.238  1.00 20.32  ? 33  LYS A CB  1 
ATOM   126 C CG  . LYS A 1 17 ? -11.521 4.100   1.083   1.00 24.57  ? 33  LYS A CG  1 
ATOM   127 C CD  . LYS A 1 17 ? -13.028 4.064   1.162   1.00 35.55  ? 33  LYS A CD  1 
ATOM   128 C CE  . LYS A 1 17 ? -13.772 5.129   0.433   1.00 34.68  ? 33  LYS A CE  1 
ATOM   129 N NZ  . LYS A 1 17 ? -15.228 5.057   0.778   1.00 27.61  ? 33  LYS A NZ  1 
ATOM   130 N N   . ILE A 1 18 ? -8.191  5.384   -0.665  1.00 13.46  ? 34  ILE A N   1 
ATOM   131 C CA  . ILE A 1 18 ? -7.321  6.490   -0.359  1.00 13.15  ? 34  ILE A CA  1 
ATOM   132 C C   . ILE A 1 18 ? -7.485  7.591   -1.410  1.00 13.22  ? 34  ILE A C   1 
ATOM   133 O O   . ILE A 1 18 ? -7.592  7.319   -2.605  1.00 15.64  ? 34  ILE A O   1 
ATOM   134 C CB  . ILE A 1 18 ? -5.850  6.036   -0.237  1.00 13.33  ? 34  ILE A CB  1 
ATOM   135 C CG1 . ILE A 1 18 ? -4.943  7.158   0.296   1.00 13.96  ? 34  ILE A CG1 1 
ATOM   136 C CG2 . ILE A 1 18 ? -5.308  5.424   -1.494  1.00 15.66  ? 34  ILE A CG2 1 
ATOM   137 C CD1 . ILE A 1 18 ? -3.559  6.649   0.669   1.00 16.35  ? 34  ILE A CD1 1 
ATOM   138 N N   . LYS A 1 19 ? -7.447  8.821   -0.989  1.00 12.56  ? 35  LYS A N   1 
ATOM   139 C CA  . LYS A 1 19 ? -7.486  9.940   -1.916  1.00 13.22  ? 35  LYS A CA  1 
ATOM   140 C C   . LYS A 1 19 ? -6.136  10.074  -2.610  1.00 13.09  ? 35  LYS A C   1 
ATOM   141 O O   . LYS A 1 19 ? -5.081  9.713   -2.070  1.00 13.37  ? 35  LYS A O   1 
ATOM   142 C CB  . LYS A 1 19 ? -7.804  11.238  -1.162  1.00 15.14  ? 35  LYS A CB  1 
ATOM   143 C CG  . LYS A 1 19 ? -9.208  11.255  -0.594  1.00 15.78  ? 35  LYS A CG  1 
ATOM   144 C CD  . LYS A 1 19 ? -9.566  12.585  0.009   1.00 19.52  ? 35  LYS A CD  1 
ATOM   145 C CE  . LYS A 1 19 ? -10.859 12.586  0.796   1.00 24.23  ? 35  LYS A CE  1 
ATOM   146 N NZ  . LYS A 1 19 ? -11.214 14.031  1.075   1.00 36.05  ? 35  LYS A NZ  1 
ATOM   147 N N   . ARG A 1 20 ? -6.172  10.601  -3.821  1.00 14.40  ? 36  ARG A N   1 
ATOM   148 C CA  . ARG A 1 20 ? -5.016  10.557  -4.711  1.00 15.17  ? 36  ARG A CA  1 
ATOM   149 C C   . ARG A 1 20 ? -3.842  11.367  -4.202  1.00 12.89  ? 36  ARG A C   1 
ATOM   150 O O   . ARG A 1 20 ? -2.679  11.047  -4.523  1.00 13.56  ? 36  ARG A O   1 
ATOM   151 C CB  . ARG A 1 20 ? -5.375  11.034  -6.137  1.00 21.17  ? 36  ARG A CB  1 
ATOM   152 C CG  . ARG A 1 20 ? -6.497  10.219  -6.819  1.00 26.84  ? 36  ARG A CG  1 
ATOM   153 C CD  . ARG A 1 20 ? -6.776  10.771  -8.222  1.00 32.87  ? 36  ARG A CD  1 
ATOM   154 N NE  . ARG A 1 20 ? -5.574  10.667  -9.042  1.00 29.13  ? 36  ARG A NE  1 
ATOM   155 C CZ  . ARG A 1 20 ? -4.732  11.535  -9.554  1.00 24.10  ? 36  ARG A CZ  1 
ATOM   156 N NH1 . ARG A 1 20 ? -4.860  12.875  -9.379  1.00 29.41  ? 36  ARG A NH1 1 
ATOM   157 N NH2 . ARG A 1 20 ? -3.701  11.083  -10.265 1.00 25.88  ? 36  ARG A NH2 1 
ATOM   158 N N   . HIS A 1 21 ? -4.082  12.400  -3.401  1.00 13.50  ? 37  HIS A N   1 
ATOM   159 C CA  . HIS A 1 21 ? -3.022  13.266  -2.918  1.00 14.28  ? 37  HIS A CA  1 
ATOM   160 C C   . HIS A 1 21 ? -2.737  13.062  -1.436  1.00 14.24  ? 37  HIS A C   1 
ATOM   161 O O   . HIS A 1 21 ? -2.027  13.850  -0.840  1.00 17.96  ? 37  HIS A O   1 
ATOM   162 C CB  . HIS A 1 21 ? -3.340  14.733  -3.248  1.00 17.88  ? 37  HIS A CB  1 
ATOM   163 C CG  . HIS A 1 21 ? -3.568  14.941  -4.711  1.00 18.30  ? 37  HIS A CG  1 
ATOM   164 N ND1 . HIS A 1 21 ? -2.528  14.833  -5.608  1.00 19.13  ? 37  HIS A ND1 1 
ATOM   165 C CD2 . HIS A 1 21 ? -4.654  15.246  -5.406  1.00 21.44  ? 37  HIS A CD2 1 
ATOM   166 C CE1 . HIS A 1 21 ? -3.012  15.072  -6.820  1.00 21.18  ? 37  HIS A CE1 1 
ATOM   167 N NE2 . HIS A 1 21 ? -4.327  15.334  -6.720  1.00 21.14  ? 37  HIS A NE2 1 
ATOM   168 N N   . THR A 1 22 ? -3.207  11.961  -0.834  1.00 12.84  ? 38  THR A N   1 
ATOM   169 C CA  . THR A 1 22 ? -2.935  11.603  0.533   1.00 12.68  ? 38  THR A CA  1 
ATOM   170 C C   . THR A 1 22 ? -1.733  10.664  0.565   1.00 12.42  ? 38  THR A C   1 
ATOM   171 O O   . THR A 1 22 ? -1.633  9.748   -0.234  1.00 12.94  ? 38  THR A O   1 
ATOM   172 C CB  . THR A 1 22 ? -4.202  10.955  1.179   1.00 13.37  ? 38  THR A CB  1 
ATOM   173 O OG1 . THR A 1 22 ? -5.225  11.976  1.189   1.00 15.81  ? 38  THR A OG1 1 
ATOM   174 C CG2 . THR A 1 22 ? -3.922  10.424  2.543   1.00 15.05  ? 38  THR A CG2 1 
ATOM   175 N N   . PRO A 1 23 ? -0.812  10.844  1.521   1.00 12.10  ? 39  PRO A N   1 
ATOM   176 C CA  . PRO A 1 23 ? 0.349   9.950   1.581   1.00 11.93  ? 39  PRO A CA  1 
ATOM   177 C C   . PRO A 1 23 ? -0.046  8.514   1.825   1.00 11.45  ? 39  PRO A C   1 
ATOM   178 O O   . PRO A 1 23 ? -0.868  8.167   2.670   1.00 12.11  ? 39  PRO A O   1 
ATOM   179 C CB  . PRO A 1 23 ? 1.171   10.434  2.758   1.00 13.55  ? 39  PRO A CB  1 
ATOM   180 C CG  . PRO A 1 23 ? 0.643   11.769  3.087   1.00 24.16  ? 39  PRO A CG  1 
ATOM   181 C CD  . PRO A 1 23 ? -0.717  11.899  2.542   1.00 14.00  ? 39  PRO A CD  1 
ATOM   182 N N   . LEU A 1 24 ? 0.626   7.611   1.088   1.00 12.50  ? 40  LEU A N   1 
ATOM   183 C CA  . LEU A 1 24 ? 0.427   6.168   1.201   1.00 11.77  ? 40  LEU A CA  1 
ATOM   184 C C   . LEU A 1 24 ? 0.819   5.611   2.561   1.00 11.49  ? 40  LEU A C   1 
ATOM   185 O O   . LEU A 1 24 ? 0.387   4.508   2.904   1.00 12.27  ? 40  LEU A O   1 
ATOM   186 C CB  . LEU A 1 24 ? 1.191   5.456   0.077   1.00 11.69  ? 40  LEU A CB  1 
ATOM   187 C CG  . LEU A 1 24 ? 0.487   5.525   -1.280  1.00 12.18  ? 40  LEU A CG  1 
ATOM   188 C CD1 . LEU A 1 24 ? 1.472   5.396   -2.427  1.00 15.92  ? 40  LEU A CD1 1 
ATOM   189 C CD2 . LEU A 1 24 ? -0.626  4.499   -1.392  1.00 15.13  ? 40  LEU A CD2 1 
ATOM   190 N N   . SER A 1 25 ? 1.594   6.352   3.347   1.00 12.66  ? 41  SER A N   1 
ATOM   191 C CA  . SER A 1 25 ? 1.837   5.943   4.731   1.00 13.49  ? 41  SER A CA  1 
ATOM   192 C C   . SER A 1 25 ? 0.543   5.818   5.503   1.00 12.71  ? 41  SER A C   1 
ATOM   193 O O   . SER A 1 25 ? 0.515   5.023   6.462   1.00 13.77  ? 41  SER A O   1 
ATOM   194 C CB  . SER A 1 25 ? 2.851   6.874   5.368   1.00 16.32  ? 41  SER A CB  1 
ATOM   195 O OG  . SER A 1 25 ? 2.460   8.222   5.171   1.00 16.09  ? 41  SER A OG  1 
ATOM   196 N N   . LYS A 1 26 ? -0.554  6.530   5.162   1.00 12.35  ? 42  LYS A N   1 
ATOM   197 C CA  . LYS A 1 26 ? -1.854  6.282   5.777   1.00 13.34  ? 42  LYS A CA  1 
ATOM   198 C C   . LYS A 1 26 ? -2.272  4.801   5.615   1.00 12.89  ? 42  LYS A C   1 
ATOM   199 O O   . LYS A 1 26 ? -2.675  4.152   6.569   1.00 14.01  ? 42  LYS A O   1 
ATOM   200 C CB  . LYS A 1 26 ? -2.913  7.183   5.181   1.00 13.38  ? 42  LYS A CB  1 
ATOM   201 C CG  . LYS A 1 26 ? -4.283  7.081   5.816   1.00 16.22  ? 42  LYS A CG  1 
ATOM   202 C CD  . LYS A 1 26 ? -5.362  7.895   5.102   1.00 15.25  ? 42  LYS A CD  1 
ATOM   203 C CE  . LYS A 1 26 ? -6.678  7.956   5.848   1.00 18.05  ? 42  LYS A CE  1 
ATOM   204 N NZ  . LYS A 1 26 ? -6.566  8.799   7.080   1.00 19.39  ? 42  LYS A NZ  1 
ATOM   205 N N   . LEU A 1 27 ? -2.157  4.342   4.374   1.00 12.37  ? 43  LEU A N   1 
ATOM   206 C CA  . LEU A 1 27 ? -2.493  2.973   3.995   1.00 11.66  ? 43  LEU A CA  1 
ATOM   207 C C   . LEU A 1 27 ? -1.556  1.970   4.609   1.00 11.53  ? 43  LEU A C   1 
ATOM   208 O O   . LEU A 1 27 ? -1.971  0.906   5.136   1.00 12.85  ? 43  LEU A O   1 
ATOM   209 C CB  . LEU A 1 27 ? -2.539  2.898   2.475   1.00 12.53  ? 43  LEU A CB  1 
ATOM   210 C CG  . LEU A 1 27 ? -2.769  1.553   1.808   1.00 13.88  ? 43  LEU A CG  1 
ATOM   211 C CD1 . LEU A 1 27 ? -3.382  1.792   0.432   1.00 17.19  ? 43  LEU A CD1 1 
ATOM   212 C CD2 . LEU A 1 27 ? -1.510  0.725   1.754   1.00 15.85  ? 43  LEU A CD2 1 
ATOM   213 N N   . MET A 1 28 ? -0.248  2.244   4.570   1.00 11.82  ? 44  MET A N   1 
ATOM   214 C CA  . MET A 1 28 ? 0.728   1.316   5.123   1.00 12.29  ? 44  MET A CA  1 
ATOM   215 C C   . MET A 1 28 ? 0.522   1.111   6.611   1.00 12.81  ? 44  MET A C   1 
ATOM   216 O O   . MET A 1 28 ? 0.550   -0.041  7.097   1.00 12.93  ? 44  MET A O   1 
ATOM   217 C CB  . MET A 1 28 ? 2.154   1.759   4.794   1.00 13.45  ? 44  MET A CB  1 
ATOM   218 C CG  . MET A 1 28 ? 2.429   1.777   3.303   1.00 15.01  ? 44  MET A CG  1 
ATOM   219 S SD  . MET A 1 28 ? 4.141   2.056   2.808   1.00 18.67  ? 44  MET A SD  1 
ATOM   220 C CE  . MET A 1 28 ? 4.238   3.768   3.115   1.00 20.07  ? 44  MET A CE  1 
ATOM   221 N N   . LYS A 1 29 ? 0.288   2.179   7.340   1.00 13.47  ? 45  LYS A N   1 
ATOM   222 C CA  . LYS A 1 29 ? 0.051   2.064   8.780   1.00 15.62  ? 45  LYS A CA  1 
ATOM   223 C C   . LYS A 1 29 ? -1.248  1.306   9.036   1.00 15.33  ? 45  LYS A C   1 
ATOM   224 O O   . LYS A 1 29 ? -1.341  0.465   9.924   1.00 18.06  ? 45  LYS A O   1 
ATOM   225 C CB  . LYS A 1 29 ? 0.036   3.468   9.367   1.00 18.08  ? 45  LYS A CB  1 
ATOM   226 C CG  . LYS A 1 29 ? 1.399   4.118   9.529   1.00 21.31  ? 45  LYS A CG  1 
ATOM   227 C CD  . LYS A 1 29 ? 1.483   5.604   9.820   1.00 26.40  ? 45  LYS A CD  1 
ATOM   228 C CE  . LYS A 1 29 ? 0.568   5.954   10.962  1.00 29.03  ? 45  LYS A CE  1 
ATOM   229 N NZ  . LYS A 1 29 ? 0.777   7.421   11.227  1.00 25.51  ? 45  LYS A NZ  1 
ATOM   230 N N   . ALA A 1 30 ? -2.318  1.577   8.264   1.00 15.50  ? 46  ALA A N   1 
ATOM   231 C CA  . ALA A 1 30 ? -3.575  0.878   8.446   1.00 15.95  ? 46  ALA A CA  1 
ATOM   232 C C   . ALA A 1 30 ? -3.469  -0.606  8.149   1.00 14.32  ? 46  ALA A C   1 
ATOM   233 O O   . ALA A 1 30 ? -3.991  -1.431  8.886   1.00 16.65  ? 46  ALA A O   1 
ATOM   234 C CB  . ALA A 1 30 ? -4.626  1.494   7.546   1.00 19.80  ? 46  ALA A CB  1 
ATOM   235 N N   . TYR A 1 31 ? -2.712  -0.954  7.123   1.00 12.94  ? 47  TYR A N   1 
ATOM   236 C CA  . TYR A 1 31 ? -2.491  -2.357  6.801   1.00 13.10  ? 47  TYR A CA  1 
ATOM   237 C C   . TYR A 1 31 ? -1.828  -3.077  7.943   1.00 13.76  ? 47  TYR A C   1 
ATOM   238 O O   . TYR A 1 31 ? -2.189  -4.156  8.371   1.00 14.77  ? 47  TYR A O   1 
ATOM   239 C CB  . TYR A 1 31 ? -1.651  -2.465  5.500   1.00 12.87  ? 47  TYR A CB  1 
ATOM   240 C CG  . TYR A 1 31 ? -1.339  -3.914  5.106   1.00 13.10  ? 47  TYR A CG  1 
ATOM   241 C CD1 . TYR A 1 31 ? -2.222  -4.604  4.293   1.00 14.30  ? 47  TYR A CD1 1 
ATOM   242 C CD2 . TYR A 1 31 ? -0.199  -4.577  5.466   1.00 14.40  ? 47  TYR A CD2 1 
ATOM   243 C CE1 . TYR A 1 31 ? -1.987  -5.924  3.896   1.00 13.90  ? 47  TYR A CE1 1 
ATOM   244 C CE2 . TYR A 1 31 ? 0.044   -5.884  5.081   1.00 14.24  ? 47  TYR A CE2 1 
ATOM   245 C CZ  . TYR A 1 31 ? -0.853  -6.558  4.301   1.00 13.79  ? 47  TYR A CZ  1 
ATOM   246 O OH  . TYR A 1 31 ? -0.588  -7.851  3.896   1.00 16.13  ? 47  TYR A OH  1 
ATOM   247 N N   . CYS A 1 32 ? -0.771  -2.419  8.474   1.00 14.42  ? 48  CYS A N   1 
ATOM   248 C CA  . CYS A 1 32 ? -0.042  -3.050  9.573   1.00 16.35  ? 48  CYS A CA  1 
ATOM   249 C C   . CYS A 1 32 ? -0.940  -3.235  10.782  1.00 17.12  ? 48  CYS A C   1 
ATOM   250 O O   . CYS A 1 32 ? -0.941  -4.327  11.378  1.00 18.55  ? 48  CYS A O   1 
ATOM   251 C CB  . CYS A 1 32 ? 1.195   -2.239  9.916   1.00 18.94  ? 48  CYS A CB  1 
ATOM   252 S SG  . CYS A 1 32 ? 2.530   -2.300  8.741   1.00 23.29  ? 48  CYS A SG  1 
ATOM   253 N N   . GLU A 1 33 ? -1.692  -2.234  11.133  1.00 16.45  ? 49  GLU A N   1 
ATOM   254 C CA  . GLU A 1 33 ? -2.591  -2.283  12.284  1.00 18.85  ? 49  GLU A CA  1 
ATOM   255 C C   . GLU A 1 33 ? -3.651  -3.351  12.083  1.00 19.27  ? 49  GLU A C   1 
ATOM   256 O O   . GLU A 1 33 ? -3.939  -4.175  12.963  1.00 24.43  ? 49  GLU A O   1 
ATOM   257 C CB  . GLU A 1 33 ? -3.249  -0.928  12.558  1.00 21.09  ? 49  GLU A CB  1 
ATOM   258 C CG  . GLU A 1 33 ? -3.880  -0.762  13.954  1.00 41.68  ? 49  GLU A CG  1 
ATOM   259 C CD  . GLU A 1 33 ? -4.162  0.695   14.290  1.00 49.43  ? 49  GLU A CD  1 
ATOM   260 O OE1 . GLU A 1 33 ? -3.192  1.431   14.596  1.00 73.69  ? 49  GLU A OE1 1 
ATOM   261 O OE2 . GLU A 1 33 ? -5.338  1.137   14.266  1.00 62.48  ? 49  GLU A OE2 1 
ATOM   262 N N   . ARG A 1 34 ? -4.312  -3.376  10.924  1.00 17.79  ? 50  ARG A N   1 
ATOM   263 C CA  . ARG A 1 34 ? -5.404  -4.309  10.685  1.00 19.75  ? 50  ARG A CA  1 
ATOM   264 C C   . ARG A 1 34 ? -4.902  -5.749  10.576  1.00 20.74  ? 50  ARG A C   1 
ATOM   265 O O   . ARG A 1 34 ? -5.638  -6.720  10.913  1.00 24.82  ? 50  ARG A O   1 
ATOM   266 C CB  . ARG A 1 34 ? -6.171  -3.894  9.444   1.00 20.55  ? 50  ARG A CB  1 
ATOM   267 C CG  . ARG A 1 34 ? -6.908  -2.569  9.459   1.00 22.01  ? 50  ARG A CG  1 
ATOM   268 C CD  . ARG A 1 34 ? -8.291  -2.686  10.044  1.00 28.32  ? 50  ARG A CD  1 
ATOM   269 N NE  . ARG A 1 34 ? -8.888  -1.359  10.179  1.00 23.17  ? 50  ARG A NE  1 
ATOM   270 C CZ  . ARG A 1 34 ? -10.136 -1.180  10.580  1.00 22.46  ? 50  ARG A CZ  1 
ATOM   271 N NH1 . ARG A 1 34 ? -10.904 -2.252  10.888  1.00 25.30  ? 50  ARG A NH1 1 
ATOM   272 N NH2 . ARG A 1 34 ? -10.577 0.083   10.668  1.00 26.71  ? 50  ARG A NH2 1 
ATOM   273 N N   . GLN A 1 35 ? -3.685  -5.982  10.107  1.00 19.15  ? 51  GLN A N   1 
ATOM   274 C CA  . GLN A 1 35 ? -3.163  -7.309  9.827   1.00 19.01  ? 51  GLN A CA  1 
ATOM   275 C C   . GLN A 1 35 ? -2.271  -7.824  10.939  1.00 23.14  ? 51  GLN A C   1 
ATOM   276 O O   . GLN A 1 35 ? -1.811  -8.970  10.860  1.00 23.50  ? 51  GLN A O   1 
ATOM   277 C CB  . GLN A 1 35 ? -2.391  -7.302  8.504   1.00 20.42  ? 51  GLN A CB  1 
ATOM   278 C CG  . GLN A 1 35 ? -3.217  -7.028  7.247   1.00 22.79  ? 51  GLN A CG  1 
ATOM   279 C CD  . GLN A 1 35 ? -4.258  -8.092  6.989   1.00 26.35  ? 51  GLN A CD  1 
ATOM   280 O OE1 . GLN A 1 35 ? -3.961  -9.297  6.955   1.00 34.37  ? 51  GLN A OE1 1 
ATOM   281 N NE2 . GLN A 1 35 ? -5.517  -7.703  6.802   1.00 29.79  ? 51  GLN A NE2 1 
ATOM   282 N N   . GLY A 1 36 ? -2.071  -7.027  11.992  1.00 22.69  ? 52  GLY A N   1 
ATOM   283 C CA  . GLY A 1 36 ? -1.239  -7.393  13.105  1.00 26.21  ? 52  GLY A CA  1 
ATOM   284 C C   . GLY A 1 36 ? 0.230   -7.571  12.709  1.00 28.36  ? 52  GLY A C   1 
ATOM   285 O O   . GLY A 1 36 ? 0.906   -8.488  13.195  1.00 33.97  ? 52  GLY A O   1 
ATOM   286 N N   . LEU A 1 37 ? 0.715   -6.728  11.815  1.00 23.67  ? 53  LEU A N   1 
ATOM   287 C CA  . LEU A 1 37 ? 2.077   -6.737  11.313  1.00 25.35  ? 53  LEU A CA  1 
ATOM   288 C C   . LEU A 1 37 ? 2.820   -5.474  11.699  1.00 29.24  ? 53  LEU A C   1 
ATOM   289 O O   . LEU A 1 37 ? 2.218   -4.478  12.072  1.00 29.52  ? 53  LEU A O   1 
ATOM   290 C CB  . LEU A 1 37 ? 2.096   -6.872  9.791   1.00 24.39  ? 53  LEU A CB  1 
ATOM   291 C CG  . LEU A 1 37 ? 1.507   -8.251  9.374   1.00 24.13  ? 53  LEU A CG  1 
ATOM   292 C CD1 . LEU A 1 37 ? 1.391   -8.244  7.856   1.00 30.14  ? 53  LEU A CD1 1 
ATOM   293 C CD2 . LEU A 1 37 ? 2.349   -9.365  9.924   1.00 32.35  ? 53  LEU A CD2 1 
ATOM   294 N N   . SER A 1 38 ? 4.140   -5.567  11.580  1.00 32.42  ? 54  SER A N   1 
ATOM   295 C CA  . SER A 1 38 ? 5.029   -4.504  11.922  1.00 30.94  ? 54  SER A CA  1 
ATOM   296 C C   . SER A 1 38 ? 5.779   -3.908  10.746  1.00 34.90  ? 54  SER A C   1 
ATOM   297 O O   . SER A 1 38 ? 6.273   -4.699  9.934   1.00 34.04  ? 54  SER A O   1 
ATOM   298 C CB  . SER A 1 38 ? 6.074   -5.072  12.911  1.00 32.66  ? 54  SER A CB  1 
ATOM   299 O OG  . SER A 1 38 ? 6.916   -4.020  13.297  1.00 30.14  ? 54  SER A OG  1 
ATOM   300 N N   . MET A 1 39 ? 5.914   -2.582  10.712  1.00 38.78  ? 55  MET A N   1 
ATOM   301 C CA  . MET A 1 39 ? 6.725   -1.956  9.672   1.00 43.44  ? 55  MET A CA  1 
ATOM   302 C C   . MET A 1 39 ? 8.159   -2.456  9.786   1.00 39.27  ? 55  MET A C   1 
ATOM   303 O O   . MET A 1 39 ? 8.923   -2.402  8.823   1.00 42.52  ? 55  MET A O   1 
ATOM   304 C CB  . MET A 1 39 ? 6.770   -0.438  9.765   1.00 45.14  ? 55  MET A CB  1 
ATOM   305 C CG  . MET A 1 39 ? 5.569   0.335   9.306   1.00 48.08  ? 55  MET A CG  1 
ATOM   306 S SD  . MET A 1 39 ? 4.978   0.196   7.595   1.00 59.69  ? 55  MET A SD  1 
ATOM   307 C CE  . MET A 1 39 ? 3.580   1.329   7.851   1.00 65.46  ? 55  MET A CE  1 
ATOM   308 N N   . ARG A 1 40 ? 8.525   -2.925  10.983  1.00 37.17  ? 56  ARG A N   1 
ATOM   309 C CA  . ARG A 1 40 ? 9.907   -3.372  11.113  1.00 38.83  ? 56  ARG A CA  1 
ATOM   310 C C   . ARG A 1 40 ? 10.201  -4.540  10.179  1.00 42.09  ? 56  ARG A C   1 
ATOM   311 O O   . ARG A 1 40 ? 11.354  -4.726  9.783   1.00 55.81  ? 56  ARG A O   1 
ATOM   312 C CB  . ARG A 1 40 ? 10.224  -3.799  12.543  1.00 39.22  ? 56  ARG A CB  1 
ATOM   313 C CG  . ARG A 1 40 ? 10.023  -2.752  13.618  1.00 38.51  ? 56  ARG A CG  1 
ATOM   314 C CD  . ARG A 1 40 ? 10.311  -3.377  14.994  1.00 36.61  ? 56  ARG A CD  1 
ATOM   315 N NE  . ARG A 1 40 ? 9.312   -4.420  15.307  1.00 33.07  ? 56  ARG A NE  1 
ATOM   316 C CZ  . ARG A 1 40 ? 9.113   -4.955  16.495  1.00 29.83  ? 56  ARG A CZ  1 
ATOM   317 N NH1 . ARG A 1 40 ? 9.818   -4.562  17.530  1.00 20.91  ? 56  ARG A NH1 1 
ATOM   318 N NH2 . ARG A 1 40 ? 8.191   -5.880  16.651  1.00 31.39  ? 56  ARG A NH2 1 
ATOM   319 N N   . GLN A 1 41 ? 9.154   -5.287  9.853   1.00 40.98  ? 57  GLN A N   1 
ATOM   320 C CA  . GLN A 1 41 ? 9.314   -6.568  9.173   1.00 39.79  ? 57  GLN A CA  1 
ATOM   321 C C   . GLN A 1 41 ? 8.765   -6.623  7.760   1.00 38.03  ? 57  GLN A C   1 
ATOM   322 O O   . GLN A 1 41 ? 9.018   -7.592  7.024   1.00 47.65  ? 57  GLN A O   1 
ATOM   323 C CB  . GLN A 1 41 ? 8.582   -7.642  9.994   1.00 43.45  ? 57  GLN A CB  1 
ATOM   324 C CG  . GLN A 1 41 ? 7.369   -7.071  10.728  1.00 62.80  ? 57  GLN A CG  1 
ATOM   325 C CD  . GLN A 1 41 ? 6.588   -8.204  11.383  1.00 66.43  ? 57  GLN A CD  1 
ATOM   326 O OE1 . GLN A 1 41 ? 5.361   -8.168  11.456  1.00 46.30  ? 57  GLN A OE1 1 
ATOM   327 N NE2 . GLN A 1 41 ? 7.354   -9.198  11.836  1.00 80.86  ? 57  GLN A NE2 1 
ATOM   328 N N   . ILE A 1 42 ? 7.996   -5.614  7.349   1.00 31.04  ? 58  ILE A N   1 
ATOM   329 C CA  . ILE A 1 42 ? 7.440   -5.697  5.995   1.00 25.19  ? 58  ILE A CA  1 
ATOM   330 C C   . ILE A 1 42 ? 7.835   -4.427  5.225   1.00 22.69  ? 58  ILE A C   1 
ATOM   331 O O   . ILE A 1 42 ? 8.191   -3.402  5.803   1.00 26.90  ? 58  ILE A O   1 
ATOM   332 C CB  . ILE A 1 42 ? 5.930   -5.973  5.958   1.00 27.23  ? 58  ILE A CB  1 
ATOM   333 C CG1 . ILE A 1 42 ? 5.182   -4.827  6.594   1.00 31.22  ? 58  ILE A CG1 1 
ATOM   334 C CG2 . ILE A 1 42 ? 5.518   -7.326  6.545   1.00 38.65  ? 58  ILE A CG2 1 
ATOM   335 C CD1 . ILE A 1 42 ? 3.687   -4.997  6.377   1.00 29.46  ? 58  ILE A CD1 1 
ATOM   336 N N   . ARG A 1 43 ? 7.772   -4.556  3.889   1.00 19.63  ? 59  ARG A N   1 
ATOM   337 C CA  . ARG A 1 43 ? 8.054   -3.512  2.929   1.00 19.51  ? 59  ARG A CA  1 
ATOM   338 C C   . ARG A 1 43 ? 6.975   -3.505  1.861   1.00 16.07  ? 59  ARG A C   1 
ATOM   339 O O   . ARG A 1 43 ? 6.464   -4.562  1.518   1.00 17.57  ? 59  ARG A O   1 
ATOM   340 C CB  . ARG A 1 43 ? 9.390   -3.716  2.171   1.00 24.66  ? 59  ARG A CB  1 
ATOM   341 C CG  . ARG A 1 43 ? 10.468  -4.327  3.012   1.00 40.58  ? 59  ARG A CG  1 
ATOM   342 C CD  . ARG A 1 43 ? 10.762  -3.491  4.226   1.00 57.95  ? 59  ARG A CD  1 
ATOM   343 N NE  . ARG A 1 43 ? 12.191  -3.626  4.514   1.00 69.50  ? 59  ARG A NE  1 
ATOM   344 C CZ  . ARG A 1 43 ? 12.746  -4.614  5.195   1.00 72.20  ? 59  ARG A CZ  1 
ATOM   345 N NH1 . ARG A 1 43 ? 12.031  -5.600  5.709   1.00 91.76  ? 59  ARG A NH1 1 
ATOM   346 N NH2 . ARG A 1 43 ? 14.060  -4.596  5.359   1.00 59.44  ? 59  ARG A NH2 1 
ATOM   347 N N   . PHE A 1 44 ? 6.663   -2.310  1.349   1.00 14.65  ? 60  PHE A N   1 
ATOM   348 C CA  . PHE A 1 44 ? 5.634   -2.121  0.331   1.00 14.11  ? 60  PHE A CA  1 
ATOM   349 C C   . PHE A 1 44 ? 6.278   -1.601  -0.963  1.00 14.14  ? 60  PHE A C   1 
ATOM   350 O O   . PHE A 1 44 ? 7.143   -0.716  -0.937  1.00 17.26  ? 60  PHE A O   1 
ATOM   351 C CB  . PHE A 1 44 ? 4.576   -1.116  0.766   1.00 14.66  ? 60  PHE A CB  1 
ATOM   352 C CG  . PHE A 1 44 ? 3.825   -1.508  2.023   1.00 13.56  ? 60  PHE A CG  1 
ATOM   353 C CD1 . PHE A 1 44 ? 4.353   -1.301  3.282   1.00 15.30  ? 60  PHE A CD1 1 
ATOM   354 C CD2 . PHE A 1 44 ? 2.564   -2.049  1.955   1.00 14.36  ? 60  PHE A CD2 1 
ATOM   355 C CE1 . PHE A 1 44 ? 3.642   -1.628  4.410   1.00 15.92  ? 60  PHE A CE1 1 
ATOM   356 C CE2 . PHE A 1 44 ? 1.826   -2.373  3.081   1.00 15.34  ? 60  PHE A CE2 1 
ATOM   357 C CZ  . PHE A 1 44 ? 2.371   -2.136  4.328   1.00 15.59  ? 60  PHE A CZ  1 
ATOM   358 N N   . ARG A 1 45 ? 5.838   -2.177  -2.080  1.00 13.50  ? 61  ARG A N   1 
ATOM   359 C CA  . ARG A 1 45 ? 6.338   -1.778  -3.388  1.00 15.26  ? 61  ARG A CA  1 
ATOM   360 C C   . ARG A 1 45 ? 5.168   -1.584  -4.343  1.00 14.10  ? 61  ARG A C   1 
ATOM   361 O O   . ARG A 1 45 ? 4.138   -2.249  -4.229  1.00 14.82  ? 61  ARG A O   1 
ATOM   362 C CB  . ARG A 1 45 ? 7.358   -2.761  -3.971  1.00 18.74  ? 61  ARG A CB  1 
ATOM   363 C CG  . ARG A 1 45 ? 8.628   -2.920  -3.142  1.00 25.90  ? 61  ARG A CG  1 
ATOM   364 C CD  . ARG A 1 45 ? 9.680   -3.758  -3.866  1.00 42.38  ? 61  ARG A CD  1 
ATOM   365 N NE  . ARG A 1 45 ? 11.040  -3.613  -3.472  1.00 65.32  ? 61  ARG A NE  1 
ATOM   366 C CZ  . ARG A 1 45 ? 11.814  -3.243  -2.483  1.00 75.54  ? 61  ARG A CZ  1 
ATOM   367 N NH1 . ARG A 1 45 ? 11.325  -2.804  -1.319  1.00 63.32  ? 61  ARG A NH1 1 
ATOM   368 N NH2 . ARG A 1 45 ? 13.153  -3.311  -2.655  1.00 73.27  ? 61  ARG A NH2 1 
ATOM   369 N N   . PHE A 1 46 ? 5.353   -0.705  -5.316  1.00 15.21  ? 62  PHE A N   1 
ATOM   370 C CA  . PHE A 1 46 ? 4.414   -0.503  -6.408  1.00 15.22  ? 62  PHE A CA  1 
ATOM   371 C C   . PHE A 1 46 ? 5.155   -0.548  -7.737  1.00 18.40  ? 62  PHE A C   1 
ATOM   372 O O   . PHE A 1 46 ? 6.077   0.255   -7.916  1.00 21.16  ? 62  PHE A O   1 
ATOM   373 C CB  . PHE A 1 46 ? 3.653   0.825   -6.312  1.00 15.82  ? 62  PHE A CB  1 
ATOM   374 C CG  . PHE A 1 46 ? 2.690   0.976   -7.477  1.00 15.07  ? 62  PHE A CG  1 
ATOM   375 C CD1 . PHE A 1 46 ? 2.857   1.981   -8.400  1.00 15.94  ? 62  PHE A CD1 1 
ATOM   376 C CD2 . PHE A 1 46 ? 1.660   0.063   -7.647  1.00 16.09  ? 62  PHE A CD2 1 
ATOM   377 C CE1 . PHE A 1 46 ? 2.034   2.083   -9.520  1.00 18.05  ? 62  PHE A CE1 1 
ATOM   378 C CE2 . PHE A 1 46 ? 0.828   0.201   -8.727  1.00 16.80  ? 62  PHE A CE2 1 
ATOM   379 C CZ  . PHE A 1 46 ? 1.002   1.205   -9.658  1.00 18.44  ? 62  PHE A CZ  1 
ATOM   380 N N   . ASP A 1 47 ? 4.812   -1.526  -8.537  1.00 20.81  ? 63  ASP A N   1 
ATOM   381 C CA  . ASP A 1 47 ? 5.496   -1.724  -9.813  1.00 29.23  ? 63  ASP A CA  1 
ATOM   382 C C   . ASP A 1 47 ? 7.021   -1.645  -9.630  1.00 26.73  ? 63  ASP A C   1 
ATOM   383 O O   . ASP A 1 47 ? 7.788   -1.017  -10.364 1.00 31.20  ? 63  ASP A O   1 
ATOM   384 C CB  . ASP A 1 47 ? 4.943   -0.710  -10.823 1.00 38.93  ? 63  ASP A CB  1 
ATOM   385 C CG  . ASP A 1 47 ? 5.257   -1.017  -12.262 1.00 50.10  ? 63  ASP A CG  1 
ATOM   386 O OD1 . ASP A 1 47 ? 5.013   -0.128  -13.124 1.00 64.45  ? 63  ASP A OD1 1 
ATOM   387 O OD2 . ASP A 1 47 ? 5.753   -2.149  -12.484 1.00 67.05  ? 63  ASP A OD2 1 
ATOM   388 N N   . GLY A 1 48 ? 7.461   -2.342  -8.581  1.00 25.61  ? 64  GLY A N   1 
ATOM   389 C CA  . GLY A 1 48 ? 8.870   -2.586  -8.293  1.00 30.35  ? 64  GLY A CA  1 
ATOM   390 C C   . GLY A 1 48 ? 9.577   -1.490  -7.530  1.00 29.18  ? 64  GLY A C   1 
ATOM   391 O O   . GLY A 1 48 ? 10.738  -1.584  -7.138  1.00 44.37  ? 64  GLY A O   1 
ATOM   392 N N   . GLN A 1 49 ? 8.869   -0.406  -7.253  1.00 25.69  ? 65  GLN A N   1 
ATOM   393 C CA  . GLN A 1 49 ? 9.551   0.715   -6.603  1.00 27.17  ? 65  GLN A CA  1 
ATOM   394 C C   . GLN A 1 49 ? 9.130   0.753   -5.156  1.00 23.09  ? 65  GLN A C   1 
ATOM   395 O O   . GLN A 1 49 ? 7.954   0.568   -4.812  1.00 21.44  ? 65  GLN A O   1 
ATOM   396 C CB  . GLN A 1 49 ? 9.267   1.980   -7.387  1.00 34.25  ? 65  GLN A CB  1 
ATOM   397 C CG  . GLN A 1 49 ? 7.880   2.504   -7.478  1.00 36.13  ? 65  GLN A CG  1 
ATOM   398 C CD  . GLN A 1 49 ? 7.575   3.297   -8.733  1.00 31.84  ? 65  GLN A CD  1 
ATOM   399 O OE1 . GLN A 1 49 ? 8.198   4.333   -9.095  1.00 30.11  ? 65  GLN A OE1 1 
ATOM   400 N NE2 . GLN A 1 49 ? 6.515   2.762   -9.349  1.00 43.88  ? 65  GLN A NE2 1 
ATOM   401 N N   . PRO A 1 50 ? 10.054  0.983   -4.258  1.00 24.92  ? 66  PRO A N   1 
ATOM   402 C CA  . PRO A 1 50 ? 9.674   1.106   -2.833  1.00 23.97  ? 66  PRO A CA  1 
ATOM   403 C C   . PRO A 1 50 ? 8.776   2.326   -2.670  1.00 23.79  ? 66  PRO A C   1 
ATOM   404 O O   . PRO A 1 50 ? 8.884   3.339   -3.369  1.00 26.25  ? 66  PRO A O   1 
ATOM   405 C CB  . PRO A 1 50 ? 10.977  1.262   -2.095  1.00 32.28  ? 66  PRO A CB  1 
ATOM   406 C CG  . PRO A 1 50 ? 11.988  0.709   -3.076  1.00 46.61  ? 66  PRO A CG  1 
ATOM   407 C CD  . PRO A 1 50 ? 11.492  1.193   -4.429  1.00 36.18  ? 66  PRO A CD  1 
ATOM   408 N N   . ILE A 1 51 ? 7.823   2.199   -1.745  1.00 20.55  ? 67  ILE A N   1 
ATOM   409 C CA  . ILE A 1 51 ? 6.966   3.345   -1.401  1.00 18.68  ? 67  ILE A CA  1 
ATOM   410 C C   . ILE A 1 51 ? 7.494   4.001   -0.131  1.00 19.96  ? 67  ILE A C   1 
ATOM   411 O O   . ILE A 1 51 ? 7.631   3.333   0.896   1.00 21.33  ? 67  ILE A O   1 
ATOM   412 C CB  . ILE A 1 51 ? 5.527   2.812   -1.194  1.00 17.49  ? 67  ILE A CB  1 
ATOM   413 C CG1 . ILE A 1 51 ? 5.026   2.052   -2.421  1.00 17.03  ? 67  ILE A CG1 1 
ATOM   414 C CG2 . ILE A 1 51 ? 4.608   3.960   -0.753  1.00 17.65  ? 67  ILE A CG2 1 
ATOM   415 C CD1 . ILE A 1 51 ? 3.682   1.450   -2.285  1.00 17.36  ? 67  ILE A CD1 1 
ATOM   416 N N   . ASN A 1 52 ? 7.789   5.285   -0.181  1.00 19.25  ? 68  ASN A N   1 
ATOM   417 C CA  . ASN A 1 52 ? 8.283   6.103   0.912   1.00 20.97  ? 68  ASN A CA  1 
ATOM   418 C C   . ASN A 1 52 ? 7.147   6.777   1.663   1.00 23.09  ? 68  ASN A C   1 
ATOM   419 O O   . ASN A 1 52 ? 6.013   6.772   1.204   1.00 20.39  ? 68  ASN A O   1 
ATOM   420 C CB  . ASN A 1 52 ? 9.288   7.119   0.386   1.00 27.19  ? 68  ASN A CB  1 
ATOM   421 C CG  . ASN A 1 52 ? 10.517  6.429   -0.211  1.00 39.86  ? 68  ASN A CG  1 
ATOM   422 O OD1 . ASN A 1 52 ? 10.981  5.405   0.332   1.00 66.48  ? 68  ASN A OD1 1 
ATOM   423 N ND2 . ASN A 1 52 ? 11.054  6.961   -1.310  1.00 72.38  ? 68  ASN A ND2 1 
ATOM   424 N N   . GLU A 1 53 ? 7.466   7.371   2.813   1.00 23.36  ? 69  GLU A N   1 
ATOM   425 C CA  . GLU A 1 53 ? 6.489   7.897   3.758   1.00 24.23  ? 69  GLU A CA  1 
ATOM   426 C C   . GLU A 1 53 ? 5.565   8.926   3.176   1.00 22.61  ? 69  GLU A C   1 
ATOM   427 O O   . GLU A 1 53 ? 4.403   9.091   3.578   1.00 44.52  ? 69  GLU A O   1 
ATOM   428 C CB  . GLU A 1 53 ? 7.218   8.529   4.981   1.00 31.80  ? 69  GLU A CB  1 
ATOM   429 C CG  . GLU A 1 53 ? 7.025   7.763   6.248   1.00 43.32  ? 69  GLU A CG  1 
ATOM   430 C CD  . GLU A 1 53 ? 7.833   8.095   7.481   1.00 51.53  ? 69  GLU A CD  1 
ATOM   431 O OE1 . GLU A 1 53 ? 9.074   8.298   7.388   1.00 49.13  ? 69  GLU A OE1 1 
ATOM   432 O OE2 . GLU A 1 53 ? 7.248   8.136   8.585   1.00 42.24  ? 69  GLU A OE2 1 
ATOM   433 N N   . THR A 1 54 ? 6.049   9.732   2.253   1.00 15.96  ? 70  THR A N   1 
ATOM   434 C CA  . THR A 1 54 ? 5.253   10.832  1.784   1.00 15.56  ? 70  THR A CA  1 
ATOM   435 C C   . THR A 1 54 ? 4.771   10.609  0.351   1.00 13.98  ? 70  THR A C   1 
ATOM   436 O O   . THR A 1 54 ? 4.054   11.473  -0.150  1.00 16.38  ? 70  THR A O   1 
ATOM   437 C CB  . THR A 1 54 ? 5.972   12.205  1.837   1.00 17.65  ? 70  THR A CB  1 
ATOM   438 O OG1 . THR A 1 54 ? 7.039   12.200  0.887   1.00 20.78  ? 70  THR A OG1 1 
ATOM   439 C CG2 . THR A 1 54 ? 6.473   12.513  3.252   1.00 19.65  ? 70  THR A CG2 1 
ATOM   440 N N   . ASP A 1 55 ? 5.123   9.505   -0.288  1.00 13.71  ? 71  ASP A N   1 
ATOM   441 C CA  . ASP A 1 55 ? 4.609   9.264   -1.631  1.00 12.67  ? 71  ASP A CA  1 
ATOM   442 C C   . ASP A 1 55 ? 3.100   9.153   -1.639  1.00 12.12  ? 71  ASP A C   1 
ATOM   443 O O   . ASP A 1 55 ? 2.535   8.454   -0.792  1.00 13.14  ? 71  ASP A O   1 
ATOM   444 C CB  . ASP A 1 55 ? 5.175   7.938   -2.154  1.00 13.88  ? 71  ASP A CB  1 
ATOM   445 C CG  . ASP A 1 55 ? 6.646   7.955   -2.518  1.00 17.07  ? 71  ASP A CG  1 
ATOM   446 O OD1 . ASP A 1 55 ? 7.242   6.881   -2.559  1.00 19.20  ? 71  ASP A OD1 1 
ATOM   447 O OD2 . ASP A 1 55 ? 7.173   9.035   -2.788  1.00 21.10  ? 71  ASP A OD2 1 
ATOM   448 N N   . THR A 1 56 ? 2.472   9.740   -2.630  1.00 12.12  ? 72  THR A N   1 
ATOM   449 C CA  . THR A 1 56 ? 1.049   9.694   -2.789  1.00 11.83  ? 72  THR A CA  1 
ATOM   450 C C   . THR A 1 56 ? 0.667   8.806   -3.991  1.00 11.31  ? 72  THR A C   1 
ATOM   451 O O   . THR A 1 56 ? 1.492   8.586   -4.866  1.00 12.26  ? 72  THR A O   1 
ATOM   452 C CB  . THR A 1 56 ? 0.469   11.095  -3.013  1.00 12.62  ? 72  THR A CB  1 
ATOM   453 O OG1 . THR A 1 56 ? 0.928   11.551  -4.299  1.00 13.63  ? 72  THR A OG1 1 
ATOM   454 C CG2 . THR A 1 56 ? 0.861   12.050  -1.906  1.00 13.44  ? 72  THR A CG2 1 
ATOM   455 N N   . PRO A 1 57 ? -0.575  8.340   -4.037  1.00 11.07  ? 73  PRO A N   1 
ATOM   456 C CA  . PRO A 1 57 ? -1.008  7.591   -5.220  1.00 11.39  ? 73  PRO A CA  1 
ATOM   457 C C   . PRO A 1 57 ? -0.808  8.390   -6.519  1.00 11.26  ? 73  PRO A C   1 
ATOM   458 O O   . PRO A 1 57 ? -0.359  7.801   -7.527  1.00 12.92  ? 73  PRO A O   1 
ATOM   459 C CB  . PRO A 1 57 ? -2.475  7.312   -4.914  1.00 11.90  ? 73  PRO A CB  1 
ATOM   460 C CG  . PRO A 1 57 ? -2.553  7.281   -3.419  1.00 12.16  ? 73  PRO A CG  1 
ATOM   461 C CD  . PRO A 1 57 ? -1.610  8.367   -2.993  1.00 11.87  ? 73  PRO A CD  1 
ATOM   462 N N   . ALA A 1 58 ? -1.090  9.663   -6.493  1.00 11.46  ? 74  ALA A N   1 
ATOM   463 C CA  . ALA A 1 58 ? -0.910  10.468  -7.727  1.00 11.76  ? 74  ALA A CA  1 
ATOM   464 C C   . ALA A 1 58 ? 0.537   10.546  -8.137  1.00 12.64  ? 74  ALA A C   1 
ATOM   465 O O   . ALA A 1 58 ? 0.884   10.453  -9.319  1.00 12.99  ? 74  ALA A O   1 
ATOM   466 C CB  . ALA A 1 58 ? -1.516  11.854  -7.522  1.00 12.98  ? 74  ALA A CB  1 
ATOM   467 N N   . GLN A 1 59 ? 1.441   10.737  -7.183  1.00 12.32  ? 75  GLN A N   1 
ATOM   468 C CA  . GLN A 1 59 ? 2.870   10.773  -7.513  1.00 12.28  ? 75  GLN A CA  1 
ATOM   469 C C   . GLN A 1 59 ? 3.368   9.472   -8.136  1.00 13.20  ? 75  GLN A C   1 
ATOM   470 O O   . GLN A 1 59 ? 4.239   9.500   -8.989  1.00 14.66  ? 75  GLN A O   1 
ATOM   471 C CB  . GLN A 1 59 ? 3.653   11.115  -6.244  1.00 12.94  ? 75  GLN A CB  1 
ATOM   472 C CG  . GLN A 1 59 ? 3.546   12.540  -5.767  1.00 14.64  ? 75  GLN A CG  1 
ATOM   473 C CD  . GLN A 1 59 ? 4.111   12.737  -4.373  1.00 14.99  ? 75  GLN A CD  1 
ATOM   474 O OE1 . GLN A 1 59 ? 4.457   11.768  -3.705  1.00 18.87  ? 75  GLN A OE1 1 
ATOM   475 N NE2 . GLN A 1 59 ? 4.089   13.980  -3.923  1.00 17.88  ? 75  GLN A NE2 1 
ATOM   476 N N   . LEU A 1 60 ? 2.828   8.350   -7.600  1.00 12.40  ? 76  LEU A N   1 
ATOM   477 C CA  . LEU A 1 60 ? 3.213   7.038   -8.122  1.00 13.13  ? 76  LEU A CA  1 
ATOM   478 C C   . LEU A 1 60 ? 2.345   6.594   -9.295  1.00 13.66  ? 76  LEU A C   1 
ATOM   479 O O   . LEU A 1 60 ? 2.495   5.451   -9.774  1.00 15.23  ? 76  LEU A O   1 
ATOM   480 C CB  . LEU A 1 60 ? 3.270   6.030   -7.002  1.00 13.84  ? 76  LEU A CB  1 
ATOM   481 C CG  . LEU A 1 60 ? 4.274   6.311   -5.916  1.00 16.01  ? 76  LEU A CG  1 
ATOM   482 C CD1 . LEU A 1 60 ? 4.327   5.184   -4.893  1.00 16.04  ? 76  LEU A CD1 1 
ATOM   483 C CD2 . LEU A 1 60 ? 5.681   6.559   -6.484  1.00 22.71  ? 76  LEU A CD2 1 
ATOM   484 N N   . GLU A 1 61 ? 1.467   7.440   -9.815  1.00 13.95  ? 77  GLU A N   1 
ATOM   485 C CA  . GLU A 1 61 ? 0.664   7.145   -10.980 1.00 14.60  ? 77  GLU A CA  1 
ATOM   486 C C   . GLU A 1 61 ? -0.206  5.903   -10.801 1.00 15.10  ? 77  GLU A C   1 
ATOM   487 O O   . GLU A 1 61 ? -0.424  5.123   -11.704 1.00 17.30  ? 77  GLU A O   1 
ATOM   488 C CB  . GLU A 1 61 ? 1.578   7.049   -12.216 1.00 16.24  ? 77  GLU A CB  1 
ATOM   489 C CG  . GLU A 1 61 ? 2.188   8.436   -12.470 1.00 17.13  ? 77  GLU A CG  1 
ATOM   490 C CD  . GLU A 1 61 ? 3.222   8.481   -13.533 1.00 17.73  ? 77  GLU A CD  1 
ATOM   491 O OE1 . GLU A 1 61 ? 3.484   9.603   -14.031 1.00 18.43  ? 77  GLU A OE1 1 
ATOM   492 O OE2 . GLU A 1 61 ? 3.831   7.469   -13.898 1.00 21.00  ? 77  GLU A OE2 1 
ATOM   493 N N   . MET A 1 62 ? -0.743  5.788   -9.597  1.00 13.63  ? 78  MET A N   1 
ATOM   494 C CA  . MET A 1 62 ? -1.672  4.707   -9.291  1.00 14.35  ? 78  MET A CA  1 
ATOM   495 C C   . MET A 1 62 ? -3.081  5.066   -9.732  1.00 14.69  ? 78  MET A C   1 
ATOM   496 O O   . MET A 1 62 ? -3.477  6.240   -9.752  1.00 17.72  ? 78  MET A O   1 
ATOM   497 C CB  . MET A 1 62 ? -1.693  4.488   -7.786  1.00 13.83  ? 78  MET A CB  1 
ATOM   498 C CG  . MET A 1 62 ? -0.414  3.932   -7.250  1.00 15.30  ? 78  MET A CG  1 
ATOM   499 S SD  . MET A 1 62 ? -0.501  3.777   -5.450  1.00 15.33  ? 78  MET A SD  1 
ATOM   500 C CE  . MET A 1 62 ? 0.983   2.920   -5.107  1.00 17.00  ? 78  MET A CE  1 
ATOM   501 N N   . GLU A 1 63 ? -3.801  4.009   -10.098 1.00 15.19  ? 79  GLU A N   1 
ATOM   502 C CA  . GLU A 1 63 ? -5.185  4.124   -10.551 1.00 16.57  ? 79  GLU A CA  1 
ATOM   503 C C   . GLU A 1 63 ? -6.082  3.160   -9.767  1.00 14.95  ? 79  GLU A C   1 
ATOM   504 O O   . GLU A 1 63 ? -5.566  2.239   -9.122  1.00 14.58  ? 79  GLU A O   1 
ATOM   505 C CB  . GLU A 1 63 ? -5.334  3.803   -12.058 1.00 18.91  ? 79  GLU A CB  1 
ATOM   506 C CG  . GLU A 1 63 ? -4.508  4.788   -12.837 1.00 24.17  ? 79  GLU A CG  1 
ATOM   507 C CD  . GLU A 1 63 ? -4.650  4.592   -14.320 1.00 33.34  ? 79  GLU A CD  1 
ATOM   508 O OE1 . GLU A 1 63 ? -5.613  3.943   -14.767 1.00 38.78  ? 79  GLU A OE1 1 
ATOM   509 O OE2 . GLU A 1 63 ? -3.777  5.164   -15.007 1.00 43.65  ? 79  GLU A OE2 1 
ATOM   510 N N   . ASP A 1 64 ? -7.360  3.460   -9.804  1.00 16.72  ? 80  ASP A N   1 
ATOM   511 C CA  . ASP A 1 64 ? -8.333  2.580   -9.141  1.00 17.08  ? 80  ASP A CA  1 
ATOM   512 C C   . ASP A 1 64 ? -8.087  1.126   -9.502  1.00 16.31  ? 80  ASP A C   1 
ATOM   513 O O   . ASP A 1 64 ? -7.939  0.781   -10.674 1.00 19.36  ? 80  ASP A O   1 
ATOM   514 C CB  . ASP A 1 64 ? -9.692  3.078   -9.616  1.00 21.84  ? 80  ASP A CB  1 
ATOM   515 C CG  . ASP A 1 64 ? -10.860 2.607   -8.801  1.00 24.23  ? 80  ASP A CG  1 
ATOM   516 O OD1 . ASP A 1 64 ? -10.754 2.814   -7.606  1.00 32.34  ? 80  ASP A OD1 1 
ATOM   517 O OD2 . ASP A 1 64 ? -11.810 2.053   -9.331  1.00 38.99  ? 80  ASP A OD2 1 
ATOM   518 N N   . GLU A 1 65 ? -8.071  0.288   -8.459  1.00 17.51  ? 81  GLU A N   1 
ATOM   519 C CA  . GLU A 1 65 ? -7.927  -1.148  -8.519  1.00 19.44  ? 81  GLU A CA  1 
ATOM   520 C C   . GLU A 1 65 ? -6.500  -1.591  -8.816  1.00 16.92  ? 81  GLU A C   1 
ATOM   521 O O   . GLU A 1 65 ? -6.223  -2.793  -9.002  1.00 19.95  ? 81  GLU A O   1 
ATOM   522 C CB  . GLU A 1 65 ? -8.961  -1.838  -9.447  1.00 25.36  ? 81  GLU A CB  1 
ATOM   523 C CG  . GLU A 1 65 ? -10.407 -1.483  -9.059  1.00 31.28  ? 81  GLU A CG  1 
ATOM   524 C CD  . GLU A 1 65 ? -10.874 -2.072  -7.750  1.00 34.37  ? 81  GLU A CD  1 
ATOM   525 O OE1 . GLU A 1 65 ? -11.974 -1.751  -7.239  1.00 42.38  ? 81  GLU A OE1 1 
ATOM   526 O OE2 . GLU A 1 65 ? -10.172 -2.910  -7.129  1.00 54.79  ? 81  GLU A OE2 1 
ATOM   527 N N   . ASP A 1 66 ? -5.537  -0.674  -8.743  1.00 14.43  ? 82  ASP A N   1 
ATOM   528 C CA  . ASP A 1 66 ? -4.144  -1.114  -8.729  1.00 13.62  ? 82  ASP A CA  1 
ATOM   529 C C   . ASP A 1 66 ? -3.773  -1.882  -7.472  1.00 13.33  ? 82  ASP A C   1 
ATOM   530 O O   . ASP A 1 66 ? -4.415  -1.796  -6.436  1.00 14.00  ? 82  ASP A O   1 
ATOM   531 C CB  . ASP A 1 66 ? -3.160  0.064   -8.905  1.00 14.10  ? 82  ASP A CB  1 
ATOM   532 C CG  . ASP A 1 66 ? -3.026  0.579   -10.331 1.00 16.11  ? 82  ASP A CG  1 
ATOM   533 O OD1 . ASP A 1 66 ? -3.476  -0.154  -11.254 1.00 19.47  ? 82  ASP A OD1 1 
ATOM   534 O OD2 . ASP A 1 66 ? -2.439  1.658   -10.499 1.00 16.15  ? 82  ASP A OD2 1 
ATOM   535 N N   . THR A 1 67 ? -2.647  -2.611  -7.569  1.00 13.69  ? 83  THR A N   1 
ATOM   536 C CA  . THR A 1 67 ? -2.124  -3.448  -6.497  1.00 13.06  ? 83  THR A CA  1 
ATOM   537 C C   . THR A 1 67 ? -0.757  -3.008  -6.012  1.00 12.39  ? 83  THR A C   1 
ATOM   538 O O   . THR A 1 67 ? 0.146   -2.747  -6.800  1.00 15.21  ? 83  THR A O   1 
ATOM   539 C CB  . THR A 1 67 ? -2.008  -4.889  -6.994  1.00 16.00  ? 83  THR A CB  1 
ATOM   540 O OG1 . THR A 1 67 ? -3.331  -5.391  -7.314  1.00 17.83  ? 83  THR A OG1 1 
ATOM   541 C CG2 . THR A 1 67 ? -1.456  -5.820  -5.926  1.00 18.06  ? 83  THR A CG2 1 
ATOM   542 N N   . ILE A 1 68 ? -0.633  -2.890  -4.702  1.00 11.86  ? 84  ILE A N   1 
ATOM   543 C CA  . ILE A 1 68 ? 0.601   -2.731  -3.955  1.00 11.83  ? 84  ILE A CA  1 
ATOM   544 C C   . ILE A 1 68 ? 1.043   -4.091  -3.462  1.00 11.49  ? 84  ILE A C   1 
ATOM   545 O O   . ILE A 1 68 ? 0.242   -4.806  -2.895  1.00 13.00  ? 84  ILE A O   1 
ATOM   546 C CB  . ILE A 1 68 ? 0.389   -1.755  -2.777  1.00 12.11  ? 84  ILE A CB  1 
ATOM   547 C CG1 . ILE A 1 68 ? 0.045   -0.357  -3.294  1.00 13.30  ? 84  ILE A CG1 1 
ATOM   548 C CG2 . ILE A 1 68 ? 1.580   -1.765  -1.836  1.00 13.00  ? 84  ILE A CG2 1 
ATOM   549 C CD1 . ILE A 1 68 ? -0.455  0.596   -2.230  1.00 15.82  ? 84  ILE A CD1 1 
ATOM   550 N N   . ASP A 1 69 ? 2.327   -4.409  -3.645  1.00 12.44  ? 85  ASP A N   1 
ATOM   551 C CA  . ASP A 1 69 ? 2.883   -5.682  -3.208  1.00 12.87  ? 85  ASP A CA  1 
ATOM   552 C C   . ASP A 1 69 ? 3.545   -5.516  -1.864  1.00 13.41  ? 85  ASP A C   1 
ATOM   553 O O   . ASP A 1 69 ? 4.295   -4.546  -1.654  1.00 15.52  ? 85  ASP A O   1 
ATOM   554 C CB  . ASP A 1 69 ? 3.876   -6.166  -4.265  1.00 16.43  ? 85  ASP A CB  1 
ATOM   555 C CG  . ASP A 1 69 ? 3.198   -6.331  -5.619  1.00 17.91  ? 85  ASP A CG  1 
ATOM   556 O OD1 . ASP A 1 69 ? 3.701   -5.719  -6.593  1.00 23.74  ? 85  ASP A OD1 1 
ATOM   557 O OD2 . ASP A 1 69 ? 2.217   -7.062  -5.695  1.00 21.59  ? 85  ASP A OD2 1 
ATOM   558 N N   . VAL A 1 70 ? 3.301   -6.421  -0.927  1.00 13.25  ? 86  VAL A N   1 
ATOM   559 C CA  . VAL A 1 70 ? 3.950   -6.420  0.372   1.00 15.35  ? 86  VAL A CA  1 
ATOM   560 C C   . VAL A 1 70 ? 4.886   -7.628  0.472   1.00 17.93  ? 86  VAL A C   1 
ATOM   561 O O   . VAL A 1 70 ? 4.561   -8.729  0.027   1.00 19.26  ? 86  VAL A O   1 
ATOM   562 C CB  . VAL A 1 70 ? 2.896   -6.259  1.496   1.00 20.48  ? 86  VAL A CB  1 
ATOM   563 C CG1 . VAL A 1 70 ? 1.859   -7.324  1.567   1.00 22.39  ? 86  VAL A CG1 1 
ATOM   564 C CG2 . VAL A 1 70 ? 3.618   -6.120  2.832   1.00 30.85  ? 86  VAL A CG2 1 
ATOM   565 N N   . PHE A 1 71 ? 6.070   -7.359  1.008   1.00 19.25  ? 87  PHE A N   1 
ATOM   566 C CA  . PHE A 1 71 ? 7.128   -8.348  1.220   1.00 22.37  ? 87  PHE A CA  1 
ATOM   567 C C   . PHE A 1 71 ? 7.645   -8.300  2.629   1.00 26.81  ? 87  PHE A C   1 
ATOM   568 O O   . PHE A 1 71 ? 7.585   -7.296  3.338   1.00 24.23  ? 87  PHE A O   1 
ATOM   569 C CB  . PHE A 1 71 ? 8.309   -8.005  0.284   1.00 24.16  ? 87  PHE A CB  1 
ATOM   570 C CG  . PHE A 1 71 ? 7.866   -8.006  -1.160  1.00 23.46  ? 87  PHE A CG  1 
ATOM   571 C CD1 . PHE A 1 71 ? 7.514   -6.825  -1.796  1.00 24.45  ? 87  PHE A CD1 1 
ATOM   572 C CD2 . PHE A 1 71 ? 7.781   -9.200  -1.860  1.00 23.86  ? 87  PHE A CD2 1 
ATOM   573 C CE1 . PHE A 1 71 ? 7.106   -6.825  -3.121  1.00 28.30  ? 87  PHE A CE1 1 
ATOM   574 C CE2 . PHE A 1 71 ? 7.369   -9.184  -3.166  1.00 29.12  ? 87  PHE A CE2 1 
ATOM   575 C CZ  . PHE A 1 71 ? 7.008   -8.025  -3.829  1.00 29.98  ? 87  PHE A CZ  1 
ATOM   576 N N   . GLN A 1 72 ? 8.228   -9.410  3.035   1.00 34.55  ? 88  GLN A N   1 
ATOM   577 C CA  . GLN A 1 72 ? 8.976   -9.504  4.284   1.00 46.46  ? 88  GLN A CA  1 
ATOM   578 C C   . GLN A 1 72 ? 10.345  -8.844  4.235   1.00 50.91  ? 88  GLN A C   1 
ATOM   579 O O   . GLN A 1 72 ? 10.808  -8.432  5.314   1.00 60.47  ? 88  GLN A O   1 
ATOM   580 C CB  . GLN A 1 72 ? 9.189   -10.986 4.643   1.00 55.98  ? 88  GLN A CB  1 
ATOM   581 C CG  . GLN A 1 72 ? 9.241   -11.246 6.134   1.00 62.74  ? 88  GLN A CG  1 
ATOM   582 C CD  . GLN A 1 72 ? 10.623  -11.402 6.731   1.00 62.94  ? 88  GLN A CD  1 
ATOM   583 O OE1 . GLN A 1 72 ? 11.445  -10.478 6.720   1.00 73.21  ? 88  GLN A OE1 1 
ATOM   584 N NE2 . GLN A 1 72 ? 10.896  -12.583 7.268   1.00 69.14  ? 88  GLN A NE2 1 
HETATM 585 O O   . HOH B 2 .  ? -15.300 -5.215  -9.563  0.33 46.67  ? 201 HOH A O   1 
HETATM 586 O O   . HOH B 2 .  ? -9.527  -8.793  6.075   0.33 36.85  ? 202 HOH A O   1 
HETATM 587 O O   . HOH B 2 .  ? -11.839 -7.360  -0.189  0.33 38.88  ? 203 HOH A O   1 
HETATM 588 O O   . HOH B 2 .  ? -10.434 -8.231  3.617   0.33 22.83  ? 204 HOH A O   1 
HETATM 589 O O   . HOH B 2 .  ? -8.997  -9.122  7.511   0.33 34.93  ? 205 HOH A O   1 
HETATM 590 O O   . HOH B 2 .  ? -8.209  5.833   -11.149 1.00 31.70  ? 206 HOH A O   1 
HETATM 591 O O   . HOH B 2 .  ? -4.490  -4.649  -9.633  1.00 26.34  ? 207 HOH A O   1 
HETATM 592 O O   . HOH B 2 .  ? -2.334  -8.766  1.931   1.00 17.35  ? 208 HOH A O   1 
HETATM 593 O O   . HOH B 2 .  ? 3.815   -10.783 1.780   1.00 27.90  ? 209 HOH A O   1 
HETATM 594 O O   . HOH B 2 .  ? 2.710   -3.396  -7.654  1.00 20.98  ? 210 HOH A O   1 
HETATM 595 O O   . HOH B 2 .  ? 2.372   -13.343 2.916   1.00 33.28  ? 211 HOH A O   1 
HETATM 596 O O   . HOH B 2 .  ? -7.140  -11.767 2.266   1.00 20.99  ? 212 HOH A O   1 
HETATM 597 O O   . HOH B 2 .  ? -9.515  -9.627  1.616   1.00 29.05  ? 213 HOH A O   1 
HETATM 598 O O   . HOH B 2 .  ? -7.734  6.471   3.206   1.00 24.16  ? 214 HOH A O   1 
HETATM 599 O O   . HOH B 2 .  ? -7.761  8.963   1.817   1.00 18.87  ? 215 HOH A O   1 
HETATM 600 O O   . HOH B 2 .  ? -6.665  13.985  -2.936  1.00 25.72  ? 216 HOH A O   1 
HETATM 601 O O   . HOH B 2 .  ? 0.196   14.787  0.574   1.00 28.80  ? 217 HOH A O   1 
HETATM 602 O O   . HOH B 2 .  ? 0.041   14.058  -4.875  1.00 16.56  ? 218 HOH A O   1 
HETATM 603 O O   . HOH B 2 .  ? -5.599  7.098   9.132   1.00 22.13  ? 219 HOH A O   1 
HETATM 604 O O   . HOH B 2 .  ? -3.567  5.130   8.929   1.00 26.09  ? 220 HOH A O   1 
HETATM 605 O O   . HOH B 2 .  ? 3.553   7.680   1.629   1.00 23.24  ? 221 HOH A O   1 
HETATM 606 O O   . HOH B 2 .  ? 7.696   0.245   2.365   1.00 31.82  ? 222 HOH A O   1 
HETATM 607 O O   . HOH B 2 .  ? 6.206   -4.401  -6.804  1.00 31.24  ? 223 HOH A O   1 
HETATM 608 O O   . HOH B 2 .  ? -1.405  -2.790  -10.197 1.00 26.06  ? 224 HOH A O   1 
HETATM 609 O O   . HOH B 2 .  ? 4.758   4.306   -10.523 1.00 26.95  ? 225 HOH A O   1 
HETATM 610 O O   . HOH B 2 .  ? -5.950  -0.542  -12.132 1.00 28.18  ? 226 HOH A O   1 
HETATM 611 O O   . HOH B 2 .  ? 1.631   3.496   -13.095 1.00 24.46  ? 227 HOH A O   1 
HETATM 612 O O   . HOH B 2 .  ? 4.472   14.217  -0.930  1.00 27.32  ? 228 HOH A O   1 
HETATM 613 O O   . HOH B 2 .  ? 7.034   10.698  -5.186  1.00 25.70  ? 229 HOH A O   1 
HETATM 614 O O   . HOH B 2 .  ? -0.835  10.718  -11.446 1.00 28.07  ? 230 HOH A O   1 
HETATM 615 O O   . HOH B 2 .  ? -3.847  -8.067  -6.560  1.00 27.35  ? 231 HOH A O   1 
HETATM 616 O O   . HOH B 2 .  ? -6.291  -8.864  -7.455  1.00 35.96  ? 232 HOH A O   1 
HETATM 617 O O   . HOH B 2 .  ? -5.977  14.294  -0.160  1.00 32.62  ? 233 HOH A O   1 
HETATM 618 O O   . HOH B 2 .  ? -8.347  15.458  1.231   1.00 27.22  ? 234 HOH A O   1 
HETATM 619 O O   . HOH B 2 .  ? -10.656 9.819   3.677   1.00 28.46  ? 235 HOH A O   1 
HETATM 620 O O   . HOH B 2 .  ? -2.526  8.456   -11.095 1.00 35.50  ? 236 HOH A O   1 
HETATM 621 O O   . HOH B 2 .  ? -5.796  7.767   -9.993  1.00 35.70  ? 237 HOH A O   1 
HETATM 622 O O   . HOH B 2 .  ? -1.671  6.219   -14.064 1.00 29.95  ? 238 HOH A O   1 
HETATM 623 O O   . HOH B 2 .  ? 4.678   2.612   -12.245 1.00 39.71  ? 239 HOH A O   1 
HETATM 624 O O   . HOH B 2 .  ? 5.676   6.880   -11.756 1.00 44.40  ? 240 HOH A O   1 
HETATM 625 O O   . HOH B 2 .  ? 3.598   -9.604  -2.518  1.00 24.01  ? 241 HOH A O   1 
HETATM 626 O O   . HOH B 2 .  ? 2.214   -9.247  -4.220  1.00 38.78  ? 242 HOH A O   1 
HETATM 627 O O   . HOH B 2 .  ? 6.424   -11.751 2.272   1.00 39.53  ? 243 HOH A O   1 
HETATM 628 O O   . HOH B 2 .  ? 0.822   -15.343 -4.342  1.00 29.26  ? 244 HOH A O   1 
HETATM 629 O O   . HOH B 2 .  ? -3.238  -18.038 -2.255  1.00 24.29  ? 245 HOH A O   1 
HETATM 630 O O   . HOH B 2 .  ? -1.098  17.275  -1.268  1.00 39.74  ? 246 HOH A O   1 
HETATM 631 O O   . HOH B 2 .  ? 0.864   16.042  -2.958  1.00 38.43  ? 247 HOH A O   1 
HETATM 632 O O   . HOH B 2 .  ? -3.721  3.888   11.304  1.00 35.53  ? 248 HOH A O   1 
HETATM 633 O O   . HOH B 2 .  ? 0.541   0.676   12.168  1.00 36.51  ? 249 HOH A O   1 
HETATM 634 O O   . HOH B 2 .  ? 4.573   -1.013  12.332  1.00 41.76  ? 250 HOH A O   1 
HETATM 635 O O   . HOH B 2 .  ? -2.130  -10.877 8.986   1.00 36.72  ? 251 HOH A O   1 
HETATM 636 O O   . HOH B 2 .  ? 0.559   -3.998  14.099  1.00 45.34  ? 252 HOH A O   1 
HETATM 637 O O   . HOH B 2 .  ? 0.784   -1.221  13.906  1.00 40.22  ? 253 HOH A O   1 
HETATM 638 O O   . HOH B 2 .  ? 9.772   -0.644  0.071   1.00 37.80  ? 254 HOH A O   1 
HETATM 639 O O   . HOH B 2 .  ? 9.027   5.848   -4.358  1.00 31.55  ? 255 HOH A O   1 
HETATM 640 O O   . HOH B 2 .  ? 9.334   6.424   -6.992  1.00 37.30  ? 256 HOH A O   1 
HETATM 641 O O   . HOH B 2 .  ? 8.865   10.135  2.010   1.00 39.90  ? 257 HOH A O   1 
HETATM 642 O O   . HOH B 2 .  ? 1.224   -3.943  -9.954  1.00 41.28  ? 258 HOH A O   1 
HETATM 643 O O   . HOH B 2 .  ? 3.911   4.399   12.402  1.00 49.93  ? 259 HOH A O   1 
HETATM 644 O O   . HOH B 2 .  ? -12.303 5.708   4.225   1.00 40.43  ? 260 HOH A O   1 
HETATM 645 O O   . HOH B 2 .  ? 1.912   -9.633  4.183   1.00 32.98  ? 261 HOH A O   1 
HETATM 646 O O   . HOH B 2 .  ? 9.712   -11.208 1.045   1.00 38.47  ? 262 HOH A O   1 
HETATM 647 O O   . HOH B 2 .  ? 10.423  7.829   3.669   1.00 54.15  ? 263 HOH A O   1 
HETATM 648 O O   . HOH B 2 .  ? -2.106  -4.696  15.262  1.00 45.86  ? 264 HOH A O   1 
HETATM 649 O O   . HOH B 2 .  ? -5.843  1.280   11.589  1.00 35.43  ? 265 HOH A O   1 
HETATM 650 O O   . HOH B 2 .  ? -4.570  -10.845 9.211   1.00 42.37  ? 266 HOH A O   1 
HETATM 651 O O   . HOH B 2 .  ? 3.380   -0.750  -15.132 1.00 59.04  ? 267 HOH A O   1 
HETATM 652 O O   . HOH B 2 .  ? -8.699  11.501  -4.847  1.00 43.40  ? 268 HOH A O   1 
HETATM 653 O O   . HOH B 2 .  ? -13.331 0.150   -8.305  1.00 38.79  ? 269 HOH A O   1 
HETATM 654 O O   . HOH B 2 .  ? 2.794   13.860  0.089   1.00 34.51  ? 270 HOH A O   1 
HETATM 655 O O   . HOH B 2 .  ? 4.076   4.336   7.128   1.00 39.05  ? 271 HOH A O   1 
HETATM 656 O O   . HOH B 2 .  ? 5.972   4.758   6.149   1.00 57.45  ? 272 HOH A O   1 
HETATM 657 O O   . HOH B 2 .  ? 10.378  4.042   4.055   1.00 51.52  ? 273 HOH A O   1 
HETATM 658 O O   . HOH B 2 .  ? -1.736  3.312   12.893  1.00 43.07  ? 274 HOH A O   1 
HETATM 659 O O   . HOH B 2 .  ? -10.649 10.401  -4.209  1.00 35.00  ? 275 HOH A O   1 
HETATM 660 O O   . HOH B 2 .  ? -13.747 -2.294  -5.066  1.00 51.69  ? 276 HOH A O   1 
HETATM 661 O O   . HOH B 2 .  ? -1.882  -7.442  -9.486  1.00 50.14  ? 277 HOH A O   1 
HETATM 662 O O   . HOH B 2 .  ? -9.381  13.630  -4.198  1.00 43.22  ? 278 HOH A O   1 
HETATM 663 O O   . HOH B 2 .  ? 7.719   2.549   -13.440 1.00 53.63  ? 279 HOH A O   1 
HETATM 664 O O   . HOH B 2 .  ? -12.491 10.639  -7.661  1.00 66.81  ? 280 HOH A O   1 
HETATM 665 O O   . HOH B 2 .  ? 6.812   6.118   -10.761 1.00 34.90  ? 281 HOH A O   1 
HETATM 666 O O   . HOH B 2 .  ? 9.846   9.081   -2.864  1.00 40.71  ? 282 HOH A O   1 
HETATM 667 O O   . HOH B 2 .  ? -9.213  6.821   3.193   1.00 35.57  ? 283 HOH A O   1 
HETATM 668 O O   . HOH B 2 .  ? -7.642  -5.026  -10.691 1.00 52.35  ? 284 HOH A O   1 
HETATM 669 O O   . HOH B 2 .  ? 3.825   -6.168  -16.148 1.00 65.25  ? 285 HOH A O   1 
HETATM 670 O O   . HOH B 2 .  ? 7.349   -0.422  13.315  1.00 45.55  ? 286 HOH A O   1 
HETATM 671 O O   . HOH B 2 .  ? 9.071   1.173   12.701  1.00 38.74  ? 287 HOH A O   1 
HETATM 672 O O   . HOH B 2 .  ? 10.994  -5.043  -1.120  1.00 57.73  ? 288 HOH A O   1 
HETATM 673 O O   . HOH B 2 .  ? -9.868  9.918   -8.275  1.00 53.53  ? 289 HOH A O   1 
HETATM 674 O O   . HOH B 2 .  ? -15.305 6.965   -1.368  1.00 47.59  ? 290 HOH A O   1 
HETATM 675 O O   . HOH B 2 .  ? -14.246 15.332  4.361   1.00 55.55  ? 291 HOH A O   1 
HETATM 676 O O   . HOH B 2 .  ? -11.428 -0.490  -1.915  1.00 39.30  ? 292 HOH A O   1 
HETATM 677 O O   . HOH B 2 .  ? -1.588  -11.551 -3.431  1.00 37.11  ? 293 HOH A O   1 
HETATM 678 O O   . HOH B 2 .  ? 4.103   -15.643 2.745   1.00 41.95  ? 294 HOH A O   1 
HETATM 679 O O   . HOH B 2 .  ? -7.635  -5.449  6.767   1.00 53.29  ? 295 HOH A O   1 
HETATM 680 O O   . HOH B 2 .  ? -3.565  2.077   12.282  1.00 46.30  ? 296 HOH A O   1 
HETATM 681 O O   . HOH B 2 .  ? 1.001   -8.036  -12.511 1.00 75.46  ? 297 HOH A O   1 
HETATM 682 O O   . HOH B 2 .  ? 7.008   -3.683  -13.918 1.00 58.60  ? 298 HOH A O   1 
HETATM 683 O O   . HOH B 2 .  ? 10.647  10.223  -0.397  1.00 47.66  ? 299 HOH A O   1 
HETATM 684 O O   . HOH B 2 .  ? 5.528   10.036  8.487   1.00 37.56  ? 300 HOH A O   1 
HETATM 685 O O   . HOH B 2 .  ? 13.481  -0.659  1.867   1.00 59.25  ? 301 HOH A O   1 
HETATM 686 O O   . HOH B 2 .  ? 15.459  -4.197  4.768   1.00 62.53  ? 302 HOH A O   1 
HETATM 687 O O   . HOH B 2 .  ? -2.481  17.876  -1.404  1.00 48.62  ? 303 HOH A O   1 
HETATM 688 O O   . HOH B 2 .  ? 12.499  -4.627  1.919   1.00 103.59 ? 304 HOH A O   1 
HETATM 689 O O   . HOH B 2 .  ? 3.294   -12.067 12.561  1.00 61.12  ? 305 HOH A O   1 
HETATM 690 O O   . HOH B 2 .  ? -10.845 14.097  4.388   1.00 42.72  ? 306 HOH A O   1 
HETATM 691 O O   . HOH B 2 .  ? 1.393   1.120   -13.214 1.00 41.47  ? 307 HOH A O   1 
HETATM 692 O O   . HOH B 2 .  ? 1.360   -10.900 -5.881  1.00 46.25  ? 308 HOH A O   1 
HETATM 693 O O   . HOH B 2 .  ? 5.161   -6.466  15.890  1.00 44.40  ? 309 HOH A O   1 
HETATM 694 O O   . HOH B 2 .  ? -12.621 5.039   -7.232  1.00 61.23  ? 310 HOH A O   1 
HETATM 695 O O   . HOH B 2 .  ? -3.527  -4.279  -13.164 1.00 81.43  ? 311 HOH A O   1 
HETATM 696 O O   . HOH B 2 .  ? 12.934  7.249   -1.229  1.00 54.66  ? 312 HOH A O   1 
HETATM 697 O O   . HOH B 2 .  ? -8.927  1.589   -13.127 1.00 48.52  ? 313 HOH A O   1 
HETATM 698 O O   . HOH B 2 .  ? -11.536 8.842   -12.293 1.00 63.48  ? 314 HOH A O   1 
HETATM 699 O O   . HOH B 2 .  ? -6.884  16.948  -2.964  1.00 62.38  ? 315 HOH A O   1 
HETATM 700 O O   . HOH B 2 .  ? -16.364 7.827   1.108   1.00 69.84  ? 316 HOH A O   1 
HETATM 701 O O   . HOH B 2 .  ? -18.597 12.309  -6.861  1.00 57.15  ? 317 HOH A O   1 
HETATM 702 O O   . HOH B 2 .  ? 0.200   -6.172  -10.161 1.00 50.88  ? 318 HOH A O   1 
HETATM 703 O O   . HOH B 2 .  ? 4.465   -6.968  -8.706  1.00 54.50  ? 319 HOH A O   1 
HETATM 704 O O   . HOH B 2 .  ? 11.957  -8.631  7.424   1.00 54.33  ? 320 HOH A O   1 
HETATM 705 O O   . HOH B 2 .  ? 10.387  -3.334  -11.845 1.00 56.29  ? 321 HOH A O   1 
HETATM 706 O O   . HOH B 2 .  ? 8.816   -2.112  -13.073 1.00 60.46  ? 322 HOH A O   1 
HETATM 707 O O   . HOH B 2 .  ? -13.770 14.412  2.154   1.00 61.53  ? 323 HOH A O   1 
HETATM 708 O O   . HOH B 2 .  ? 8.742   -11.273 -12.951 1.00 70.95  ? 324 HOH A O   1 
HETATM 709 O O   . HOH B 2 .  ? -5.737  -3.912  16.940  1.00 92.89  ? 325 HOH A O   1 
HETATM 710 O O   . HOH B 2 .  ? 0.788   -8.008  -7.707  1.00 49.27  ? 326 HOH A O   1 
HETATM 711 O O   . HOH B 2 .  ? -11.277 -6.895  -5.396  1.00 86.50  ? 327 HOH A O   1 
# 
loop_
_atom_site_anisotrop.id 
_atom_site_anisotrop.type_symbol 
_atom_site_anisotrop.pdbx_label_atom_id 
_atom_site_anisotrop.pdbx_label_alt_id 
_atom_site_anisotrop.pdbx_label_comp_id 
_atom_site_anisotrop.pdbx_label_asym_id 
_atom_site_anisotrop.pdbx_label_seq_id 
_atom_site_anisotrop.pdbx_PDB_ins_code 
_atom_site_anisotrop.U[1][1] 
_atom_site_anisotrop.U[2][2] 
_atom_site_anisotrop.U[3][3] 
_atom_site_anisotrop.U[1][2] 
_atom_site_anisotrop.U[1][3] 
_atom_site_anisotrop.U[2][3] 
_atom_site_anisotrop.pdbx_auth_seq_id 
_atom_site_anisotrop.pdbx_auth_comp_id 
_atom_site_anisotrop.pdbx_auth_asym_id 
_atom_site_anisotrop.pdbx_auth_atom_id 
1   N N   . HIS A 1  ? 0.3719 0.3761 0.3659 0.1123  -0.1009 -0.0412 17  HIS A N   
2   C CA  . HIS A 1  ? 0.2449 0.2520 0.3243 -0.0041 -0.0544 -0.0243 17  HIS A CA  
3   C C   . HIS A 1  ? 0.2799 0.2688 0.2878 0.0022  -0.0828 -0.0215 17  HIS A C   
4   O O   . HIS A 1  ? 0.3288 0.4416 0.3677 0.0187  -0.1417 -0.0793 17  HIS A O   
5   C CB  . HIS A 1  ? 0.2509 0.2820 0.3652 -0.0154 0.0219  -0.0425 17  HIS A CB  
6   C CG  . HIS A 1  ? 0.1795 0.2459 0.3792 -0.0428 0.0372  -0.0514 17  HIS A CG  
7   N ND1 . HIS A 1  ? 0.2298 0.3932 0.4766 0.0536  -0.0159 -0.1269 17  HIS A ND1 
8   C CD2 . HIS A 1  ? 0.1691 0.2538 0.4011 -0.0555 0.0317  -0.0774 17  HIS A CD2 
9   C CE1 . HIS A 1  ? 0.2712 0.3212 0.4339 0.0531  0.0358  -0.0828 17  HIS A CE1 
10  N NE2 . HIS A 1  ? 0.2101 0.3061 0.3448 -0.0392 0.0688  -0.0374 17  HIS A NE2 
11  N N   . ILE A 2  ? 0.2901 0.1843 0.2646 -0.0090 -0.0407 0.0378  18  ILE A N   
12  C CA  . ILE A 2  ? 0.2853 0.1972 0.2269 -0.0209 -0.0430 0.0440  18  ILE A CA  
13  C C   . ILE A 2  ? 0.2529 0.1786 0.1857 -0.0016 -0.0372 0.0102  18  ILE A C   
14  O O   . ILE A 2  ? 0.3505 0.1908 0.1730 -0.0602 -0.0412 0.0213  18  ILE A O   
15  C CB  . ILE A 2  ? 0.3111 0.2254 0.2319 -0.0700 -0.0322 0.0232  18  ILE A CB  
16  C CG1 . ILE A 2  ? 0.2879 0.1833 0.2325 -0.0643 -0.0130 0.0539  18  ILE A CG1 
17  C CG2 . ILE A 2  ? 0.3459 0.3178 0.2715 -0.1259 -0.0892 0.1030  18  ILE A CG2 
18  C CD1 . ILE A 2  ? 0.3230 0.5072 0.2419 -0.0319 0.0185  0.0881  18  ILE A CD1 
19  N N   . ASN A 3  ? 0.2094 0.1847 0.1934 0.0033  -0.0182 -0.0055 19  ASN A N   
20  C CA  . ASN A 3  ? 0.1808 0.1670 0.1971 -0.0023 -0.0129 -0.0253 19  ASN A CA  
21  C C   . ASN A 3  ? 0.1776 0.2016 0.1843 0.0068  -0.0014 -0.0002 19  ASN A C   
22  O O   . ASN A 3  ? 0.2084 0.3049 0.1717 0.0228  0.0030  -0.0085 19  ASN A O   
23  C CB  . ASN A 3  ? 0.1681 0.2337 0.2711 -0.0326 -0.0011 -0.0213 19  ASN A CB  
24  C CG  . ASN A 3  ? 0.1794 0.3482 0.2804 0.0092  0.0284  0.0342  19  ASN A CG  
25  O OD1 . ASN A 3  ? 0.2321 0.4828 0.2797 0.0054  0.0278  -0.0573 19  ASN A OD1 
26  N ND2 . ASN A 3  ? 0.3081 0.5650 0.3324 0.1575  0.0022  0.0774  19  ASN A ND2 
27  N N   . LEU A 4  ? 0.1507 0.1766 0.1831 -0.0057 0.0258  0.0230  20  LEU A N   
28  C CA  . LEU A 4  ? 0.1592 0.1849 0.1622 0.0033  0.0337  0.0106  20  LEU A CA  
29  C C   . LEU A 4  ? 0.1541 0.1960 0.1681 0.0135  0.0326  0.0194  20  LEU A C   
30  O O   . LEU A 4  ? 0.2349 0.2148 0.2164 0.0388  0.0954  0.0467  20  LEU A O   
31  C CB  . LEU A 4  ? 0.1587 0.1965 0.1694 0.0139  0.0205  -0.0019 20  LEU A CB  
32  C CG  . LEU A 4  ? 0.1865 0.2003 0.1651 -0.0168 0.0151  -0.0104 20  LEU A CG  
33  C CD1 . LEU A 4  ? 0.1637 0.2255 0.2226 -0.0125 0.0094  -0.0360 20  LEU A CD1 
34  C CD2 . LEU A 4  ? 0.2584 0.2415 0.1785 -0.0468 0.0606  -0.0125 20  LEU A CD2 
35  N N   . LYS A 5  ? 0.1506 0.1935 0.1741 0.0171  0.0342  0.0245  21  LYS A N   
36  C CA  . LYS A 5  ? 0.1553 0.1975 0.1936 0.0145  0.0184  0.0366  21  LYS A CA  
37  C C   . LYS A 5  ? 0.1445 0.1889 0.1531 0.0232  0.0397  0.0029  21  LYS A C   
38  O O   . LYS A 5  ? 0.1626 0.2378 0.1903 0.0103  0.0523  0.0550  21  LYS A O   
39  C CB  . LYS A 5  ? 0.1654 0.1895 0.2570 -0.0209 0.0016  0.0153  21  LYS A CB  
40  C CG  . LYS A 5  ? 0.1954 0.2842 0.3297 -0.0280 -0.0449 -0.0015 21  LYS A CG  
41  C CD  . LYS A 5  ? 0.3574 0.2915 0.4066 -0.0555 -0.1352 -0.0325 21  LYS A CD  
42  C CE  . LYS A 5  ? 0.3680 0.8746 0.5481 -0.1014 -0.2091 -0.1469 21  LYS A CE  
43  N NZ  . LYS A 5  ? 0.5067 1.2804 0.9042 -0.4085 -0.2786 0.0151  21  LYS A NZ  
44  N N   . VAL A 6  ? 0.1382 0.1336 0.1579 0.0044  0.0377  0.0010  22  VAL A N   
45  C CA  . VAL A 6  ? 0.1490 0.1094 0.1660 -0.0091 0.0119  -0.0121 22  VAL A CA  
46  C C   . VAL A 6  ? 0.1249 0.1075 0.1858 -0.0174 0.0078  -0.0102 22  VAL A C   
47  O O   . VAL A 6  ? 0.1469 0.1233 0.1998 -0.0162 0.0214  -0.0031 22  VAL A O   
48  C CB  . VAL A 6  ? 0.1874 0.1368 0.1741 -0.0432 0.0284  -0.0334 22  VAL A CB  
49  C CG1 . VAL A 6  ? 0.2021 0.2615 0.1876 -0.0949 -0.0220 0.0017  22  VAL A CG1 
50  C CG2 . VAL A 6  ? 0.3574 0.1228 0.2184 -0.0718 0.0968  -0.0456 22  VAL A CG2 
51  N N   . ALA A 7  ? 0.1337 0.1051 0.2158 -0.0019 0.0146  -0.0152 23  ALA A N   
52  C CA  . ALA A 7  ? 0.1492 0.1088 0.2596 -0.0004 0.0170  -0.0204 23  ALA A CA  
53  C C   . ALA A 7  ? 0.1505 0.0986 0.2460 -0.0098 0.0131  -0.0127 23  ALA A C   
54  O O   . ALA A 7  ? 0.1420 0.1297 0.2518 -0.0134 0.0165  -0.0032 23  ALA A O   
55  C CB  . ALA A 7  ? 0.2046 0.1646 0.2585 0.0074  -0.0271 -0.0626 23  ALA A CB  
56  N N   . GLY A 8  ? 0.1626 0.1376 0.2626 -0.0285 -0.0014 0.0107  24  GLY A N   
57  C CA  . GLY A 8  ? 0.1813 0.1405 0.2579 -0.0190 -0.0185 0.0107  24  GLY A CA  
58  C C   . GLY A 8  ? 0.1485 0.1550 0.2692 -0.0199 0.0056  0.0109  24  GLY A C   
59  O O   . GLY A 8  ? 0.1445 0.1746 0.2688 0.0089  0.0114  -0.0097 24  GLY A O   
60  N N   . GLN A 9  ? 0.1682 0.1728 0.2948 -0.0059 -0.0185 0.0116  25  GLN A N   
61  C CA  . GLN A 9  ? 0.1544 0.2027 0.3336 -0.0015 0.0222  0.0000  25  GLN A CA  
62  C C   . GLN A 9  ? 0.1677 0.1829 0.2836 -0.0017 -0.0056 -0.0068 25  GLN A C   
63  O O   . GLN A 9  ? 0.1916 0.2049 0.3178 0.0145  0.0305  -0.0266 25  GLN A O   
64  C CB  . GLN A 9  ? 0.1447 0.2356 0.4556 -0.0006 0.0156  0.0747  25  GLN A CB  
65  C CG  . GLN A 9  ? 0.1717 0.2643 0.7359 -0.0219 0.0333  0.1415  25  GLN A CG  
66  C CD  . GLN A 9  ? 0.1719 0.2299 0.6317 -0.0351 0.0279  0.0335  25  GLN A CD  
67  O OE1 . GLN A 9  ? 0.3083 0.4478 0.6064 -0.0239 -0.0165 0.0880  25  GLN A OE1 
68  N NE2 . GLN A 9  ? 0.2855 0.3808 0.5916 0.0964  0.0987  0.1879  25  GLN A NE2 
69  N N   . ASP A 10 ? 0.1697 0.1380 0.2819 0.0038  -0.0094 0.0022  26  ASP A N   
70  C CA  . ASP A 10 ? 0.1767 0.1288 0.2879 0.0061  -0.0110 0.0042  26  ASP A CA  
71  C C   . ASP A 10 ? 0.1741 0.1346 0.2544 0.0029  0.0031  -0.0230 26  ASP A C   
72  O O   . ASP A 10 ? 0.2146 0.1521 0.2675 -0.0289 -0.0055 -0.0297 26  ASP A O   
73  C CB  . ASP A 10 ? 0.2092 0.1988 0.2813 -0.0060 -0.0268 0.0327  26  ASP A CB  
74  C CG  . ASP A 10 ? 0.1784 0.2100 0.2439 -0.0358 -0.0166 -0.0036 26  ASP A CG  
75  O OD1 . ASP A 10 ? 0.3218 0.2589 0.2491 -0.0429 0.0064  0.0025  26  ASP A OD1 
76  O OD2 . ASP A 10 ? 0.1828 0.2095 0.2421 0.0118  -0.0108 -0.0114 26  ASP A OD2 
77  N N   . GLY A 11 ? 0.1459 0.1499 0.2363 0.0176  0.0173  -0.0213 27  GLY A N   
78  C CA  . GLY A 11 ? 0.1449 0.2052 0.2172 0.0224  0.0157  -0.0483 27  GLY A CA  
79  C C   . GLY A 11 ? 0.1339 0.1419 0.1947 -0.0046 0.0297  -0.0264 27  GLY A C   
80  O O   . GLY A 11 ? 0.1363 0.1642 0.1976 0.0021  0.0243  -0.0359 27  GLY A O   
81  N N   . SER A 12 ? 0.1416 0.1235 0.2075 0.0030  0.0109  -0.0308 28  SER A N   
82  C CA  . SER A 12 ? 0.1593 0.1315 0.2253 -0.0097 0.0427  -0.0499 28  SER A CA  
83  C C   . SER A 12 ? 0.1201 0.1216 0.2886 -0.0156 0.0201  -0.0514 28  SER A C   
84  O O   . SER A 12 ? 0.1413 0.1427 0.3132 -0.0200 0.0258  -0.0193 28  SER A O   
85  C CB  . SER A 12 ? 0.2271 0.1995 0.2308 -0.0075 0.0330  -0.0893 28  SER A CB  
86  O OG  . SER A 12 ? 0.2498 0.2105 0.3471 -0.0031 -0.0419 -0.0667 28  SER A OG  
87  N N   . VAL A 13 ? 0.1284 0.1151 0.2716 -0.0222 0.0399  -0.0487 29  VAL A N   
88  C CA  . VAL A 13 ? 0.1357 0.1062 0.3280 -0.0067 0.0475  -0.0528 29  VAL A CA  
89  C C   . VAL A 13 ? 0.1491 0.1265 0.3718 -0.0294 0.0879  -0.0642 29  VAL A C   
90  O O   . VAL A 13 ? 0.1663 0.1886 0.5429 -0.0599 0.1485  -0.1534 29  VAL A O   
91  C CB  . VAL A 13 ? 0.1742 0.1214 0.3279 -0.0035 0.0267  -0.0188 29  VAL A CB  
92  C CG1 . VAL A 13 ? 0.2565 0.1496 0.5060 0.0302  -0.0604 0.0051  29  VAL A CG1 
93  C CG2 . VAL A 13 ? 0.1891 0.1770 0.2608 0.0070  0.0339  0.0256  29  VAL A CG2 
94  N N   . VAL A 14 ? 0.1504 0.1047 0.3005 -0.0140 0.0641  -0.0334 30  VAL A N   
95  C CA  . VAL A 14 ? 0.2407 0.1028 0.2935 0.0168  0.0990  -0.0075 30  VAL A CA  
96  C C   . VAL A 14 ? 0.1747 0.1214 0.2106 0.0097  0.0785  -0.0126 30  VAL A C   
97  O O   . VAL A 14 ? 0.2039 0.1616 0.2964 0.0411  0.1257  0.0405  30  VAL A O   
98  C CB  . VAL A 14 ? 0.4688 0.1877 0.2126 0.0808  0.0740  0.0473  30  VAL A CB  
99  C CG1 . VAL A 14 ? 0.4464 0.2154 0.3014 -0.0154 0.0959  -0.0385 30  VAL A CG1 
100 C CG2 . VAL A 14 ? 0.5593 0.1372 0.3300 -0.0346 0.0100  0.0585  30  VAL A CG2 
101 N N   . GLN A 15 ? 0.1575 0.1162 0.2419 -0.0088 0.0752  -0.0162 31  GLN A N   
102 C CA  . GLN A 15 ? 0.1657 0.1249 0.2257 0.0067  0.0576  -0.0354 31  GLN A CA  
103 C C   . GLN A 15 ? 0.1117 0.1192 0.1829 -0.0058 0.0312  -0.0101 31  GLN A C   
104 O O   . GLN A 15 ? 0.1273 0.1282 0.1823 -0.0061 0.0451  -0.0069 31  GLN A O   
105 C CB  . GLN A 15 ? 0.2030 0.1731 0.3059 0.0013  -0.0097 -0.0831 31  GLN A CB  
106 C CG  . GLN A 15 ? 0.4089 0.3535 0.4190 -0.1164 -0.0048 -0.2072 31  GLN A CG  
107 C CD  . GLN A 15 ? 0.3790 1.2353 0.3985 0.0213  -0.1157 -0.2562 31  GLN A CD  
108 O OE1 . GLN A 15 ? 0.2835 1.5810 0.6026 0.0455  -0.1446 -0.2093 31  GLN A OE1 
109 N NE2 . GLN A 15 ? 0.3108 2.7169 0.5692 0.1253  0.0947  0.4058  31  GLN A NE2 
110 N N   . PHE A 16 ? 0.1674 0.1279 0.1732 -0.0025 0.0416  -0.0066 32  PHE A N   
111 C CA  . PHE A 16 ? 0.1500 0.1155 0.1996 -0.0169 0.0509  0.0056  32  PHE A CA  
112 C C   . PHE A 16 ? 0.1909 0.1340 0.1797 -0.0085 0.0511  0.0030  32  PHE A C   
113 O O   . PHE A 16 ? 0.3278 0.2074 0.1829 0.0441  0.0222  -0.0247 32  PHE A O   
114 C CB  . PHE A 16 ? 0.1614 0.1442 0.2338 -0.0313 0.0510  -0.0096 32  PHE A CB  
115 C CG  . PHE A 16 ? 0.1322 0.1642 0.2793 -0.0371 0.0159  -0.0078 32  PHE A CG  
116 C CD1 . PHE A 16 ? 0.1859 0.1696 0.3657 -0.0007 -0.0205 0.0054  32  PHE A CD1 
117 C CD2 . PHE A 16 ? 0.1004 0.3198 0.2699 -0.0170 -0.0131 0.0090  32  PHE A CD2 
118 C CE1 . PHE A 16 ? 0.2224 0.2234 0.3538 0.0146  -0.0177 0.0285  32  PHE A CE1 
119 C CE2 . PHE A 16 ? 0.1689 0.3304 0.3012 0.0096  -0.0564 0.0055  32  PHE A CE2 
120 C CZ  . PHE A 16 ? 0.2743 0.3017 0.3424 -0.0020 -0.1007 -0.0332 32  PHE A CZ  
121 N N   . LYS A 17 ? 0.1771 0.1254 0.1704 -0.0139 0.0131  -0.0014 33  LYS A N   
122 C CA  . LYS A 17 ? 0.2270 0.1259 0.2061 -0.0362 -0.0279 0.0243  33  LYS A CA  
123 C C   . LYS A 17 ? 0.1741 0.1286 0.1913 -0.0107 0.0197  -0.0090 33  LYS A C   
124 O O   . LYS A 17 ? 0.2333 0.1379 0.1864 -0.0442 0.0377  -0.0146 33  LYS A O   
125 C CB  . LYS A 17 ? 0.2145 0.1587 0.3989 -0.0472 -0.0904 0.0685  33  LYS A CB  
126 C CG  . LYS A 17 ? 0.1717 0.2433 0.5183 -0.0276 0.0501  0.0560  33  LYS A CG  
127 C CD  . LYS A 17 ? 0.1699 0.3903 0.7905 -0.0393 -0.0155 -0.0833 33  LYS A CD  
128 C CE  . LYS A 17 ? 0.1487 0.4040 0.7651 -0.0176 -0.0827 -0.1631 33  LYS A CE  
129 N NZ  . LYS A 17 ? 0.2102 0.4930 0.3458 -0.0086 0.0010  0.0853  33  LYS A NZ  
130 N N   . ILE A 18 ? 0.1928 0.1273 0.1912 -0.0218 -0.0078 0.0113  34  ILE A N   
131 C CA  . ILE A 18 ? 0.1775 0.1243 0.1979 -0.0126 -0.0079 -0.0010 34  ILE A CA  
132 C C   . ILE A 18 ? 0.1803 0.1301 0.1919 -0.0109 0.0154  0.0053  34  ILE A C   
133 O O   . ILE A 18 ? 0.2441 0.1496 0.2004 0.0066  -0.0124 0.0038  34  ILE A O   
134 C CB  . ILE A 18 ? 0.1813 0.1231 0.2020 -0.0053 0.0043  -0.0165 34  ILE A CB  
135 C CG1 . ILE A 18 ? 0.1716 0.1541 0.2045 -0.0154 -0.0041 -0.0062 34  ILE A CG1 
136 C CG2 . ILE A 18 ? 0.2082 0.1747 0.2122 -0.0263 0.0343  -0.0268 34  ILE A CG2 
137 C CD1 . ILE A 18 ? 0.1689 0.1850 0.2673 -0.0160 -0.0064 0.0252  34  ILE A CD1 
138 N N   . LYS A 19 ? 0.1605 0.1401 0.1766 -0.0047 0.0173  0.0163  35  LYS A N   
139 C CA  . LYS A 19 ? 0.1523 0.1314 0.2188 0.0022  0.0137  0.0266  35  LYS A CA  
140 C C   . LYS A 19 ? 0.1693 0.1228 0.2054 0.0070  0.0290  0.0212  35  LYS A C   
141 O O   . LYS A 19 ? 0.1592 0.1295 0.2192 -0.0004 0.0195  0.0091  35  LYS A O   
142 C CB  . LYS A 19 ? 0.2204 0.1542 0.2007 0.0075  0.0514  0.0230  35  LYS A CB  
143 C CG  . LYS A 19 ? 0.2200 0.1914 0.1880 0.0114  0.0505  0.0002  35  LYS A CG  
144 C CD  . LYS A 19 ? 0.2310 0.1917 0.3189 0.0251  0.0392  -0.0297 35  LYS A CD  
145 C CE  . LYS A 19 ? 0.2817 0.2727 0.3664 0.0706  0.0977  -0.0244 35  LYS A CE  
146 N NZ  . LYS A 19 ? 0.4688 0.3269 0.5742 0.1641  0.1140  -0.1008 35  LYS A NZ  
147 N N   . ARG A 20 ? 0.1752 0.1547 0.2174 0.0139  0.0294  0.0318  36  ARG A N   
148 C CA  . ARG A 20 ? 0.1911 0.1710 0.2143 -0.0133 0.0442  -0.0061 36  ARG A CA  
149 C C   . ARG A 20 ? 0.1909 0.1280 0.1706 -0.0103 0.0453  0.0208  36  ARG A C   
150 O O   . ARG A 20 ? 0.1912 0.1695 0.1547 -0.0128 0.0342  0.0035  36  ARG A O   
151 C CB  . ARG A 20 ? 0.2425 0.3753 0.1865 -0.0553 0.0266  -0.0210 36  ARG A CB  
152 C CG  . ARG A 20 ? 0.3126 0.4220 0.2849 -0.0945 -0.0359 -0.0107 36  ARG A CG  
153 C CD  . ARG A 20 ? 0.3614 0.6471 0.2404 -0.1133 -0.0383 -0.0116 36  ARG A CD  
154 N NE  . ARG A 20 ? 0.4158 0.3570 0.3341 0.0126  0.0165  0.0904  36  ARG A NE  
155 C CZ  . ARG A 20 ? 0.4167 0.2834 0.2157 0.0300  0.0410  -0.0035 36  ARG A CZ  
156 N NH1 . ARG A 20 ? 0.3406 0.2828 0.4942 0.0789  -0.0787 0.0080  36  ARG A NH1 
157 N NH2 . ARG A 20 ? 0.3496 0.4251 0.2084 0.0615  -0.0301 -0.0503 36  ARG A NH2 
158 N N   . HIS A 21 ? 0.1820 0.1341 0.1967 -0.0099 0.0492  0.0209  37  HIS A N   
159 C CA  . HIS A 21 ? 0.2033 0.1348 0.2047 -0.0068 0.0567  -0.0089 37  HIS A CA  
160 C C   . HIS A 21 ? 0.2226 0.1143 0.2040 -0.0206 0.0534  -0.0286 37  HIS A C   
161 O O   . HIS A 21 ? 0.2635 0.1790 0.2402 -0.0725 0.0457  -0.0451 37  HIS A O   
162 C CB  . HIS A 21 ? 0.2834 0.1381 0.2579 -0.0186 0.0614  0.0124  37  HIS A CB  
163 C CG  . HIS A 21 ? 0.2797 0.1539 0.2617 -0.0039 0.0750  0.0435  37  HIS A CG  
164 N ND1 . HIS A 21 ? 0.2835 0.1764 0.2669 -0.0089 0.0744  0.0063  37  HIS A ND1 
165 C CD2 . HIS A 21 ? 0.2926 0.2500 0.2719 0.0360  0.0830  0.0816  37  HIS A CD2 
166 C CE1 . HIS A 21 ? 0.3284 0.2122 0.2641 0.0296  0.0945  0.0518  37  HIS A CE1 
167 N NE2 . HIS A 21 ? 0.3328 0.2055 0.2647 0.0432  0.0786  0.0696  37  HIS A NE2 
168 N N   . THR A 22 ? 0.1874 0.1399 0.1605 -0.0331 0.0238  -0.0314 38  THR A N   
169 C CA  . THR A 22 ? 0.1758 0.1427 0.1633 -0.0318 0.0272  -0.0422 38  THR A CA  
170 C C   . THR A 22 ? 0.1750 0.1275 0.1695 -0.0325 0.0324  -0.0237 38  THR A C   
171 O O   . THR A 22 ? 0.1922 0.1365 0.1629 -0.0239 0.0311  -0.0293 38  THR A O   
172 C CB  . THR A 22 ? 0.1766 0.1662 0.1653 -0.0312 0.0296  -0.0281 38  THR A CB  
173 O OG1 . THR A 22 ? 0.1861 0.2142 0.2005 -0.0024 0.0204  -0.0232 38  THR A OG1 
174 C CG2 . THR A 22 ? 0.1892 0.2179 0.1648 -0.0274 0.0333  -0.0162 38  THR A CG2 
175 N N   . PRO A 23 ? 0.1838 0.1163 0.1597 -0.0193 0.0334  -0.0283 39  PRO A N   
176 C CA  . PRO A 23 ? 0.1654 0.1301 0.1580 -0.0261 0.0368  -0.0115 39  PRO A CA  
177 C C   . PRO A 23 ? 0.1642 0.1282 0.1426 -0.0081 0.0346  -0.0029 39  PRO A C   
178 O O   . PRO A 23 ? 0.1607 0.1400 0.1595 -0.0204 0.0484  -0.0077 39  PRO A O   
179 C CB  . PRO A 23 ? 0.1951 0.1554 0.1645 -0.0270 0.0151  -0.0038 39  PRO A CB  
180 C CG  . PRO A 23 ? 0.3039 0.2627 0.3514 0.0641  -0.1081 -0.1590 39  PRO A CG  
181 C CD  . PRO A 23 ? 0.2288 0.1276 0.1753 -0.0136 0.0069  -0.0360 39  PRO A CD  
182 N N   . LEU A 24 ? 0.1924 0.1193 0.1633 -0.0138 0.0574  -0.0128 40  LEU A N   
183 C CA  . LEU A 24 ? 0.1592 0.1196 0.1682 -0.0027 0.0310  -0.0021 40  LEU A CA  
184 C C   . LEU A 24 ? 0.1554 0.1105 0.1707 -0.0059 0.0230  -0.0142 40  LEU A C   
185 O O   . LEU A 24 ? 0.1905 0.1206 0.1551 -0.0214 0.0427  -0.0109 40  LEU A O   
186 C CB  . LEU A 24 ? 0.1491 0.1150 0.1800 -0.0099 0.0318  -0.0095 40  LEU A CB  
187 C CG  . LEU A 24 ? 0.1701 0.1168 0.1759 0.0021  0.0194  -0.0110 40  LEU A CG  
188 C CD1 . LEU A 24 ? 0.2129 0.2099 0.1822 0.0004  0.0348  -0.0382 40  LEU A CD1 
189 C CD2 . LEU A 24 ? 0.1906 0.1521 0.2323 -0.0237 -0.0194 -0.0080 40  LEU A CD2 
190 N N   . SER A 25 ? 0.1652 0.1342 0.1817 -0.0202 0.0189  -0.0037 41  SER A N   
191 C CA  . SER A 25 ? 0.1854 0.1568 0.1705 -0.0185 0.0054  -0.0196 41  SER A CA  
192 C C   . SER A 25 ? 0.2048 0.1192 0.1590 -0.0008 0.0210  -0.0160 41  SER A C   
193 O O   . SER A 25 ? 0.2152 0.1563 0.1519 -0.0151 0.0020  -0.0082 41  SER A O   
194 C CB  . SER A 25 ? 0.2074 0.1642 0.2486 -0.0330 -0.0393 0.0000  41  SER A CB  
195 O OG  . SER A 25 ? 0.2204 0.1620 0.2291 -0.0288 -0.0129 -0.0200 41  SER A OG  
196 N N   . LYS A 26 ? 0.1922 0.1343 0.1425 -0.0183 0.0195  -0.0105 42  LYS A N   
197 C CA  . LYS A 26 ? 0.2111 0.1356 0.1602 -0.0036 0.0501  -0.0132 42  LYS A CA  
198 C C   . LYS A 26 ? 0.1843 0.1406 0.1648 -0.0086 0.0651  -0.0163 42  LYS A C   
199 O O   . LYS A 26 ? 0.2049 0.1584 0.1691 -0.0233 0.0592  -0.0065 42  LYS A O   
200 C CB  . LYS A 26 ? 0.1976 0.1394 0.1714 -0.0026 0.0526  -0.0199 42  LYS A CB  
201 C CG  . LYS A 26 ? 0.2144 0.1563 0.2457 0.0043  0.0878  0.0291  42  LYS A CG  
202 C CD  . LYS A 26 ? 0.1972 0.1495 0.2327 -0.0167 0.0532  -0.0015 42  LYS A CD  
203 C CE  . LYS A 26 ? 0.1987 0.2603 0.2271 -0.0115 0.0406  -0.0511 42  LYS A CE  
204 N NZ  . LYS A 26 ? 0.2275 0.2469 0.2624 -0.0314 0.0496  -0.0734 42  LYS A NZ  
205 N N   . LEU A 27 ? 0.1725 0.1324 0.1653 -0.0214 0.0498  -0.0126 43  LEU A N   
206 C CA  . LEU A 27 ? 0.1421 0.1377 0.1634 -0.0255 0.0273  -0.0125 43  LEU A CA  
207 C C   . LEU A 27 ? 0.1476 0.1461 0.1445 -0.0133 0.0312  -0.0137 43  LEU A C   
208 O O   . LEU A 27 ? 0.1782 0.1474 0.1625 -0.0256 0.0272  -0.0071 43  LEU A O   
209 C CB  . LEU A 27 ? 0.1646 0.1411 0.1705 -0.0248 0.0102  -0.0002 43  LEU A CB  
210 C CG  . LEU A 27 ? 0.2056 0.1613 0.1604 -0.0624 0.0242  -0.0139 43  LEU A CG  
211 C CD1 . LEU A 27 ? 0.2341 0.2545 0.1645 -0.0922 0.0061  0.0025  43  LEU A CD1 
212 C CD2 . LEU A 27 ? 0.2692 0.1523 0.1809 -0.0236 0.0249  -0.0411 43  LEU A CD2 
213 N N   . MET A 28 ? 0.1492 0.1390 0.1607 -0.0084 0.0203  -0.0340 44  MET A N   
214 C CA  . MET A 28 ? 0.1541 0.1351 0.1779 -0.0141 0.0152  -0.0224 44  MET A CA  
215 C C   . MET A 28 ? 0.1827 0.1262 0.1779 -0.0341 0.0075  -0.0249 44  MET A C   
216 O O   . MET A 28 ? 0.1830 0.1355 0.1727 -0.0156 0.0000  -0.0175 44  MET A O   
217 C CB  . MET A 28 ? 0.1477 0.1587 0.2047 -0.0224 -0.0004 -0.0238 44  MET A CB  
218 C CG  . MET A 28 ? 0.1881 0.1717 0.2103 -0.0173 0.0423  -0.0302 44  MET A CG  
219 S SD  . MET A 28 ? 0.1939 0.1855 0.3302 -0.0120 0.0720  -0.0100 44  MET A SD  
220 C CE  . MET A 28 ? 0.2029 0.1987 0.3609 -0.0140 0.0788  -0.0643 44  MET A CE  
221 N N   . LYS A 29 ? 0.2253 0.1264 0.1602 -0.0323 0.0171  -0.0138 45  LYS A N   
222 C CA  . LYS A 29 ? 0.2777 0.1621 0.1536 -0.0281 0.0179  -0.0129 45  LYS A CA  
223 C C   . LYS A 29 ? 0.2808 0.1555 0.1461 -0.0226 0.0491  -0.0206 45  LYS A C   
224 O O   . LYS A 29 ? 0.3361 0.1724 0.1779 -0.0252 0.0487  0.0042  45  LYS A O   
225 C CB  . LYS A 29 ? 0.3394 0.1858 0.1617 -0.0648 0.0017  -0.0377 45  LYS A CB  
226 C CG  . LYS A 29 ? 0.3133 0.2298 0.2667 -0.0495 0.0041  -0.0879 45  LYS A CG  
227 C CD  . LYS A 29 ? 0.3946 0.2493 0.3591 -0.1066 -0.0031 -0.1143 45  LYS A CD  
228 C CE  . LYS A 29 ? 0.5667 0.2113 0.3250 0.0015  0.0081  -0.1075 45  LYS A CE  
229 N NZ  . LYS A 29 ? 0.4237 0.1958 0.3499 -0.0030 -0.1069 -0.0648 45  LYS A NZ  
230 N N   . ALA A 30 ? 0.2492 0.1623 0.1774 -0.0238 0.0704  -0.0059 46  ALA A N   
231 C CA  . ALA A 30 ? 0.2440 0.1769 0.1851 -0.0089 0.0889  -0.0050 46  ALA A CA  
232 C C   . ALA A 30 ? 0.1945 0.1685 0.1812 -0.0213 0.0423  -0.0007 46  ALA A C   
233 O O   . ALA A 30 ? 0.2350 0.1927 0.2049 -0.0412 0.0677  0.0083  46  ALA A O   
234 C CB  . ALA A 30 ? 0.2223 0.2212 0.3089 0.0345  0.0877  0.0449  46  ALA A CB  
235 N N   . TYR A 31 ? 0.1986 0.1367 0.1565 -0.0345 0.0245  -0.0084 47  TYR A N   
236 C CA  . TYR A 31 ? 0.1852 0.1340 0.1785 -0.0454 0.0303  -0.0063 47  TYR A CA  
237 C C   . TYR A 31 ? 0.1822 0.1411 0.1996 -0.0346 0.0297  0.0059  47  TYR A C   
238 O O   . TYR A 31 ? 0.2134 0.1524 0.1954 -0.0446 0.0274  0.0154  47  TYR A O   
239 C CB  . TYR A 31 ? 0.1511 0.1437 0.1941 -0.0334 0.0358  -0.0139 47  TYR A CB  
240 C CG  . TYR A 31 ? 0.1691 0.1329 0.1956 -0.0316 0.0265  -0.0102 47  TYR A CG  
241 C CD1 . TYR A 31 ? 0.1928 0.1460 0.2047 -0.0303 0.0038  -0.0147 47  TYR A CD1 
242 C CD2 . TYR A 31 ? 0.1753 0.1550 0.2167 -0.0275 0.0131  -0.0094 47  TYR A CD2 
243 C CE1 . TYR A 31 ? 0.1894 0.1523 0.1866 -0.0299 0.0018  -0.0210 47  TYR A CE1 
244 C CE2 . TYR A 31 ? 0.1911 0.1738 0.1760 0.0051  0.0058  -0.0129 47  TYR A CE2 
245 C CZ  . TYR A 31 ? 0.1951 0.1522 0.1767 -0.0189 0.0209  -0.0053 47  TYR A CZ  
246 O OH  . TYR A 31 ? 0.2343 0.1547 0.2240 -0.0168 0.0221  -0.0147 47  TYR A OH  
247 N N   . CYS A 32 ? 0.2085 0.1624 0.1772 -0.0494 0.0163  0.0106  48  CYS A N   
248 C CA  . CYS A 32 ? 0.2466 0.1825 0.1922 -0.0321 -0.0020 0.0155  48  CYS A CA  
249 C C   . CYS A 32 ? 0.2764 0.1969 0.1771 -0.0284 -0.0027 0.0159  48  CYS A C   
250 O O   . CYS A 32 ? 0.3049 0.2046 0.1953 -0.0313 0.0164  0.0279  48  CYS A O   
251 C CB  . CYS A 32 ? 0.2493 0.2619 0.2085 -0.0393 -0.0347 0.0087  48  CYS A CB  
252 S SG  . CYS A 32 ? 0.2308 0.3325 0.3216 -0.0209 0.0025  0.1173  48  CYS A SG  
253 N N   . GLU A 33 ? 0.2767 0.1903 0.1582 -0.0433 0.0041  0.0117  49  GLU A N   
254 C CA  . GLU A 33 ? 0.2871 0.2502 0.1789 -0.0385 0.0207  0.0064  49  GLU A CA  
255 C C   . GLU A 33 ? 0.2693 0.2454 0.2176 -0.0368 0.0299  0.0485  49  GLU A C   
256 O O   . GLU A 33 ? 0.4204 0.2742 0.2338 -0.0582 0.0960  0.0446  49  GLU A O   
257 C CB  . GLU A 33 ? 0.3143 0.2674 0.2194 -0.0254 0.0349  -0.0201 49  GLU A CB  
258 C CG  . GLU A 33 ? 0.4835 0.6727 0.4277 -0.0457 0.2517  -0.1956 49  GLU A CG  
259 C CD  . GLU A 33 ? 0.5299 0.7173 0.6309 -0.1321 0.3315  -0.3742 49  GLU A CD  
260 O OE1 . GLU A 33 ? 0.8584 0.9162 1.0253 -0.4990 0.3980  -0.3157 49  GLU A OE1 
261 O OE2 . GLU A 33 ? 0.6854 0.5993 1.0890 0.0488  0.4175  0.1774  49  GLU A OE2 
262 N N   . ARG A 34 ? 0.2021 0.2296 0.2444 -0.0211 0.0400  0.0112  50  ARG A N   
263 C CA  . ARG A 34 ? 0.2325 0.2408 0.2773 -0.0566 0.0764  -0.0075 50  ARG A CA  
264 C C   . ARG A 34 ? 0.2620 0.2314 0.2948 -0.0443 0.0798  0.0382  50  ARG A C   
265 O O   . ARG A 34 ? 0.3156 0.2509 0.3763 -0.0543 0.1504  0.0405  50  ARG A O   
266 C CB  . ARG A 34 ? 0.2017 0.2230 0.3563 -0.0456 0.0193  -0.0113 50  ARG A CB  
267 C CG  . ARG A 34 ? 0.2113 0.2144 0.4107 -0.0535 0.0356  -0.0436 50  ARG A CG  
268 C CD  . ARG A 34 ? 0.2785 0.3051 0.4926 0.0279  0.1425  0.1059  50  ARG A CD  
269 N NE  . ARG A 34 ? 0.2171 0.3000 0.3633 0.0030  0.0400  0.0504  50  ARG A NE  
270 C CZ  . ARG A 34 ? 0.2388 0.2974 0.3172 0.0019  0.0735  0.0464  50  ARG A CZ  
271 N NH1 . ARG A 34 ? 0.2618 0.3239 0.3754 -0.0137 0.0907  0.0501  50  ARG A NH1 
272 N NH2 . ARG A 34 ? 0.2867 0.3061 0.4220 0.0115  0.0967  -0.0179 50  ARG A NH2 
273 N N   . GLN A 35 ? 0.2684 0.1852 0.2741 -0.0563 0.0726  0.0098  51  GLN A N   
274 C CA  . GLN A 35 ? 0.2627 0.1857 0.2739 -0.0514 0.0493  0.0137  51  GLN A CA  
275 C C   . GLN A 35 ? 0.3505 0.2062 0.3226 -0.0573 -0.0028 0.0385  51  GLN A C   
276 O O   . GLN A 35 ? 0.3455 0.2095 0.3378 -0.0494 -0.0101 0.0484  51  GLN A O   
277 C CB  . GLN A 35 ? 0.2781 0.1941 0.3036 -0.0348 0.0883  0.0263  51  GLN A CB  
278 C CG  . GLN A 35 ? 0.3255 0.2595 0.2808 -0.0052 0.0900  0.0211  51  GLN A CG  
279 C CD  . GLN A 35 ? 0.4247 0.3332 0.2434 -0.0669 0.0591  -0.0531 51  GLN A CD  
280 O OE1 . GLN A 35 ? 0.4835 0.3190 0.5033 -0.1011 0.1630  -0.0586 51  GLN A OE1 
281 N NE2 . GLN A 35 ? 0.4232 0.4050 0.3035 -0.1146 -0.0251 0.0412  51  GLN A NE2 
282 N N   . GLY A 36 ? 0.3702 0.2197 0.2721 -0.0284 0.0043  0.0585  52  GLY A N   
283 C CA  . GLY A 36 ? 0.4120 0.2585 0.3254 -0.0730 -0.0461 0.1162  52  GLY A CA  
284 C C   . GLY A 36 ? 0.4163 0.3498 0.3114 -0.0200 -0.0626 0.1642  52  GLY A C   
285 O O   . GLY A 36 ? 0.4369 0.3682 0.4857 -0.0324 -0.1000 0.2314  52  GLY A O   
286 N N   . LEU A 37 ? 0.3464 0.2533 0.2995 -0.0095 -0.0531 0.0918  53  LEU A N   
287 C CA  . LEU A 37 ? 0.2991 0.3425 0.3215 -0.0337 -0.1091 0.0761  53  LEU A CA  
288 C C   . LEU A 37 ? 0.3144 0.3660 0.4304 -0.0305 -0.1790 0.0438  53  LEU A C   
289 O O   . LEU A 37 ? 0.3105 0.3137 0.4973 -0.0674 -0.0949 0.0999  53  LEU A O   
290 C CB  . LEU A 37 ? 0.2651 0.3434 0.3182 -0.0702 -0.0587 0.0846  53  LEU A CB  
291 C CG  . LEU A 37 ? 0.3044 0.3248 0.2876 -0.0506 -0.0672 0.0938  53  LEU A CG  
292 C CD1 . LEU A 37 ? 0.3028 0.5711 0.2714 -0.0780 0.0176  -0.0032 53  LEU A CD1 
293 C CD2 . LEU A 37 ? 0.3347 0.3704 0.5242 0.0649  0.0101  0.1030  53  LEU A CD2 
294 N N   . SER A 38 ? 0.3213 0.4293 0.4813 -0.0534 -0.1250 -0.0663 54  SER A N   
295 C CA  . SER A 38 ? 0.3094 0.3981 0.4681 -0.0348 -0.1005 -0.0775 54  SER A CA  
296 C C   . SER A 38 ? 0.4122 0.5065 0.4074 -0.1351 -0.1957 -0.0132 54  SER A C   
297 O O   . SER A 38 ? 0.5067 0.5230 0.2639 -0.0973 -0.1714 0.0730  54  SER A O   
298 C CB  . SER A 38 ? 0.3584 0.5030 0.3794 -0.1025 -0.1126 -0.0264 54  SER A CB  
299 O OG  . SER A 38 ? 0.3907 0.5032 0.2514 -0.1574 -0.0713 0.0560  54  SER A OG  
300 N N   . MET A 39 ? 0.5254 0.5148 0.4332 -0.1805 -0.2456 -0.0028 55  MET A N   
301 C CA  . MET A 39 ? 0.6626 0.5732 0.4146 -0.2199 -0.2717 0.0702  55  MET A CA  
302 C C   . MET A 39 ? 0.6269 0.6171 0.2482 -0.2445 -0.1729 0.0792  55  MET A C   
303 O O   . MET A 39 ? 0.8845 0.4820 0.2494 -0.1543 -0.0627 0.0482  55  MET A O   
304 C CB  . MET A 39 ? 0.7186 0.5744 0.4221 -0.2451 -0.3051 0.0553  55  MET A CB  
305 C CG  . MET A 39 ? 0.7754 0.5884 0.4631 -0.1138 -0.2967 -0.1415 55  MET A CG  
306 S SD  . MET A 39 ? 0.8240 0.9764 0.4677 -0.4872 -0.3851 0.2869  55  MET A SD  
307 C CE  . MET A 39 ? 0.6002 0.9003 0.9868 -0.5939 -0.4128 0.5308  55  MET A CE  
308 N N   . ARG A 40 ? 0.5277 0.6479 0.2367 -0.2698 -0.1651 0.0718  56  ARG A N   
309 C CA  . ARG A 40 ? 0.5061 0.7134 0.2560 -0.2684 -0.0866 0.1650  56  ARG A CA  
310 C C   . ARG A 40 ? 0.5172 0.8622 0.2197 -0.2122 -0.0514 0.1109  56  ARG A C   
311 O O   . ARG A 40 ? 0.5957 1.2122 0.3127 -0.3011 0.1169  0.0109  56  ARG A O   
312 C CB  . ARG A 40 ? 0.4296 0.8388 0.2218 -0.2396 -0.0937 0.1112  56  ARG A CB  
313 C CG  . ARG A 40 ? 0.5515 0.6554 0.2563 -0.2756 -0.0643 0.1760  56  ARG A CG  
314 C CD  . ARG A 40 ? 0.4750 0.6985 0.2175 -0.3152 -0.0664 0.1460  56  ARG A CD  
315 N NE  . ARG A 40 ? 0.5281 0.5190 0.2093 -0.2759 -0.0776 0.0873  56  ARG A NE  
316 C CZ  . ARG A 40 ? 0.4675 0.5206 0.1452 -0.2334 0.0830  -0.0398 56  ARG A CZ  
317 N NH1 . ARG A 40 ? 0.3250 0.2879 0.1814 -0.0541 0.0196  0.0297  56  ARG A NH1 
318 N NH2 . ARG A 40 ? 0.4179 0.5824 0.1926 -0.2352 -0.0048 0.0593  56  ARG A NH2 
319 N N   . GLN A 41 ? 0.5163 0.7591 0.2818 -0.1172 -0.1444 0.0547  57  GLN A N   
320 C CA  . GLN A 41 ? 0.4388 0.7051 0.3679 0.0075  -0.1813 0.1093  57  GLN A CA  
321 C C   . GLN A 41 ? 0.4725 0.5721 0.4004 0.0830  -0.2145 0.0049  57  GLN A C   
322 O O   . GLN A 41 ? 0.6530 0.6369 0.5205 0.2040  -0.2257 -0.0541 57  GLN A O   
323 C CB  . GLN A 41 ? 0.4044 0.7055 0.5411 0.0372  -0.1458 0.1699  57  GLN A CB  
324 C CG  . GLN A 41 ? 0.3918 1.3147 0.6797 0.1032  -0.0491 0.1867  57  GLN A CG  
325 C CD  . GLN A 41 ? 0.4478 1.2990 0.7774 0.2982  0.0456  0.3938  57  GLN A CD  
326 O OE1 . GLN A 41 ? 0.4403 0.5352 0.7834 0.1909  0.0264  -0.1363 57  GLN A OE1 
327 N NE2 . GLN A 41 ? 0.6224 1.7200 0.7300 0.6144  0.2560  0.5920  57  GLN A NE2 
328 N N   . ILE A 42 ? 0.3885 0.4988 0.2922 0.0117  -0.1160 0.0499  58  ILE A N   
329 C CA  . ILE A 42 ? 0.3044 0.3972 0.2556 -0.0198 -0.0544 0.0365  58  ILE A CA  
330 C C   . ILE A 42 ? 0.2646 0.3467 0.2507 -0.0266 -0.0283 -0.0171 58  ILE A C   
331 O O   . ILE A 42 ? 0.3570 0.3908 0.2742 -0.0401 -0.0715 -0.0530 58  ILE A O   
332 C CB  . ILE A 42 ? 0.3154 0.3445 0.3747 -0.0424 -0.0691 0.1038  58  ILE A CB  
333 C CG1 . ILE A 42 ? 0.3078 0.4691 0.4093 0.0067  -0.0260 0.0666  58  ILE A CG1 
334 C CG2 . ILE A 42 ? 0.4914 0.4242 0.5528 -0.1288 -0.1348 0.2192  58  ILE A CG2 
335 C CD1 . ILE A 42 ? 0.3272 0.4274 0.3647 -0.0034 -0.1074 0.0743  58  ILE A CD1 
336 N N   . ARG A 43 ? 0.2464 0.2481 0.2513 -0.0076 -0.0591 -0.0001 59  ARG A N   
337 C CA  . ARG A 43 ? 0.1955 0.2571 0.2887 -0.0271 -0.0459 0.0144  59  ARG A CA  
338 C C   . ARG A 43 ? 0.1831 0.2028 0.2248 -0.0240 -0.0119 -0.0041 59  ARG A C   
339 O O   . ARG A 43 ? 0.2209 0.1782 0.2686 -0.0195 -0.0405 0.0218  59  ARG A O   
340 C CB  . ARG A 43 ? 0.1715 0.3785 0.3869 -0.0320 -0.0307 0.0177  59  ARG A CB  
341 C CG  . ARG A 43 ? 0.2670 0.7737 0.5011 0.1542  -0.0639 0.0360  59  ARG A CG  
342 C CD  . ARG A 43 ? 0.3276 1.3177 0.5564 -0.0692 -0.1881 -0.0959 59  ARG A CD  
343 N NE  . ARG A 43 ? 0.3539 1.4429 0.8439 -0.0640 -0.2654 0.1426  59  ARG A NE  
344 C CZ  . ARG A 43 ? 0.4399 1.3269 0.9764 -0.0987 -0.3156 0.1250  59  ARG A CZ  
345 N NH1 . ARG A 43 ? 0.4474 1.8874 1.1514 -0.1283 -0.2062 0.5886  59  ARG A NH1 
346 N NH2 . ARG A 43 ? 0.4332 0.6671 1.1582 0.0135  -0.2974 -0.2335 59  ARG A NH2 
347 N N   . PHE A 44 ? 0.1506 0.1759 0.2300 -0.0266 0.0062  -0.0182 60  PHE A N   
348 C CA  . PHE A 44 ? 0.1554 0.1662 0.2144 -0.0153 0.0175  -0.0161 60  PHE A CA  
349 C C   . PHE A 44 ? 0.1442 0.1595 0.2338 -0.0206 0.0173  -0.0002 60  PHE A C   
350 O O   . PHE A 44 ? 0.1909 0.1844 0.2803 -0.0628 -0.0074 0.0143  60  PHE A O   
351 C CB  . PHE A 44 ? 0.1708 0.1483 0.2380 -0.0076 0.0238  -0.0066 60  PHE A CB  
352 C CG  . PHE A 44 ? 0.1555 0.1406 0.2191 -0.0125 0.0075  -0.0201 60  PHE A CG  
353 C CD1 . PHE A 44 ? 0.1859 0.1663 0.2290 -0.0292 -0.0105 -0.0259 60  PHE A CD1 
354 C CD2 . PHE A 44 ? 0.1488 0.1773 0.2195 -0.0161 0.0094  -0.0243 60  PHE A CD2 
355 C CE1 . PHE A 44 ? 0.2107 0.1893 0.2049 -0.0198 -0.0179 -0.0411 60  PHE A CE1 
356 C CE2 . PHE A 44 ? 0.1785 0.1844 0.2199 -0.0391 0.0092  -0.0148 60  PHE A CE2 
357 C CZ  . PHE A 44 ? 0.2137 0.1622 0.2164 -0.0287 0.0147  -0.0297 60  PHE A CZ  
358 N N   . ARG A 45 ? 0.1514 0.1407 0.2207 -0.0206 0.0323  -0.0007 61  ARG A N   
359 C CA  . ARG A 45 ? 0.1616 0.1859 0.2323 -0.0173 0.0611  0.0051  61  ARG A CA  
360 C C   . ARG A 45 ? 0.1686 0.1683 0.1988 -0.0152 0.0639  -0.0129 61  ARG A C   
361 O O   . ARG A 45 ? 0.1806 0.1716 0.2110 -0.0257 0.0416  0.0165  61  ARG A O   
362 C CB  . ARG A 45 ? 0.2184 0.2229 0.2706 0.0401  0.0826  0.0204  61  ARG A CB  
363 C CG  . ARG A 45 ? 0.3063 0.3096 0.3681 0.1357  0.0027  0.0149  61  ARG A CG  
364 C CD  . ARG A 45 ? 0.3487 0.7725 0.4889 0.3078  0.0977  0.0351  61  ARG A CD  
365 N NE  . ARG A 45 ? 0.3459 1.3787 0.7572 0.3353  0.0355  0.0721  61  ARG A NE  
366 C CZ  . ARG A 45 ? 0.3566 1.5384 0.9752 0.1259  -0.0339 0.0487  61  ARG A CZ  
367 N NH1 . ARG A 45 ? 0.3447 1.0323 1.0287 -0.0495 -0.1363 -0.1127 61  ARG A NH1 
368 N NH2 . ARG A 45 ? 0.3577 1.2421 1.1841 -0.1130 0.0775  0.2971  61  ARG A NH2 
369 N N   . PHE A 46 ? 0.1683 0.1813 0.2283 -0.0125 0.0682  0.0072  62  PHE A N   
370 C CA  . PHE A 46 ? 0.1852 0.1872 0.2058 -0.0108 0.0702  -0.0034 62  PHE A CA  
371 C C   . PHE A 46 ? 0.2409 0.2261 0.2319 -0.0008 0.0999  0.0252  62  PHE A C   
372 O O   . PHE A 46 ? 0.2595 0.2201 0.3244 0.0092  0.1647  0.0542  62  PHE A O   
373 C CB  . PHE A 46 ? 0.1738 0.1894 0.2381 -0.0098 0.0541  0.0111  62  PHE A CB  
374 C CG  . PHE A 46 ? 0.1971 0.1614 0.2140 -0.0059 0.0649  -0.0059 62  PHE A CG  
375 C CD1 . PHE A 46 ? 0.2062 0.1756 0.2237 -0.0024 0.0555  0.0120  62  PHE A CD1 
376 C CD2 . PHE A 46 ? 0.2051 0.1741 0.2323 -0.0167 0.0491  -0.0140 62  PHE A CD2 
377 C CE1 . PHE A 46 ? 0.2422 0.2191 0.2245 -0.0112 0.0287  0.0043  62  PHE A CE1 
378 C CE2 . PHE A 46 ? 0.1984 0.2030 0.2370 0.0109  0.0509  -0.0249 62  PHE A CE2 
379 C CZ  . PHE A 46 ? 0.2048 0.2193 0.2764 0.0161  0.0221  0.0098  62  PHE A CZ  
380 N N   . ASP A 47 ? 0.2749 0.2913 0.2242 0.0436  0.0906  -0.0462 63  ASP A N   
381 C CA  . ASP A 47 ? 0.3317 0.5350 0.2440 0.0649  0.1247  -0.0444 63  ASP A CA  
382 C C   . ASP A 47 ? 0.3208 0.3851 0.3097 0.0074  0.1598  -0.0157 63  ASP A C   
383 O O   . ASP A 47 ? 0.4540 0.3367 0.3948 -0.0254 0.2374  -0.0283 63  ASP A O   
384 C CB  . ASP A 47 ? 0.4826 0.7649 0.2317 0.1527  0.1209  0.0447  63  ASP A CB  
385 C CG  . ASP A 47 ? 0.5797 1.0967 0.2273 0.1217  0.0998  -0.0122 63  ASP A CG  
386 O OD1 . ASP A 47 ? 0.6403 1.5364 0.2720 0.1620  0.0740  0.2176  63  ASP A OD1 
387 O OD2 . ASP A 47 ? 0.9012 1.2231 0.4232 0.2293  0.2469  -0.2134 63  ASP A OD2 
388 N N   . GLY A 48 ? 0.2723 0.3351 0.3658 0.0764  0.1640  -0.0243 64  GLY A N   
389 C CA  . GLY A 48 ? 0.2696 0.3668 0.5166 0.0680  0.1694  0.0011  64  GLY A CA  
390 C C   . GLY A 48 ? 0.2499 0.4685 0.3903 0.0647  0.1576  -0.0084 64  GLY A C   
391 O O   . GLY A 48 ? 0.2543 0.6448 0.7865 0.0997  0.0806  -0.1346 64  GLY A O   
392 N N   . GLN A 49 ? 0.2417 0.3797 0.3547 0.0051  0.1479  0.0213  65  GLN A N   
393 C CA  . GLN A 49 ? 0.2163 0.3902 0.4258 -0.0345 0.0939  0.0747  65  GLN A CA  
394 C C   . GLN A 49 ? 0.1852 0.2529 0.4392 -0.0233 0.0905  -0.0068 65  GLN A C   
395 O O   . GLN A 49 ? 0.1850 0.2446 0.3850 -0.0366 0.0670  0.0356  65  GLN A O   
396 C CB  . GLN A 49 ? 0.3672 0.4026 0.5314 -0.0511 -0.0019 0.1166  65  GLN A CB  
397 C CG  . GLN A 49 ? 0.3981 0.4588 0.5161 -0.0008 0.0656  0.2211  65  GLN A CG  
398 C CD  . GLN A 49 ? 0.5640 0.1749 0.4707 -0.0222 -0.0184 0.0758  65  GLN A CD  
399 O OE1 . GLN A 49 ? 0.4166 0.2772 0.4505 0.0001  0.0840  0.0968  65  GLN A OE1 
400 N NE2 . GLN A 49 ? 0.4095 0.7144 0.5433 -0.2169 0.0269  0.3154  65  GLN A NE2 
401 N N   . PRO A 50 ? 0.1582 0.3602 0.4286 -0.0134 0.0889  0.0465  66  PRO A N   
402 C CA  . PRO A 50 ? 0.1737 0.3026 0.4344 -0.0330 0.0929  0.0173  66  PRO A CA  
403 C C   . PRO A 50 ? 0.1984 0.2770 0.4287 -0.0316 0.0885  0.0436  66  PRO A C   
404 O O   . PRO A 50 ? 0.3172 0.2603 0.4199 -0.0671 0.1202  0.0229  66  PRO A O   
405 C CB  . PRO A 50 ? 0.2046 0.5890 0.4330 0.0219  0.0465  0.0747  66  PRO A CB  
406 C CG  . PRO A 50 ? 0.1988 1.1076 0.4648 0.1095  0.0571  0.0268  66  PRO A CG  
407 C CD  . PRO A 50 ? 0.1537 0.7673 0.4538 -0.0028 0.0890  0.0214  66  PRO A CD  
408 N N   . ILE A 51 ? 0.1480 0.2466 0.3860 -0.0194 0.0440  0.0420  67  ILE A N   
409 C CA  . ILE A 51 ? 0.1663 0.2194 0.3242 -0.0130 0.0087  0.0557  67  ILE A CA  
410 C C   . ILE A 51 ? 0.1787 0.2164 0.3632 -0.0074 -0.0515 0.0552  67  ILE A C   
411 O O   . ILE A 51 ? 0.2349 0.2374 0.3380 -0.0068 -0.0257 0.0508  67  ILE A O   
412 C CB  . ILE A 51 ? 0.1534 0.1950 0.3160 0.0006  -0.0002 0.0171  67  ILE A CB  
413 C CG1 . ILE A 51 ? 0.1949 0.1733 0.2788 -0.0159 0.0424  0.0239  67  ILE A CG1 
414 C CG2 . ILE A 51 ? 0.1844 0.2080 0.2782 0.0114  0.0105  0.0050  67  ILE A CG2 
415 C CD1 . ILE A 51 ? 0.1922 0.1666 0.3008 -0.0253 0.0122  0.0177  67  ILE A CD1 
416 N N   . ASN A 52 ? 0.1747 0.2223 0.3342 -0.0048 0.0355  0.0331  68  ASN A N   
417 C CA  . ASN A 52 ? 0.1729 0.2211 0.4027 0.0095  0.0033  0.0005  68  ASN A CA  
418 C C   . ASN A 52 ? 0.1875 0.2963 0.3938 0.0044  0.0224  -0.0356 68  ASN A C   
419 O O   . ASN A 52 ? 0.1863 0.2270 0.3616 -0.0029 0.0387  -0.0393 68  ASN A O   
420 C CB  . ASN A 52 ? 0.2341 0.3309 0.4680 -0.0852 0.0591  -0.0435 68  ASN A CB  
421 C CG  . ASN A 52 ? 0.1921 0.6725 0.6497 0.0222  0.0871  0.0302  68  ASN A CG  
422 O OD1 . ASN A 52 ? 0.4300 0.8867 1.2090 0.2963  0.1056  0.2031  68  ASN A OD1 
423 N ND2 . ASN A 52 ? 0.4890 1.7449 0.5160 0.2998  0.2057  0.2424  68  ASN A ND2 
424 N N   . GLU A 53 ? 0.2180 0.3313 0.3384 0.0686  -0.0186 0.0179  69  GLU A N   
425 C CA  . GLU A 53 ? 0.3192 0.2789 0.3224 0.0765  0.0116  0.0379  69  GLU A CA  
426 C C   . GLU A 53 ? 0.2686 0.3165 0.2741 0.0786  0.0793  0.0764  69  GLU A C   
427 O O   . GLU A 53 ? 0.4702 0.6028 0.6184 0.3221  0.3777  0.4195  69  GLU A O   
428 C CB  . GLU A 53 ? 0.4614 0.3697 0.3770 0.1453  -0.0807 -0.0342 69  GLU A CB  
429 C CG  . GLU A 53 ? 0.5972 0.6881 0.3606 -0.0624 -0.1050 0.0231  69  GLU A CG  
430 C CD  . GLU A 53 ? 0.5060 1.1031 0.3487 -0.0495 -0.0840 -0.0126 69  GLU A CD  
431 O OE1 . GLU A 53 ? 0.5041 0.6587 0.7040 -0.0248 -0.0636 -0.2195 69  GLU A OE1 
432 O OE2 . GLU A 53 ? 0.7030 0.5019 0.4001 0.0987  0.0028  -0.1605 69  GLU A OE2 
433 N N   . THR A 54 ? 0.1848 0.2192 0.2026 -0.0138 0.0083  -0.0151 70  THR A N   
434 C CA  . THR A 54 ? 0.1791 0.1864 0.2256 -0.0237 0.0014  -0.0283 70  THR A CA  
435 C C   . THR A 54 ? 0.1639 0.1551 0.2123 -0.0361 0.0115  -0.0048 70  THR A C   
436 O O   . THR A 54 ? 0.2368 0.1696 0.2159 -0.0046 0.0064  -0.0074 70  THR A O   
437 C CB  . THR A 54 ? 0.2399 0.2113 0.2194 -0.0682 0.0165  -0.0345 70  THR A CB  
438 O OG1 . THR A 54 ? 0.2421 0.2987 0.2487 -0.0831 0.0307  -0.0255 70  THR A OG1 
439 C CG2 . THR A 54 ? 0.2505 0.2589 0.2371 -0.0327 -0.0141 -0.0634 70  THR A CG2 
440 N N   . ASP A 55 ? 0.1529 0.1700 0.1980 -0.0273 0.0115  0.0002  71  ASP A N   
441 C CA  . ASP A 55 ? 0.1504 0.1451 0.1860 -0.0352 0.0188  0.0192  71  ASP A CA  
442 C C   . ASP A 55 ? 0.1520 0.1288 0.1800 -0.0354 0.0236  0.0043  71  ASP A C   
443 O O   . ASP A 55 ? 0.1540 0.1720 0.1733 -0.0290 0.0315  0.0176  71  ASP A O   
444 C CB  . ASP A 55 ? 0.1588 0.1743 0.1944 -0.0205 0.0471  0.0089  71  ASP A CB  
445 C CG  . ASP A 55 ? 0.1567 0.2359 0.2560 -0.0127 0.0557  0.0256  71  ASP A CG  
446 O OD1 . ASP A 55 ? 0.1825 0.2665 0.2804 0.0164  0.0609  0.0063  71  ASP A OD1 
447 O OD2 . ASP A 55 ? 0.1922 0.2680 0.3415 -0.0548 0.0953  0.0318  71  ASP A OD2 
448 N N   . THR A 56 ? 0.1522 0.1487 0.1598 -0.0249 0.0273  -0.0024 72  THR A N   
449 C CA  . THR A 56 ? 0.1514 0.1355 0.1626 -0.0232 0.0291  -0.0136 72  THR A CA  
450 C C   . THR A 56 ? 0.1562 0.1271 0.1464 -0.0249 0.0337  0.0051  72  THR A C   
451 O O   . THR A 56 ? 0.1666 0.1311 0.1682 -0.0246 0.0526  -0.0092 72  THR A O   
452 C CB  . THR A 56 ? 0.1764 0.1358 0.1673 -0.0188 0.0329  -0.0037 72  THR A CB  
453 O OG1 . THR A 56 ? 0.2063 0.1496 0.1619 -0.0312 0.0338  -0.0111 72  THR A OG1 
454 C CG2 . THR A 56 ? 0.2097 0.1268 0.1743 -0.0234 0.0269  -0.0125 72  THR A CG2 
455 N N   . PRO A 57 ? 0.1578 0.1211 0.1416 -0.0308 0.0395  -0.0075 73  PRO A N   
456 C CA  . PRO A 57 ? 0.1466 0.1363 0.1501 -0.0229 0.0291  -0.0071 73  PRO A CA  
457 C C   . PRO A 57 ? 0.1377 0.1418 0.1482 -0.0149 0.0243  -0.0035 73  PRO A C   
458 O O   . PRO A 57 ? 0.1812 0.1474 0.1624 -0.0333 0.0486  -0.0189 73  PRO A O   
459 C CB  . PRO A 57 ? 0.1550 0.1298 0.1672 -0.0243 0.0423  -0.0141 73  PRO A CB  
460 C CG  . PRO A 57 ? 0.1465 0.1456 0.1700 -0.0212 0.0478  -0.0119 73  PRO A CG  
461 C CD  . PRO A 57 ? 0.1473 0.1413 0.1623 -0.0140 0.0396  -0.0133 73  PRO A CD  
462 N N   . ALA A 58 ? 0.1566 0.1392 0.1395 -0.0196 0.0380  -0.0008 74  ALA A N   
463 C CA  . ALA A 58 ? 0.1560 0.1485 0.1424 -0.0210 0.0161  0.0029  74  ALA A CA  
464 C C   . ALA A 58 ? 0.1691 0.1461 0.1651 -0.0241 0.0354  0.0149  74  ALA A C   
465 O O   . ALA A 58 ? 0.1809 0.1415 0.1709 -0.0167 0.0464  0.0046  74  ALA A O   
466 C CB  . ALA A 58 ? 0.1755 0.1496 0.1681 -0.0126 0.0220  0.0190  74  ALA A CB  
467 N N   . GLN A 59 ? 0.1525 0.1438 0.1719 -0.0366 0.0353  -0.0014 75  GLN A N   
468 C CA  . GLN A 59 ? 0.1648 0.1393 0.1626 -0.0246 0.0418  0.0151  75  GLN A CA  
469 C C   . GLN A 59 ? 0.1598 0.1529 0.1891 -0.0255 0.0477  0.0080  75  GLN A C   
470 O O   . GLN A 59 ? 0.1870 0.1644 0.2055 -0.0226 0.0761  0.0161  75  GLN A O   
471 C CB  . GLN A 59 ? 0.1482 0.1481 0.1955 -0.0397 0.0286  0.0104  75  GLN A CB  
472 C CG  . GLN A 59 ? 0.2092 0.1604 0.1866 -0.0510 0.0434  -0.0029 75  GLN A CG  
473 C CD  . GLN A 59 ? 0.1935 0.1725 0.2037 -0.0556 0.0250  0.0029  75  GLN A CD  
474 O OE1 . GLN A 59 ? 0.2896 0.1817 0.2457 -0.0670 -0.0220 0.0281  75  GLN A OE1 
475 N NE2 . GLN A 59 ? 0.2945 0.1855 0.1994 -0.0263 0.0004  -0.0226 75  GLN A NE2 
476 N N   . LEU A 60 ? 0.1697 0.1280 0.1734 -0.0242 0.0358  -0.0016 76  LEU A N   
477 C CA  . LEU A 60 ? 0.1989 0.1411 0.1589 -0.0150 0.0525  -0.0048 76  LEU A CA  
478 C C   . LEU A 60 ? 0.2067 0.1492 0.1629 -0.0168 0.0465  -0.0118 76  LEU A C   
479 O O   . LEU A 60 ? 0.2391 0.1586 0.1811 -0.0084 0.0444  -0.0263 76  LEU A O   
480 C CB  . LEU A 60 ? 0.1921 0.1407 0.1929 0.0055  0.0356  0.0119  76  LEU A CB  
481 C CG  . LEU A 60 ? 0.2145 0.2061 0.1879 -0.0279 0.0311  0.0322  76  LEU A CG  
482 C CD1 . LEU A 60 ? 0.2332 0.1682 0.2079 -0.0098 0.0017  0.0164  76  LEU A CD1 
483 C CD2 . LEU A 60 ? 0.1923 0.3691 0.3016 -0.0368 0.0218  0.0935  76  LEU A CD2 
484 N N   . GLU A 61 ? 0.1872 0.1546 0.1884 -0.0297 0.0357  -0.0176 77  GLU A N   
485 C CA  . GLU A 61 ? 0.2113 0.1827 0.1606 -0.0369 0.0335  -0.0142 77  GLU A CA  
486 C C   . GLU A 61 ? 0.2264 0.1765 0.1709 -0.0471 0.0445  -0.0303 77  GLU A C   
487 O O   . GLU A 61 ? 0.2916 0.2095 0.1562 -0.0757 0.0314  -0.0233 77  GLU A O   
488 C CB  . GLU A 61 ? 0.2221 0.1989 0.1959 -0.0367 0.0528  0.0032  77  GLU A CB  
489 C CG  . GLU A 61 ? 0.2289 0.1827 0.2394 -0.0260 0.0779  -0.0026 77  GLU A CG  
490 C CD  . GLU A 61 ? 0.2189 0.1990 0.2559 -0.0001 0.0778  0.0232  77  GLU A CD  
491 O OE1 . GLU A 61 ? 0.2265 0.1985 0.2752 -0.0145 0.0666  0.0379  77  GLU A OE1 
492 O OE2 . GLU A 61 ? 0.3091 0.2256 0.2629 0.0617  0.1064  0.0158  77  GLU A OE2 
493 N N   . MET A 62 ? 0.2036 0.1513 0.1631 -0.0279 0.0248  -0.0130 78  MET A N   
494 C CA  . MET A 62 ? 0.2007 0.1682 0.1762 -0.0355 0.0250  -0.0110 78  MET A CA  
495 C C   . MET A 62 ? 0.2040 0.1885 0.1658 -0.0318 0.0193  -0.0093 78  MET A C   
496 O O   . MET A 62 ? 0.2263 0.1978 0.2490 -0.0002 0.0105  -0.0128 78  MET A O   
497 C CB  . MET A 62 ? 0.1970 0.1653 0.1631 -0.0343 0.0246  -0.0172 78  MET A CB  
498 C CG  . MET A 62 ? 0.2190 0.1762 0.1861 -0.0242 0.0175  -0.0113 78  MET A CG  
499 S SD  . MET A 62 ? 0.2270 0.1729 0.1825 -0.0148 0.0058  -0.0077 78  MET A SD  
500 C CE  . MET A 62 ? 0.2018 0.2132 0.2309 -0.0050 0.0175  -0.0037 78  MET A CE  
501 N N   . GLU A 63 ? 0.2166 0.1982 0.1623 -0.0367 0.0006  -0.0051 79  GLU A N   
502 C CA  . GLU A 63 ? 0.2270 0.2090 0.1933 -0.0350 -0.0264 0.0089  79  GLU A CA  
503 C C   . GLU A 63 ? 0.2005 0.2212 0.1462 -0.0238 -0.0234 -0.0010 79  GLU A C   
504 O O   . GLU A 63 ? 0.1829 0.2129 0.1584 -0.0214 -0.0110 -0.0016 79  GLU A O   
505 C CB  . GLU A 63 ? 0.2408 0.3084 0.1693 -0.0299 -0.0255 0.0578  79  GLU A CB  
506 C CG  . GLU A 63 ? 0.2749 0.3803 0.2630 -0.0526 -0.0024 0.1155  79  GLU A CG  
507 C CD  . GLU A 63 ? 0.4023 0.6258 0.2386 -0.1169 -0.0398 0.2036  79  GLU A CD  
508 O OE1 . GLU A 63 ? 0.5170 0.7068 0.2495 -0.1812 0.0079  0.0286  79  GLU A OE1 
509 O OE2 . GLU A 63 ? 0.3864 0.9694 0.3029 -0.1465 -0.0074 0.2728  79  GLU A OE2 
510 N N   . ASP A 64 ? 0.2117 0.2300 0.1937 -0.0012 -0.0213 0.0082  80  ASP A N   
511 C CA  . ASP A 64 ? 0.1880 0.2727 0.1883 -0.0052 -0.0339 0.0230  80  ASP A CA  
512 C C   . ASP A 64 ? 0.1701 0.2690 0.1808 -0.0425 -0.0184 0.0172  80  ASP A C   
513 O O   . ASP A 64 ? 0.2723 0.2822 0.1809 -0.0668 -0.0318 -0.0012 80  ASP A O   
514 C CB  . ASP A 64 ? 0.2090 0.3588 0.2620 0.0194  -0.0578 0.0780  80  ASP A CB  
515 C CG  . ASP A 64 ? 0.1843 0.5168 0.2196 0.0011  -0.0515 -0.0018 80  ASP A CG  
516 O OD1 . ASP A 64 ? 0.2820 0.7348 0.2119 0.1637  -0.0345 -0.0546 80  ASP A OD1 
517 O OD2 . ASP A 64 ? 0.2167 0.8329 0.4320 -0.1149 -0.0846 -0.0499 80  ASP A OD2 
518 N N   . GLU A 65 ? 0.2184 0.2545 0.1924 -0.0670 -0.0439 0.0249  81  GLU A N   
519 C CA  . GLU A 65 ? 0.2208 0.2648 0.2529 -0.0749 -0.0366 0.0277  81  GLU A CA  
520 C C   . GLU A 65 ? 0.2353 0.2341 0.1734 -0.0766 -0.0173 -0.0006 81  GLU A C   
521 O O   . GLU A 65 ? 0.2858 0.2266 0.2457 -0.0819 -0.0307 -0.0056 81  GLU A O   
522 C CB  . GLU A 65 ? 0.2466 0.2852 0.4316 -0.0448 -0.0861 -0.0774 81  GLU A CB  
523 C CG  . GLU A 65 ? 0.2198 0.3445 0.6242 -0.0528 -0.0931 -0.0340 81  GLU A CG  
524 C CD  . GLU A 65 ? 0.2762 0.2846 0.7450 -0.0049 0.0690  -0.0178 81  GLU A CD  
525 O OE1 . GLU A 65 ? 0.2852 0.4326 0.8923 0.0126  0.1032  -0.0631 81  GLU A OE1 
526 O OE2 . GLU A 65 ? 0.4249 0.5122 1.1445 0.1401  0.3560  0.4304  81  GLU A OE2 
527 N N   . ASP A 66 ? 0.2080 0.1862 0.1542 -0.0346 -0.0123 0.0199  82  ASP A N   
528 C CA  . ASP A 66 ? 0.2110 0.1732 0.1333 -0.0228 0.0147  -0.0111 82  ASP A CA  
529 C C   . ASP A 66 ? 0.2002 0.1537 0.1528 -0.0109 0.0182  -0.0054 82  ASP A C   
530 O O   . ASP A 66 ? 0.1963 0.1894 0.1462 -0.0046 0.0254  0.0022  82  ASP A O   
531 C CB  . ASP A 66 ? 0.2075 0.1775 0.1509 -0.0237 0.0243  0.0013  82  ASP A CB  
532 C CG  . ASP A 66 ? 0.2736 0.1856 0.1529 -0.0281 0.0225  0.0059  82  ASP A CG  
533 O OD1 . ASP A 66 ? 0.3537 0.2393 0.1467 -0.0769 0.0276  -0.0049 82  ASP A OD1 
534 O OD2 . ASP A 66 ? 0.2463 0.1991 0.1684 -0.0364 0.0220  0.0185  82  ASP A OD2 
535 N N   . THR A 67 ? 0.2086 0.1660 0.1454 -0.0029 0.0348  -0.0087 83  THR A N   
536 C CA  . THR A 67 ? 0.1972 0.1530 0.1462 -0.0140 0.0195  -0.0140 83  THR A CA  
537 C C   . THR A 67 ? 0.1798 0.1319 0.1592 -0.0033 0.0410  -0.0078 83  THR A C   
538 O O   . THR A 67 ? 0.2015 0.2001 0.1765 -0.0208 0.0501  -0.0042 83  THR A O   
539 C CB  . THR A 67 ? 0.2294 0.1539 0.2243 -0.0005 -0.0032 -0.0309 83  THR A CB  
540 O OG1 . THR A 67 ? 0.2636 0.1883 0.2255 -0.0438 -0.0173 -0.0301 83  THR A OG1 
541 C CG2 . THR A 67 ? 0.3028 0.1473 0.2361 0.0084  -0.0381 -0.0359 83  THR A CG2 
542 N N   . ILE A 68 ? 0.1456 0.1400 0.1653 -0.0100 0.0339  -0.0075 84  ILE A N   
543 C CA  . ILE A 68 ? 0.1461 0.1327 0.1708 -0.0051 0.0385  -0.0108 84  ILE A CA  
544 C C   . ILE A 68 ? 0.1400 0.1401 0.1566 -0.0051 0.0419  -0.0164 84  ILE A C   
545 O O   . ILE A 68 ? 0.1543 0.1393 0.2003 -0.0156 0.0511  0.0055  84  ILE A O   
546 C CB  . ILE A 68 ? 0.1535 0.1389 0.1675 -0.0063 0.0262  -0.0168 84  ILE A CB  
547 C CG1 . ILE A 68 ? 0.1695 0.1295 0.2062 -0.0075 0.0215  -0.0145 84  ILE A CG1 
548 C CG2 . ILE A 68 ? 0.1486 0.1416 0.2037 -0.0101 0.0142  -0.0182 84  ILE A CG2 
549 C CD1 . ILE A 68 ? 0.2079 0.1505 0.2427 -0.0008 0.0411  -0.0417 84  ILE A CD1 
550 N N   . ASP A 69 ? 0.1397 0.1492 0.1840 -0.0005 0.0419  -0.0123 85  ASP A N   
551 C CA  . ASP A 69 ? 0.1476 0.1388 0.2027 0.0037  0.0303  -0.0153 85  ASP A CA  
552 C C   . ASP A 69 ? 0.1314 0.1595 0.2185 -0.0127 0.0209  -0.0014 85  ASP A C   
553 O O   . ASP A 69 ? 0.1636 0.1864 0.2396 -0.0394 -0.0064 0.0187  85  ASP A O   
554 C CB  . ASP A 69 ? 0.1639 0.2234 0.2368 0.0484  0.0428  -0.0181 85  ASP A CB  
555 C CG  . ASP A 69 ? 0.2603 0.2083 0.2118 0.0440  0.0445  -0.0292 85  ASP A CG  
556 O OD1 . ASP A 69 ? 0.3443 0.3100 0.2475 0.0632  0.0784  0.0183  85  ASP A OD1 
557 O OD2 . ASP A 69 ? 0.3030 0.2474 0.2701 0.0075  -0.0128 -0.0549 85  ASP A OD2 
558 N N   . VAL A 70 ? 0.1514 0.1460 0.2063 -0.0161 0.0107  -0.0126 86  VAL A N   
559 C CA  . VAL A 70 ? 0.1809 0.1900 0.2123 -0.0430 -0.0088 -0.0114 86  VAL A CA  
560 C C   . VAL A 70 ? 0.2266 0.1807 0.2741 -0.0434 -0.0610 0.0274  86  VAL A C   
561 O O   . VAL A 70 ? 0.2580 0.1894 0.2842 -0.0351 -0.0762 0.0003  86  VAL A O   
562 C CB  . VAL A 70 ? 0.2326 0.3561 0.1895 -0.0961 0.0144  -0.0298 86  VAL A CB  
563 C CG1 . VAL A 70 ? 0.2567 0.2877 0.3063 -0.0717 0.0529  -0.0181 86  VAL A CG1 
564 C CG2 . VAL A 70 ? 0.2059 0.7622 0.2041 -0.1139 -0.0050 -0.0013 86  VAL A CG2 
565 N N   . PHE A 71 ? 0.2239 0.1782 0.3295 -0.0245 -0.0716 -0.0041 87  PHE A N   
566 C CA  . PHE A 71 ? 0.2644 0.1961 0.3894 -0.0089 -0.1024 0.0363  87  PHE A CA  
567 C C   . PHE A 71 ? 0.3636 0.2472 0.4079 0.0123  -0.1403 0.0370  87  PHE A C   
568 O O   . PHE A 71 ? 0.3085 0.2573 0.3548 0.0007  -0.1092 0.0481  87  PHE A O   
569 C CB  . PHE A 71 ? 0.2310 0.2410 0.4459 0.0253  -0.0781 0.0019  87  PHE A CB  
570 C CG  . PHE A 71 ? 0.2160 0.2545 0.4210 0.0195  -0.0348 0.0063  87  PHE A CG  
571 C CD1 . PHE A 71 ? 0.2359 0.2577 0.4353 0.0106  -0.0501 0.0203  87  PHE A CD1 
572 C CD2 . PHE A 71 ? 0.2162 0.2650 0.4256 0.0308  -0.0191 -0.0091 87  PHE A CD2 
573 C CE1 . PHE A 71 ? 0.2894 0.3535 0.4325 0.0842  -0.0496 0.0194  87  PHE A CE1 
574 C CE2 . PHE A 71 ? 0.2883 0.3504 0.4675 0.0693  -0.0991 -0.0528 87  PHE A CE2 
575 C CZ  . PHE A 71 ? 0.2987 0.4166 0.4239 0.1486  -0.0728 -0.0402 87  PHE A CZ  
576 N N   . GLN A 72 ? 0.5546 0.3054 0.4527 0.1109  -0.2346 0.0081  88  GLN A N   
577 C CA  . GLN A 72 ? 0.5798 0.6470 0.5385 0.2301  -0.3184 -0.0178 88  GLN A CA  
578 C C   . GLN A 72 ? 0.4827 0.7963 0.6552 0.2932  -0.3406 -0.0098 88  GLN A C   
579 O O   . GLN A 72 ? 0.6015 1.0851 0.6110 0.0298  -0.3262 0.0602  88  GLN A O   
580 C CB  . GLN A 72 ? 0.6989 0.7863 0.6418 0.3500  -0.2279 0.2308  88  GLN A CB  
581 C CG  . GLN A 72 ? 0.7815 0.9843 0.6180 0.3060  -0.2031 0.1888  88  GLN A CG  
582 C CD  . GLN A 72 ? 0.8101 1.0260 0.5553 0.2883  -0.2369 0.1579  88  GLN A CD  
583 O OE1 . GLN A 72 ? 0.7397 1.0547 0.9875 0.3022  -0.1445 0.0805  88  GLN A OE1 
584 N NE2 . GLN A 72 ? 0.8120 1.1728 0.6422 0.3478  -0.1617 0.3261  88  GLN A NE2 
585 O O   . HOH B .  ? 0.6168 0.6251 0.5314 0.0084  -0.0365 0.0226  201 HOH A O   
586 O O   . HOH B .  ? 0.4885 0.4955 0.4164 0.0071  -0.0308 0.0191  202 HOH A O   
587 O O   . HOH B .  ? 0.5011 0.5039 0.4724 0.0028  -0.0123 0.0076  203 HOH A O   
588 O O   . HOH B .  ? 0.2576 0.2474 0.3623 -0.0102 0.0448  -0.0277 204 HOH A O   
589 O O   . HOH B .  ? 0.4922 0.5083 0.3267 0.0162  -0.0707 0.0438  205 HOH A O   
590 O O   . HOH B .  ? 0.3790 0.3780 0.4476 0.1142  0.0424  0.1437  206 HOH A O   
591 O O   . HOH B .  ? 0.4309 0.2859 0.2840 -0.0138 -0.0993 -0.0875 207 HOH A O   
592 O O   . HOH B .  ? 0.2637 0.1661 0.2293 -0.0272 0.0026  -0.0276 208 HOH A O   
593 O O   . HOH B .  ? 0.3083 0.2827 0.4693 -0.0616 -0.1233 0.0417  209 HOH A O   
594 O O   . HOH B .  ? 0.2759 0.2350 0.2863 -0.0224 0.0821  -0.0367 210 HOH A O   
595 O O   . HOH B .  ? 0.4129 0.3711 0.4804 -0.1581 0.0676  -0.0821 211 HOH A O   
596 O O   . HOH B .  ? 0.2362 0.3033 0.2579 -0.0100 0.0169  -0.0346 212 HOH A O   
597 O O   . HOH B .  ? 0.4023 0.3189 0.3827 -0.2339 0.1826  -0.1810 213 HOH A O   
598 O O   . HOH B .  ? 0.3891 0.2551 0.2740 -0.0984 0.0445  -0.0227 214 HOH A O   
599 O O   . HOH B .  ? 0.3173 0.1874 0.2122 0.0072  0.0344  0.0054  215 HOH A O   
600 O O   . HOH B .  ? 0.3289 0.2200 0.4283 0.0117  0.1113  0.0681  216 HOH A O   
601 O O   . HOH B .  ? 0.3782 0.3313 0.3849 -0.0554 -0.0724 -0.0938 217 HOH A O   
602 O O   . HOH B .  ? 0.2638 0.1526 0.2130 -0.0123 0.0562  -0.0025 218 HOH A O   
603 O O   . HOH B .  ? 0.2781 0.2950 0.2678 0.0054  0.0558  -0.0374 219 HOH A O   
604 O O   . HOH B .  ? 0.4719 0.2859 0.2335 0.0646  0.1353  -0.0106 220 HOH A O   
605 O O   . HOH B .  ? 0.2226 0.3558 0.3045 -0.0388 -0.0122 -0.0433 221 HOH A O   
606 O O   . HOH B .  ? 0.2704 0.3341 0.6045 -0.1140 0.0133  -0.1624 222 HOH A O   
607 O O   . HOH B .  ? 0.4512 0.3204 0.4156 -0.0266 0.0993  0.0017  223 HOH A O   
608 O O   . HOH B .  ? 0.4262 0.3815 0.1824 0.0130  0.0849  -0.0448 224 HOH A O   
609 O O   . HOH B .  ? 0.2890 0.3400 0.3951 0.0557  0.1376  0.0778  225 HOH A O   
610 O O   . HOH B .  ? 0.4002 0.4388 0.2316 -0.0556 -0.0363 -0.0571 226 HOH A O   
611 O O   . HOH B .  ? 0.3728 0.2622 0.2943 -0.0518 0.0118  -0.0122 227 HOH A O   
612 O O   . HOH B .  ? 0.3640 0.4134 0.2607 0.0016  0.0686  -0.0152 228 HOH A O   
613 O O   . HOH B .  ? 0.2519 0.3874 0.3375 0.0458  0.0172  0.0295  229 HOH A O   
614 O O   . HOH B .  ? 0.4569 0.3556 0.2538 -0.0397 -0.0749 0.0358  230 HOH A O   
615 O O   . HOH B .  ? 0.2928 0.2587 0.4874 -0.0207 -0.0035 0.0146  231 HOH A O   
616 O O   . HOH B .  ? 0.4731 0.3052 0.5879 -0.0936 -0.1491 -0.0893 232 HOH A O   
617 O O   . HOH B .  ? 0.4642 0.2372 0.5379 0.0251  0.0581  -0.0124 233 HOH A O   
618 O O   . HOH B .  ? 0.4295 0.2797 0.3252 -0.0366 -0.0537 -0.0427 234 HOH A O   
619 O O   . HOH B .  ? 0.3530 0.3132 0.4150 -0.1017 0.1057  -0.0841 235 HOH A O   
620 O O   . HOH B .  ? 0.3924 0.3078 0.6488 -0.0405 -0.0650 0.1533  236 HOH A O   
621 O O   . HOH B .  ? 0.4103 0.3177 0.6283 0.0046  0.0555  0.0635  237 HOH A O   
622 O O   . HOH B .  ? 0.3673 0.4840 0.2868 -0.0800 0.0278  0.0665  238 HOH A O   
623 O O   . HOH B .  ? 0.6136 0.4100 0.4850 -0.0157 0.1847  -0.0543 239 HOH A O   
624 O O   . HOH B .  ? 0.5490 0.4514 0.6868 0.1296  -0.0572 0.1635  240 HOH A O   
625 O O   . HOH B .  ? 0.2894 0.3056 0.3173 -0.0348 0.0397  -0.0390 241 HOH A O   
626 O O   . HOH B .  ? 0.4940 0.4378 0.5416 0.1503  0.0414  -0.0074 242 HOH A O   
627 O O   . HOH B .  ? 0.3727 0.5742 0.5549 0.0258  -0.0009 0.1027  243 HOH A O   
628 O O   . HOH B .  ? 0.2950 0.3402 0.4765 0.0188  -0.0013 -0.0432 244 HOH A O   
629 O O   . HOH B .  ? 0.3272 0.3118 0.2840 -0.1171 0.0227  -0.0207 245 HOH A O   
630 O O   . HOH B .  ? 0.5057 0.6689 0.3354 -0.0898 -0.1128 0.0240  246 HOH A O   
631 O O   . HOH B .  ? 0.6463 0.3676 0.4460 0.0801  -0.1356 -0.1045 247 HOH A O   
632 O O   . HOH B .  ? 0.5334 0.5664 0.2499 -0.1131 0.0406  0.0884  248 HOH A O   
633 O O   . HOH B .  ? 0.5734 0.5473 0.2664 -0.2467 0.0031  -0.0491 249 HOH A O   
634 O O   . HOH B .  ? 0.4815 0.5233 0.5819 0.0526  -0.1752 -0.1002 250 HOH A O   
635 O O   . HOH B .  ? 0.5452 0.4051 0.4447 -0.0239 -0.0839 -0.0616 251 HOH A O   
636 O O   . HOH B .  ? 0.5177 0.7335 0.4717 0.0382  -0.0813 -0.2655 252 HOH A O   
637 O O   . HOH B .  ? 0.6733 0.4111 0.4436 -0.0585 -0.0610 0.0424  253 HOH A O   
638 O O   . HOH B .  ? 0.2734 0.7651 0.3978 -0.0371 -0.0087 0.0737  254 HOH A O   
639 O O   . HOH B .  ? 0.4450 0.3782 0.3757 0.0763  0.1404  0.0538  255 HOH A O   
640 O O   . HOH B .  ? 0.4544 0.4462 0.5166 0.1032  0.1153  0.2710  256 HOH A O   
641 O O   . HOH B .  ? 0.4417 0.4020 0.6723 -0.0380 -0.0066 -0.1152 257 HOH A O   
642 O O   . HOH B .  ? 0.5896 0.5980 0.3810 0.0304  -0.0417 -0.1228 258 HOH A O   
643 O O   . HOH B .  ? 0.6725 0.6153 0.6094 -0.0158 -0.1057 -0.0003 259 HOH A O   
644 O O   . HOH B .  ? 0.5311 0.4660 0.5390 0.0955  -0.1920 -0.0791 260 HOH A O   
645 O O   . HOH B .  ? 0.4398 0.3927 0.4205 -0.1825 -0.0313 0.0563  261 HOH A O   
646 O O   . HOH B .  ? 0.4851 0.3771 0.5994 0.1578  -0.0751 -0.0836 262 HOH A O   
647 O O   . HOH B .  ? 0.4198 1.0367 0.6012 -0.0667 -0.1500 0.1134  263 HOH A O   
648 O O   . HOH B .  ? 0.7965 0.6256 0.3205 0.0612  -0.0826 0.0810  264 HOH A O   
649 O O   . HOH B .  ? 0.3955 0.6746 0.2760 0.0845  -0.0912 -0.0108 265 HOH A O   
650 O O   . HOH B .  ? 0.6506 0.3121 0.6469 -0.0868 0.1158  -0.1616 266 HOH A O   
651 O O   . HOH B .  ? 0.7750 1.0051 0.4631 0.1043  -0.0657 0.0402  267 HOH A O   
652 O O   . HOH B .  ? 0.3103 0.9880 0.3505 0.1540  -0.0057 0.1578  268 HOH A O   
653 O O   . HOH B .  ? 0.4011 0.5774 0.4952 -0.0764 -0.0326 -0.0750 269 HOH A O   
654 O O   . HOH B .  ? 0.4848 0.3714 0.4550 -0.0181 0.0089  -0.1398 270 HOH A O   
655 O O   . HOH B .  ? 0.5143 0.4500 0.5196 -0.0254 -0.0871 0.0230  271 HOH A O   
656 O O   . HOH B .  ? 0.6154 0.7381 0.8294 -0.1872 -0.1832 -0.0331 272 HOH A O   
657 O O   . HOH B .  ? 0.5594 0.4612 0.9368 0.0611  -0.2089 -0.1097 273 HOH A O   
658 O O   . HOH B .  ? 0.5213 0.6561 0.4593 -0.0197 0.0637  -0.1531 274 HOH A O   
659 O O   . HOH B .  ? 0.4741 0.3101 0.5457 0.0821  -0.0315 0.1474  275 HOH A O   
660 O O   . HOH B .  ? 0.4918 0.8528 0.6195 -0.1685 0.1278  0.1632  276 HOH A O   
661 O O   . HOH B .  ? 0.7600 0.6885 0.4567 -0.0163 -0.0129 -0.0918 277 HOH A O   
662 O O   . HOH B .  ? 0.6265 0.4562 0.5597 0.0778  -0.1188 0.0250  278 HOH A O   
663 O O   . HOH B .  ? 0.6573 0.7075 0.6731 0.1189  -0.0278 -0.0409 279 HOH A O   
664 O O   . HOH B .  ? 0.9065 0.7234 0.9086 0.0184  0.0381  0.0679  280 HOH A O   
665 O O   . HOH B .  ? 0.5411 0.2601 0.5247 -0.0085 0.1018  -0.0606 281 HOH A O   
666 O O   . HOH B .  ? 0.2949 0.4899 0.7620 -0.0500 -0.0338 0.1766  282 HOH A O   
667 O O   . HOH B .  ? 0.5252 0.2725 0.5539 0.0249  0.0114  -0.0850 283 HOH A O   
668 O O   . HOH B .  ? 0.6613 0.6047 0.7228 0.0848  0.1428  0.0434  284 HOH A O   
669 O O   . HOH B .  ? 0.7921 0.8053 0.8818 0.0506  -0.0118 0.1682  285 HOH A O   
670 O O   . HOH B .  ? 0.5907 0.7931 0.3469 -0.1837 -0.1507 -0.0039 286 HOH A O   
671 O O   . HOH B .  ? 0.6107 0.3227 0.5388 -0.1668 -0.0684 -0.0029 287 HOH A O   
672 O O   . HOH B .  ? 0.6725 0.7202 0.8010 -0.2159 0.0356  0.0276  288 HOH A O   
673 O O   . HOH B .  ? 0.7288 0.5759 0.7291 -0.0344 -0.0101 -0.0613 289 HOH A O   
674 O O   . HOH B .  ? 0.5440 0.6123 0.6521 -0.1719 -0.0390 0.1181  290 HOH A O   
675 O O   . HOH B .  ? 0.6343 0.7040 0.7723 -0.0698 -0.0724 0.0121  291 HOH A O   
676 O O   . HOH B .  ? 0.4989 0.4165 0.5778 0.0275  -0.0285 -0.0089 292 HOH A O   
677 O O   . HOH B .  ? 0.3584 0.5657 0.4860 0.1174  0.0207  -0.0271 293 HOH A O   
678 O O   . HOH B .  ? 0.5234 0.4400 0.6305 -0.0010 -0.1695 0.0063  294 HOH A O   
679 O O   . HOH B .  ? 0.7094 0.9333 0.3820 0.0452  0.0085  -0.1738 295 HOH A O   
680 O O   . HOH B .  ? 0.7071 0.5790 0.4730 -0.0937 0.0041  0.0155  296 HOH A O   
681 O O   . HOH B .  ? 0.9408 0.9957 0.9307 -0.1316 -0.0427 -0.1859 297 HOH A O   
682 O O   . HOH B .  ? 0.7738 0.6834 0.7691 -0.0259 0.0305  -0.0978 298 HOH A O   
683 O O   . HOH B .  ? 0.4336 0.7132 0.6641 0.1296  -0.1246 -0.1839 299 HOH A O   
684 O O   . HOH B .  ? 0.6298 0.3349 0.4622 0.0591  -0.0416 0.0345  300 HOH A O   
685 O O   . HOH B .  ? 0.5962 0.9073 0.7478 -0.1088 -0.0583 -0.0485 301 HOH A O   
686 O O   . HOH B .  ? 0.7059 0.9698 0.7000 -0.1107 0.1783  0.2163  302 HOH A O   
687 O O   . HOH B .  ? 0.6442 0.6267 0.5764 -0.0589 -0.1373 -0.1843 303 HOH A O   
688 O O   . HOH B .  ? 1.3552 1.2540 1.3269 -0.0508 -0.0148 -0.0720 304 HOH A O   
689 O O   . HOH B .  ? 0.6743 0.8484 0.7996 0.0573  -0.1743 0.0915  305 HOH A O   
690 O O   . HOH B .  ? 0.3112 0.4978 0.8141 0.0109  -0.1094 -0.2718 306 HOH A O   
691 O O   . HOH B .  ? 0.5935 0.5323 0.4498 -0.0639 0.0145  -0.0837 307 HOH A O   
692 O O   . HOH B .  ? 0.6995 0.6927 0.3650 -0.2955 0.0903  -0.0621 308 HOH A O   
693 O O   . HOH B .  ? 0.5617 0.6519 0.4733 -0.1608 0.0071  0.0480  309 HOH A O   
694 O O   . HOH B .  ? 0.6120 1.1995 0.5151 0.0731  -0.1368 -0.3541 310 HOH A O   
695 O O   . HOH B .  ? 0.9777 1.0487 1.0677 -0.1370 -0.0556 -0.1038 311 HOH A O   
696 O O   . HOH B .  ? 0.6823 0.8627 0.5321 -0.1666 0.0023  -0.0250 312 HOH A O   
697 O O   . HOH B .  ? 0.5068 0.9927 0.3439 0.0558  -0.0623 -0.1464 313 HOH A O   
698 O O   . HOH B .  ? 0.7286 0.9030 0.7802 0.0966  -0.0823 0.0840  314 HOH A O   
699 O O   . HOH B .  ? 0.9627 0.5161 0.8913 -0.0242 0.1632  0.3092  315 HOH A O   
700 O O   . HOH B .  ? 0.8899 0.9775 0.7860 -0.0809 -0.0522 -0.0308 316 HOH A O   
701 O O   . HOH B .  ? 0.6597 0.7435 0.7682 0.0560  0.0560  -0.2512 317 HOH A O   
702 O O   . HOH B .  ? 0.6047 0.8023 0.5262 0.0990  0.0405  -0.1051 318 HOH A O   
703 O O   . HOH B .  ? 0.9137 0.5439 0.6134 0.0606  0.1330  -0.2025 319 HOH A O   
704 O O   . HOH B .  ? 0.6658 0.7409 0.6576 -0.0811 -0.0990 -0.1791 320 HOH A O   
705 O O   . HOH B .  ? 0.7157 0.7458 0.6772 -0.0658 -0.0062 -0.0851 321 HOH A O   
706 O O   . HOH B .  ? 0.7893 0.7584 0.7494 -0.0402 0.0963  -0.0132 322 HOH A O   
707 O O   . HOH B .  ? 0.8016 0.7027 0.8336 -0.1465 0.1582  -0.0143 323 HOH A O   
708 O O   . HOH B .  ? 0.8781 0.9384 0.8795 -0.0184 -0.0159 0.0386  324 HOH A O   
709 O O   . HOH B .  ? 1.1913 1.0960 1.2419 0.0153  0.0374  0.0791  325 HOH A O   
710 O O   . HOH B .  ? 0.5498 0.8557 0.4667 0.0961  -0.1078 -0.3090 326 HOH A O   
711 O O   . HOH B .  ? 1.1002 1.1044 1.0820 -0.0830 0.0191  0.0214  327 HOH A O   
# 
loop_
_pdbx_poly_seq_scheme.asym_id 
_pdbx_poly_seq_scheme.entity_id 
_pdbx_poly_seq_scheme.seq_id 
_pdbx_poly_seq_scheme.mon_id 
_pdbx_poly_seq_scheme.ndb_seq_num 
_pdbx_poly_seq_scheme.pdb_seq_num 
_pdbx_poly_seq_scheme.auth_seq_num 
_pdbx_poly_seq_scheme.pdb_mon_id 
_pdbx_poly_seq_scheme.auth_mon_id 
_pdbx_poly_seq_scheme.pdb_strand_id 
_pdbx_poly_seq_scheme.pdb_ins_code 
_pdbx_poly_seq_scheme.hetero 
A 1 1  HIS 1  17 17 HIS HIS A . n 
A 1 2  ILE 2  18 18 ILE ILE A . n 
A 1 3  ASN 3  19 19 ASN ASN A . n 
A 1 4  LEU 4  20 20 LEU LEU A . n 
A 1 5  LYS 5  21 21 LYS LYS A . n 
A 1 6  VAL 6  22 22 VAL VAL A . n 
A 1 7  ALA 7  23 23 ALA ALA A . n 
A 1 8  GLY 8  24 24 GLY GLY A . n 
A 1 9  GLN 9  25 25 GLN GLN A . n 
A 1 10 ASP 10 26 26 ASP ASP A . n 
A 1 11 GLY 11 27 27 GLY GLY A . n 
A 1 12 SER 12 28 28 SER SER A . n 
A 1 13 VAL 13 29 29 VAL VAL A . n 
A 1 14 VAL 14 30 30 VAL VAL A . n 
A 1 15 GLN 15 31 31 GLN GLN A . n 
A 1 16 PHE 16 32 32 PHE PHE A . n 
A 1 17 LYS 17 33 33 LYS LYS A . n 
A 1 18 ILE 18 34 34 ILE ILE A . n 
A 1 19 LYS 19 35 35 LYS LYS A . n 
A 1 20 ARG 20 36 36 ARG ARG A . n 
A 1 21 HIS 21 37 37 HIS HIS A . n 
A 1 22 THR 22 38 38 THR THR A . n 
A 1 23 PRO 23 39 39 PRO PRO A . n 
A 1 24 LEU 24 40 40 LEU LEU A . n 
A 1 25 SER 25 41 41 SER SER A . n 
A 1 26 LYS 26 42 42 LYS LYS A . n 
A 1 27 LEU 27 43 43 LEU LEU A . n 
A 1 28 MET 28 44 44 MET MET A . n 
A 1 29 LYS 29 45 45 LYS LYS A . n 
A 1 30 ALA 30 46 46 ALA ALA A . n 
A 1 31 TYR 31 47 47 TYR TYR A . n 
A 1 32 CYS 32 48 48 CYS CYS A . n 
A 1 33 GLU 33 49 49 GLU GLU A . n 
A 1 34 ARG 34 50 50 ARG ARG A . n 
A 1 35 GLN 35 51 51 GLN GLN A . n 
A 1 36 GLY 36 52 52 GLY GLY A . n 
A 1 37 LEU 37 53 53 LEU LEU A . n 
A 1 38 SER 38 54 54 SER SER A . n 
A 1 39 MET 39 55 55 MET MET A . n 
A 1 40 ARG 40 56 56 ARG ARG A . n 
A 1 41 GLN 41 57 57 GLN GLN A . n 
A 1 42 ILE 42 58 58 ILE ILE A . n 
A 1 43 ARG 43 59 59 ARG ARG A . n 
A 1 44 PHE 44 60 60 PHE PHE A . n 
A 1 45 ARG 45 61 61 ARG ARG A . n 
A 1 46 PHE 46 62 62 PHE PHE A . n 
A 1 47 ASP 47 63 63 ASP ASP A . n 
A 1 48 GLY 48 64 64 GLY GLY A . n 
A 1 49 GLN 49 65 65 GLN GLN A . n 
A 1 50 PRO 50 66 66 PRO PRO A . n 
A 1 51 ILE 51 67 67 ILE ILE A . n 
A 1 52 ASN 52 68 68 ASN ASN A . n 
A 1 53 GLU 53 69 69 GLU GLU A . n 
A 1 54 THR 54 70 70 THR THR A . n 
A 1 55 ASP 55 71 71 ASP ASP A . n 
A 1 56 THR 56 72 72 THR THR A . n 
A 1 57 PRO 57 73 73 PRO PRO A . n 
A 1 58 ALA 58 74 74 ALA ALA A . n 
A 1 59 GLN 59 75 75 GLN GLN A . n 
A 1 60 LEU 60 76 76 LEU LEU A . n 
A 1 61 GLU 61 77 77 GLU GLU A . n 
A 1 62 MET 62 78 78 MET MET A . n 
A 1 63 GLU 63 79 79 GLU GLU A . n 
A 1 64 ASP 64 80 80 ASP ASP A . n 
A 1 65 GLU 65 81 81 GLU GLU A . n 
A 1 66 ASP 66 82 82 ASP ASP A . n 
A 1 67 THR 67 83 83 THR THR A . n 
A 1 68 ILE 68 84 84 ILE ILE A . n 
A 1 69 ASP 69 85 85 ASP ASP A . n 
A 1 70 VAL 70 86 86 VAL VAL A . n 
A 1 71 PHE 71 87 87 PHE PHE A . n 
A 1 72 GLN 72 88 88 GLN GLN A . n 
# 
loop_
_pdbx_nonpoly_scheme.asym_id 
_pdbx_nonpoly_scheme.entity_id 
_pdbx_nonpoly_scheme.mon_id 
_pdbx_nonpoly_scheme.ndb_seq_num 
_pdbx_nonpoly_scheme.pdb_seq_num 
_pdbx_nonpoly_scheme.auth_seq_num 
_pdbx_nonpoly_scheme.pdb_mon_id 
_pdbx_nonpoly_scheme.auth_mon_id 
_pdbx_nonpoly_scheme.pdb_strand_id 
_pdbx_nonpoly_scheme.pdb_ins_code 
B 2 HOH 1   201 201 HOH HOH A . 
B 2 HOH 2   202 202 HOH HOH A . 
B 2 HOH 3   203 203 HOH HOH A . 
B 2 HOH 4   204 204 HOH HOH A . 
B 2 HOH 5   205 205 HOH HOH A . 
B 2 HOH 6   206 206 HOH HOH A . 
B 2 HOH 7   207 207 HOH HOH A . 
B 2 HOH 8   208 208 HOH HOH A . 
B 2 HOH 9   209 209 HOH HOH A . 
B 2 HOH 10  210 210 HOH HOH A . 
B 2 HOH 11  211 211 HOH HOH A . 
B 2 HOH 12  212 212 HOH HOH A . 
B 2 HOH 13  213 213 HOH HOH A . 
B 2 HOH 14  214 214 HOH HOH A . 
B 2 HOH 15  215 215 HOH HOH A . 
B 2 HOH 16  216 216 HOH HOH A . 
B 2 HOH 17  217 217 HOH HOH A . 
B 2 HOH 18  218 218 HOH HOH A . 
B 2 HOH 19  219 219 HOH HOH A . 
B 2 HOH 20  220 220 HOH HOH A . 
B 2 HOH 21  221 221 HOH HOH A . 
B 2 HOH 22  222 222 HOH HOH A . 
B 2 HOH 23  223 223 HOH HOH A . 
B 2 HOH 24  224 224 HOH HOH A . 
B 2 HOH 25  225 225 HOH HOH A . 
B 2 HOH 26  226 226 HOH HOH A . 
B 2 HOH 27  227 227 HOH HOH A . 
B 2 HOH 28  228 228 HOH HOH A . 
B 2 HOH 29  229 229 HOH HOH A . 
B 2 HOH 30  230 230 HOH HOH A . 
B 2 HOH 31  231 231 HOH HOH A . 
B 2 HOH 32  232 232 HOH HOH A . 
B 2 HOH 33  233 233 HOH HOH A . 
B 2 HOH 34  234 234 HOH HOH A . 
B 2 HOH 35  235 235 HOH HOH A . 
B 2 HOH 36  236 236 HOH HOH A . 
B 2 HOH 37  237 237 HOH HOH A . 
B 2 HOH 38  238 238 HOH HOH A . 
B 2 HOH 39  239 239 HOH HOH A . 
B 2 HOH 40  240 240 HOH HOH A . 
B 2 HOH 41  241 241 HOH HOH A . 
B 2 HOH 42  242 242 HOH HOH A . 
B 2 HOH 43  243 243 HOH HOH A . 
B 2 HOH 44  244 244 HOH HOH A . 
B 2 HOH 45  245 245 HOH HOH A . 
B 2 HOH 46  246 246 HOH HOH A . 
B 2 HOH 47  247 247 HOH HOH A . 
B 2 HOH 48  248 248 HOH HOH A . 
B 2 HOH 49  249 249 HOH HOH A . 
B 2 HOH 50  250 250 HOH HOH A . 
B 2 HOH 51  251 251 HOH HOH A . 
B 2 HOH 52  252 252 HOH HOH A . 
B 2 HOH 53  253 253 HOH HOH A . 
B 2 HOH 54  254 254 HOH HOH A . 
B 2 HOH 55  255 255 HOH HOH A . 
B 2 HOH 56  256 256 HOH HOH A . 
B 2 HOH 57  257 257 HOH HOH A . 
B 2 HOH 58  258 258 HOH HOH A . 
B 2 HOH 59  259 259 HOH HOH A . 
B 2 HOH 60  260 260 HOH HOH A . 
B 2 HOH 61  261 261 HOH HOH A . 
B 2 HOH 62  262 262 HOH HOH A . 
B 2 HOH 63  263 263 HOH HOH A . 
B 2 HOH 64  264 264 HOH HOH A . 
B 2 HOH 65  265 265 HOH HOH A . 
B 2 HOH 66  266 266 HOH HOH A . 
B 2 HOH 67  267 267 HOH HOH A . 
B 2 HOH 68  268 268 HOH HOH A . 
B 2 HOH 69  269 269 HOH HOH A . 
B 2 HOH 70  270 270 HOH HOH A . 
B 2 HOH 71  271 271 HOH HOH A . 
B 2 HOH 72  272 272 HOH HOH A . 
B 2 HOH 73  273 273 HOH HOH A . 
B 2 HOH 74  274 274 HOH HOH A . 
B 2 HOH 75  275 275 HOH HOH A . 
B 2 HOH 76  276 276 HOH HOH A . 
B 2 HOH 77  277 277 HOH HOH A . 
B 2 HOH 78  278 278 HOH HOH A . 
B 2 HOH 79  279 279 HOH HOH A . 
B 2 HOH 80  280 280 HOH HOH A . 
B 2 HOH 81  281 281 HOH HOH A . 
B 2 HOH 82  282 282 HOH HOH A . 
B 2 HOH 83  283 283 HOH HOH A . 
B 2 HOH 84  284 284 HOH HOH A . 
B 2 HOH 85  285 285 HOH HOH A . 
B 2 HOH 86  286 286 HOH HOH A . 
B 2 HOH 87  287 287 HOH HOH A . 
B 2 HOH 88  288 288 HOH HOH A . 
B 2 HOH 89  289 289 HOH HOH A . 
B 2 HOH 90  290 290 HOH HOH A . 
B 2 HOH 91  291 291 HOH HOH A . 
B 2 HOH 92  292 292 HOH HOH A . 
B 2 HOH 93  293 293 HOH HOH A . 
B 2 HOH 94  294 294 HOH HOH A . 
B 2 HOH 95  295 295 HOH HOH A . 
B 2 HOH 96  296 296 HOH HOH A . 
B 2 HOH 97  297 297 HOH HOH A . 
B 2 HOH 98  298 298 HOH HOH A . 
B 2 HOH 99  299 299 HOH HOH A . 
B 2 HOH 100 300 300 HOH HOH A . 
B 2 HOH 101 301 301 HOH HOH A . 
B 2 HOH 102 302 302 HOH HOH A . 
B 2 HOH 103 303 303 HOH HOH A . 
B 2 HOH 104 304 304 HOH HOH A . 
B 2 HOH 105 305 305 HOH HOH A . 
B 2 HOH 106 306 306 HOH HOH A . 
B 2 HOH 107 307 307 HOH HOH A . 
B 2 HOH 108 308 308 HOH HOH A . 
B 2 HOH 109 309 309 HOH HOH A . 
B 2 HOH 110 310 310 HOH HOH A . 
B 2 HOH 111 311 311 HOH HOH A . 
B 2 HOH 112 312 312 HOH HOH A . 
B 2 HOH 113 313 313 HOH HOH A . 
B 2 HOH 114 314 314 HOH HOH A . 
B 2 HOH 115 315 315 HOH HOH A . 
B 2 HOH 116 316 316 HOH HOH A . 
B 2 HOH 117 317 317 HOH HOH A . 
B 2 HOH 118 318 318 HOH HOH A . 
B 2 HOH 119 319 319 HOH HOH A . 
B 2 HOH 120 320 320 HOH HOH A . 
B 2 HOH 121 321 321 HOH HOH A . 
B 2 HOH 122 322 322 HOH HOH A . 
B 2 HOH 123 323 323 HOH HOH A . 
B 2 HOH 124 324 324 HOH HOH A . 
B 2 HOH 125 325 325 HOH HOH A . 
B 2 HOH 126 326 326 HOH HOH A . 
B 2 HOH 127 327 327 HOH HOH A . 
# 
_pdbx_struct_assembly.id                   1 
_pdbx_struct_assembly.details              author_defined_assembly 
_pdbx_struct_assembly.method_details       ? 
_pdbx_struct_assembly.oligomeric_details   trimeric 
_pdbx_struct_assembly.oligomeric_count     3 
# 
_pdbx_struct_assembly_gen.assembly_id       1 
_pdbx_struct_assembly_gen.oper_expression   1,2,3 
_pdbx_struct_assembly_gen.asym_id_list      A,B 
# 
loop_
_pdbx_struct_oper_list.id 
_pdbx_struct_oper_list.type 
_pdbx_struct_oper_list.name 
_pdbx_struct_oper_list.symmetry_operation 
_pdbx_struct_oper_list.matrix[1][1] 
_pdbx_struct_oper_list.matrix[1][2] 
_pdbx_struct_oper_list.matrix[1][3] 
_pdbx_struct_oper_list.vector[1] 
_pdbx_struct_oper_list.matrix[2][1] 
_pdbx_struct_oper_list.matrix[2][2] 
_pdbx_struct_oper_list.matrix[2][3] 
_pdbx_struct_oper_list.vector[2] 
_pdbx_struct_oper_list.matrix[3][1] 
_pdbx_struct_oper_list.matrix[3][2] 
_pdbx_struct_oper_list.matrix[3][3] 
_pdbx_struct_oper_list.vector[3] 
1 'identity operation'         1_555 x,y,z     1.0000000000  0.0000000000  0.0000000000 0.0000000000   0.0000000000  1.0000000000  0.0000000000  0.0000000000   0.0000000000 0.0000000000  1.0000000000 0.0000000000  
2 'crystal symmetry operation' 2_555 -y,x-y,z  -0.3280366736 -0.9009311092 0.2841039903 -22.3001389315 0.6877636770  -0.4339388882 -0.5819606224 -2.5209394900  0.6475901987 0.0044919783  0.7619755617 7.6551190588  
3 'crystal symmetry operation' 3_555 -x+y,-x,z -0.3280366736 0.6877636770  0.6475901987 -10.5388328542 -0.9009311092 -0.4339388882 0.0044919783  -21.2192092106 0.2841039903 -0.5819606224 0.7619755617 -0.9645427040 
# 
loop_
_pdbx_struct_special_symmetry.id 
_pdbx_struct_special_symmetry.PDB_model_num 
_pdbx_struct_special_symmetry.auth_asym_id 
_pdbx_struct_special_symmetry.auth_comp_id 
_pdbx_struct_special_symmetry.auth_seq_id 
_pdbx_struct_special_symmetry.PDB_ins_code 
_pdbx_struct_special_symmetry.label_asym_id 
_pdbx_struct_special_symmetry.label_comp_id 
_pdbx_struct_special_symmetry.label_seq_id 
1 1 A HOH 201 ? B HOH . 
2 1 A HOH 202 ? B HOH . 
3 1 A HOH 203 ? B HOH . 
4 1 A HOH 204 ? B HOH . 
5 1 A HOH 205 ? B HOH . 
# 
loop_
_pdbx_audit_revision_history.ordinal 
_pdbx_audit_revision_history.data_content_type 
_pdbx_audit_revision_history.major_revision 
_pdbx_audit_revision_history.minor_revision 
_pdbx_audit_revision_history.revision_date 
1 'Structure model' 1 0 2004-11-30 
2 'Structure model' 1 1 2008-04-30 
3 'Structure model' 1 2 2011-07-13 
4 'Structure model' 1 3 2023-10-25 
# 
_pdbx_audit_revision_details.ordinal             1 
_pdbx_audit_revision_details.revision_ordinal    1 
_pdbx_audit_revision_details.data_content_type   'Structure model' 
_pdbx_audit_revision_details.provider            repository 
_pdbx_audit_revision_details.type                'Initial release' 
_pdbx_audit_revision_details.description         ? 
_pdbx_audit_revision_details.details             ? 
# 
loop_
_pdbx_audit_revision_group.ordinal 
_pdbx_audit_revision_group.revision_ordinal 
_pdbx_audit_revision_group.data_content_type 
_pdbx_audit_revision_group.group 
1 2 'Structure model' 'Version format compliance' 
2 3 'Structure model' 'Version format compliance' 
3 4 'Structure model' 'Data collection'           
4 4 'Structure model' 'Database references'       
5 4 'Structure model' 'Refinement description'    
# 
loop_
_pdbx_audit_revision_category.ordinal 
_pdbx_audit_revision_category.revision_ordinal 
_pdbx_audit_revision_category.data_content_type 
_pdbx_audit_revision_category.category 
1 4 'Structure model' chem_comp_atom                
2 4 'Structure model' chem_comp_bond                
3 4 'Structure model' database_2                    
4 4 'Structure model' pdbx_initial_refinement_model 
# 
loop_
_pdbx_audit_revision_item.ordinal 
_pdbx_audit_revision_item.revision_ordinal 
_pdbx_audit_revision_item.data_content_type 
_pdbx_audit_revision_item.item 
1 4 'Structure model' '_database_2.pdbx_DOI'                
2 4 'Structure model' '_database_2.pdbx_database_accession' 
# 
loop_
_software.name 
_software.classification 
_software.version 
_software.citation_id 
_software.pdbx_ordinal 
DENZO     'data reduction' . ? 1 
SCALEPACK 'data scaling'   . ? 2 
CNS       refinement       . ? 3 
CNS       phasing          . ? 4 
# 
loop_
_pdbx_validate_close_contact.id 
_pdbx_validate_close_contact.PDB_model_num 
_pdbx_validate_close_contact.auth_atom_id_1 
_pdbx_validate_close_contact.auth_asym_id_1 
_pdbx_validate_close_contact.auth_comp_id_1 
_pdbx_validate_close_contact.auth_seq_id_1 
_pdbx_validate_close_contact.PDB_ins_code_1 
_pdbx_validate_close_contact.label_alt_id_1 
_pdbx_validate_close_contact.auth_atom_id_2 
_pdbx_validate_close_contact.auth_asym_id_2 
_pdbx_validate_close_contact.auth_comp_id_2 
_pdbx_validate_close_contact.auth_seq_id_2 
_pdbx_validate_close_contact.PDB_ins_code_2 
_pdbx_validate_close_contact.label_alt_id_2 
_pdbx_validate_close_contact.dist 
1  1 O   A HOH 246 ? ? O A HOH 303 ? ? 1.51 
2  1 O   A HOH 214 ? ? O A HOH 283 ? ? 1.52 
3  1 NH2 A ARG 59  ? ? O A HOH 302 ? ? 1.57 
4  1 O   A HOH 240 ? ? O A HOH 281 ? ? 1.69 
5  1 N   A HIS 17  ? ? O A HOH 275 ? ? 1.89 
6  1 ND2 A ASN 68  ? ? O A HOH 312 ? ? 1.90 
7  1 O   A HOH 228 ? ? O A HOH 270 ? ? 1.99 
8  1 OE1 A GLN 88  ? ? O A HOH 320 ? ? 2.04 
9  1 O   A HOH 248 ? ? O A HOH 296 ? ? 2.06 
10 1 O   A HOH 271 ? ? O A HOH 272 ? ? 2.18 
# 
loop_
_pdbx_validate_symm_contact.id 
_pdbx_validate_symm_contact.PDB_model_num 
_pdbx_validate_symm_contact.auth_atom_id_1 
_pdbx_validate_symm_contact.auth_asym_id_1 
_pdbx_validate_symm_contact.auth_comp_id_1 
_pdbx_validate_symm_contact.auth_seq_id_1 
_pdbx_validate_symm_contact.PDB_ins_code_1 
_pdbx_validate_symm_contact.label_alt_id_1 
_pdbx_validate_symm_contact.site_symmetry_1 
_pdbx_validate_symm_contact.auth_atom_id_2 
_pdbx_validate_symm_contact.auth_asym_id_2 
_pdbx_validate_symm_contact.auth_comp_id_2 
_pdbx_validate_symm_contact.auth_seq_id_2 
_pdbx_validate_symm_contact.PDB_ins_code_2 
_pdbx_validate_symm_contact.label_alt_id_2 
_pdbx_validate_symm_contact.site_symmetry_2 
_pdbx_validate_symm_contact.dist 
1 1 O  A HOH 301 ? ? 1_555 O A HOH 317 ? ? 8_555 1.61 
2 1 O  A HOH 244 ? ? 1_555 O A HOH 283 ? ? 3_555 1.84 
3 1 NZ A LYS 21  ? ? 1_555 O A HOH 276 ? ? 3_555 2.07 
# 
loop_
_pdbx_validate_rmsd_angle.id 
_pdbx_validate_rmsd_angle.PDB_model_num 
_pdbx_validate_rmsd_angle.auth_atom_id_1 
_pdbx_validate_rmsd_angle.auth_asym_id_1 
_pdbx_validate_rmsd_angle.auth_comp_id_1 
_pdbx_validate_rmsd_angle.auth_seq_id_1 
_pdbx_validate_rmsd_angle.PDB_ins_code_1 
_pdbx_validate_rmsd_angle.label_alt_id_1 
_pdbx_validate_rmsd_angle.auth_atom_id_2 
_pdbx_validate_rmsd_angle.auth_asym_id_2 
_pdbx_validate_rmsd_angle.auth_comp_id_2 
_pdbx_validate_rmsd_angle.auth_seq_id_2 
_pdbx_validate_rmsd_angle.PDB_ins_code_2 
_pdbx_validate_rmsd_angle.label_alt_id_2 
_pdbx_validate_rmsd_angle.auth_atom_id_3 
_pdbx_validate_rmsd_angle.auth_asym_id_3 
_pdbx_validate_rmsd_angle.auth_comp_id_3 
_pdbx_validate_rmsd_angle.auth_seq_id_3 
_pdbx_validate_rmsd_angle.PDB_ins_code_3 
_pdbx_validate_rmsd_angle.label_alt_id_3 
_pdbx_validate_rmsd_angle.angle_value 
_pdbx_validate_rmsd_angle.angle_target_value 
_pdbx_validate_rmsd_angle.angle_deviation 
_pdbx_validate_rmsd_angle.angle_standard_deviation 
_pdbx_validate_rmsd_angle.linker_flag 
1 1 CB A PHE 32 ? ? CG A PHE 32 ? ? CD2 A PHE 32 ? ? 125.84 120.80 5.04  0.70 N 
2 1 CB A PHE 32 ? ? CG A PHE 32 ? ? CD1 A PHE 32 ? ? 113.68 120.80 -7.12 0.70 N 
3 1 CD A ARG 36 ? ? NE A ARG 36 ? ? CZ  A ARG 36 ? ? 134.46 123.60 10.86 1.40 N 
4 1 NE A ARG 50 ? ? CZ A ARG 50 ? ? NH2 A ARG 50 ? ? 117.23 120.30 -3.07 0.50 N 
5 1 CD A ARG 61 ? ? NE A ARG 61 ? ? CZ  A ARG 61 ? ? 143.42 123.60 19.82 1.40 N 
# 
loop_
_chem_comp_atom.comp_id 
_chem_comp_atom.atom_id 
_chem_comp_atom.type_symbol 
_chem_comp_atom.pdbx_aromatic_flag 
_chem_comp_atom.pdbx_stereo_config 
_chem_comp_atom.pdbx_ordinal 
ALA N    N N N 1   
ALA CA   C N S 2   
ALA C    C N N 3   
ALA O    O N N 4   
ALA CB   C N N 5   
ALA OXT  O N N 6   
ALA H    H N N 7   
ALA H2   H N N 8   
ALA HA   H N N 9   
ALA HB1  H N N 10  
ALA HB2  H N N 11  
ALA HB3  H N N 12  
ALA HXT  H N N 13  
ARG N    N N N 14  
ARG CA   C N S 15  
ARG C    C N N 16  
ARG O    O N N 17  
ARG CB   C N N 18  
ARG CG   C N N 19  
ARG CD   C N N 20  
ARG NE   N N N 21  
ARG CZ   C N N 22  
ARG NH1  N N N 23  
ARG NH2  N N N 24  
ARG OXT  O N N 25  
ARG H    H N N 26  
ARG H2   H N N 27  
ARG HA   H N N 28  
ARG HB2  H N N 29  
ARG HB3  H N N 30  
ARG HG2  H N N 31  
ARG HG3  H N N 32  
ARG HD2  H N N 33  
ARG HD3  H N N 34  
ARG HE   H N N 35  
ARG HH11 H N N 36  
ARG HH12 H N N 37  
ARG HH21 H N N 38  
ARG HH22 H N N 39  
ARG HXT  H N N 40  
ASN N    N N N 41  
ASN CA   C N S 42  
ASN C    C N N 43  
ASN O    O N N 44  
ASN CB   C N N 45  
ASN CG   C N N 46  
ASN OD1  O N N 47  
ASN ND2  N N N 48  
ASN OXT  O N N 49  
ASN H    H N N 50  
ASN H2   H N N 51  
ASN HA   H N N 52  
ASN HB2  H N N 53  
ASN HB3  H N N 54  
ASN HD21 H N N 55  
ASN HD22 H N N 56  
ASN HXT  H N N 57  
ASP N    N N N 58  
ASP CA   C N S 59  
ASP C    C N N 60  
ASP O    O N N 61  
ASP CB   C N N 62  
ASP CG   C N N 63  
ASP OD1  O N N 64  
ASP OD2  O N N 65  
ASP OXT  O N N 66  
ASP H    H N N 67  
ASP H2   H N N 68  
ASP HA   H N N 69  
ASP HB2  H N N 70  
ASP HB3  H N N 71  
ASP HD2  H N N 72  
ASP HXT  H N N 73  
CYS N    N N N 74  
CYS CA   C N R 75  
CYS C    C N N 76  
CYS O    O N N 77  
CYS CB   C N N 78  
CYS SG   S N N 79  
CYS OXT  O N N 80  
CYS H    H N N 81  
CYS H2   H N N 82  
CYS HA   H N N 83  
CYS HB2  H N N 84  
CYS HB3  H N N 85  
CYS HG   H N N 86  
CYS HXT  H N N 87  
GLN N    N N N 88  
GLN CA   C N S 89  
GLN C    C N N 90  
GLN O    O N N 91  
GLN CB   C N N 92  
GLN CG   C N N 93  
GLN CD   C N N 94  
GLN OE1  O N N 95  
GLN NE2  N N N 96  
GLN OXT  O N N 97  
GLN H    H N N 98  
GLN H2   H N N 99  
GLN HA   H N N 100 
GLN HB2  H N N 101 
GLN HB3  H N N 102 
GLN HG2  H N N 103 
GLN HG3  H N N 104 
GLN HE21 H N N 105 
GLN HE22 H N N 106 
GLN HXT  H N N 107 
GLU N    N N N 108 
GLU CA   C N S 109 
GLU C    C N N 110 
GLU O    O N N 111 
GLU CB   C N N 112 
GLU CG   C N N 113 
GLU CD   C N N 114 
GLU OE1  O N N 115 
GLU OE2  O N N 116 
GLU OXT  O N N 117 
GLU H    H N N 118 
GLU H2   H N N 119 
GLU HA   H N N 120 
GLU HB2  H N N 121 
GLU HB3  H N N 122 
GLU HG2  H N N 123 
GLU HG3  H N N 124 
GLU HE2  H N N 125 
GLU HXT  H N N 126 
GLY N    N N N 127 
GLY CA   C N N 128 
GLY C    C N N 129 
GLY O    O N N 130 
GLY OXT  O N N 131 
GLY H    H N N 132 
GLY H2   H N N 133 
GLY HA2  H N N 134 
GLY HA3  H N N 135 
GLY HXT  H N N 136 
HIS N    N N N 137 
HIS CA   C N S 138 
HIS C    C N N 139 
HIS O    O N N 140 
HIS CB   C N N 141 
HIS CG   C Y N 142 
HIS ND1  N Y N 143 
HIS CD2  C Y N 144 
HIS CE1  C Y N 145 
HIS NE2  N Y N 146 
HIS OXT  O N N 147 
HIS H    H N N 148 
HIS H2   H N N 149 
HIS HA   H N N 150 
HIS HB2  H N N 151 
HIS HB3  H N N 152 
HIS HD1  H N N 153 
HIS HD2  H N N 154 
HIS HE1  H N N 155 
HIS HE2  H N N 156 
HIS HXT  H N N 157 
HOH O    O N N 158 
HOH H1   H N N 159 
HOH H2   H N N 160 
ILE N    N N N 161 
ILE CA   C N S 162 
ILE C    C N N 163 
ILE O    O N N 164 
ILE CB   C N S 165 
ILE CG1  C N N 166 
ILE CG2  C N N 167 
ILE CD1  C N N 168 
ILE OXT  O N N 169 
ILE H    H N N 170 
ILE H2   H N N 171 
ILE HA   H N N 172 
ILE HB   H N N 173 
ILE HG12 H N N 174 
ILE HG13 H N N 175 
ILE HG21 H N N 176 
ILE HG22 H N N 177 
ILE HG23 H N N 178 
ILE HD11 H N N 179 
ILE HD12 H N N 180 
ILE HD13 H N N 181 
ILE HXT  H N N 182 
LEU N    N N N 183 
LEU CA   C N S 184 
LEU C    C N N 185 
LEU O    O N N 186 
LEU CB   C N N 187 
LEU CG   C N N 188 
LEU CD1  C N N 189 
LEU CD2  C N N 190 
LEU OXT  O N N 191 
LEU H    H N N 192 
LEU H2   H N N 193 
LEU HA   H N N 194 
LEU HB2  H N N 195 
LEU HB3  H N N 196 
LEU HG   H N N 197 
LEU HD11 H N N 198 
LEU HD12 H N N 199 
LEU HD13 H N N 200 
LEU HD21 H N N 201 
LEU HD22 H N N 202 
LEU HD23 H N N 203 
LEU HXT  H N N 204 
LYS N    N N N 205 
LYS CA   C N S 206 
LYS C    C N N 207 
LYS O    O N N 208 
LYS CB   C N N 209 
LYS CG   C N N 210 
LYS CD   C N N 211 
LYS CE   C N N 212 
LYS NZ   N N N 213 
LYS OXT  O N N 214 
LYS H    H N N 215 
LYS H2   H N N 216 
LYS HA   H N N 217 
LYS HB2  H N N 218 
LYS HB3  H N N 219 
LYS HG2  H N N 220 
LYS HG3  H N N 221 
LYS HD2  H N N 222 
LYS HD3  H N N 223 
LYS HE2  H N N 224 
LYS HE3  H N N 225 
LYS HZ1  H N N 226 
LYS HZ2  H N N 227 
LYS HZ3  H N N 228 
LYS HXT  H N N 229 
MET N    N N N 230 
MET CA   C N S 231 
MET C    C N N 232 
MET O    O N N 233 
MET CB   C N N 234 
MET CG   C N N 235 
MET SD   S N N 236 
MET CE   C N N 237 
MET OXT  O N N 238 
MET H    H N N 239 
MET H2   H N N 240 
MET HA   H N N 241 
MET HB2  H N N 242 
MET HB3  H N N 243 
MET HG2  H N N 244 
MET HG3  H N N 245 
MET HE1  H N N 246 
MET HE2  H N N 247 
MET HE3  H N N 248 
MET HXT  H N N 249 
PHE N    N N N 250 
PHE CA   C N S 251 
PHE C    C N N 252 
PHE O    O N N 253 
PHE CB   C N N 254 
PHE CG   C Y N 255 
PHE CD1  C Y N 256 
PHE CD2  C Y N 257 
PHE CE1  C Y N 258 
PHE CE2  C Y N 259 
PHE CZ   C Y N 260 
PHE OXT  O N N 261 
PHE H    H N N 262 
PHE H2   H N N 263 
PHE HA   H N N 264 
PHE HB2  H N N 265 
PHE HB3  H N N 266 
PHE HD1  H N N 267 
PHE HD2  H N N 268 
PHE HE1  H N N 269 
PHE HE2  H N N 270 
PHE HZ   H N N 271 
PHE HXT  H N N 272 
PRO N    N N N 273 
PRO CA   C N S 274 
PRO C    C N N 275 
PRO O    O N N 276 
PRO CB   C N N 277 
PRO CG   C N N 278 
PRO CD   C N N 279 
PRO OXT  O N N 280 
PRO H    H N N 281 
PRO HA   H N N 282 
PRO HB2  H N N 283 
PRO HB3  H N N 284 
PRO HG2  H N N 285 
PRO HG3  H N N 286 
PRO HD2  H N N 287 
PRO HD3  H N N 288 
PRO HXT  H N N 289 
SER N    N N N 290 
SER CA   C N S 291 
SER C    C N N 292 
SER O    O N N 293 
SER CB   C N N 294 
SER OG   O N N 295 
SER OXT  O N N 296 
SER H    H N N 297 
SER H2   H N N 298 
SER HA   H N N 299 
SER HB2  H N N 300 
SER HB3  H N N 301 
SER HG   H N N 302 
SER HXT  H N N 303 
THR N    N N N 304 
THR CA   C N S 305 
THR C    C N N 306 
THR O    O N N 307 
THR CB   C N R 308 
THR OG1  O N N 309 
THR CG2  C N N 310 
THR OXT  O N N 311 
THR H    H N N 312 
THR H2   H N N 313 
THR HA   H N N 314 
THR HB   H N N 315 
THR HG1  H N N 316 
THR HG21 H N N 317 
THR HG22 H N N 318 
THR HG23 H N N 319 
THR HXT  H N N 320 
TYR N    N N N 321 
TYR CA   C N S 322 
TYR C    C N N 323 
TYR O    O N N 324 
TYR CB   C N N 325 
TYR CG   C Y N 326 
TYR CD1  C Y N 327 
TYR CD2  C Y N 328 
TYR CE1  C Y N 329 
TYR CE2  C Y N 330 
TYR CZ   C Y N 331 
TYR OH   O N N 332 
TYR OXT  O N N 333 
TYR H    H N N 334 
TYR H2   H N N 335 
TYR HA   H N N 336 
TYR HB2  H N N 337 
TYR HB3  H N N 338 
TYR HD1  H N N 339 
TYR HD2  H N N 340 
TYR HE1  H N N 341 
TYR HE2  H N N 342 
TYR HH   H N N 343 
TYR HXT  H N N 344 
VAL N    N N N 345 
VAL CA   C N S 346 
VAL C    C N N 347 
VAL O    O N N 348 
VAL CB   C N N 349 
VAL CG1  C N N 350 
VAL CG2  C N N 351 
VAL OXT  O N N 352 
VAL H    H N N 353 
VAL H2   H N N 354 
VAL HA   H N N 355 
VAL HB   H N N 356 
VAL HG11 H N N 357 
VAL HG12 H N N 358 
VAL HG13 H N N 359 
VAL HG21 H N N 360 
VAL HG22 H N N 361 
VAL HG23 H N N 362 
VAL HXT  H N N 363 
# 
loop_
_chem_comp_bond.comp_id 
_chem_comp_bond.atom_id_1 
_chem_comp_bond.atom_id_2 
_chem_comp_bond.value_order 
_chem_comp_bond.pdbx_aromatic_flag 
_chem_comp_bond.pdbx_stereo_config 
_chem_comp_bond.pdbx_ordinal 
ALA N   CA   sing N N 1   
ALA N   H    sing N N 2   
ALA N   H2   sing N N 3   
ALA CA  C    sing N N 4   
ALA CA  CB   sing N N 5   
ALA CA  HA   sing N N 6   
ALA C   O    doub N N 7   
ALA C   OXT  sing N N 8   
ALA CB  HB1  sing N N 9   
ALA CB  HB2  sing N N 10  
ALA CB  HB3  sing N N 11  
ALA OXT HXT  sing N N 12  
ARG N   CA   sing N N 13  
ARG N   H    sing N N 14  
ARG N   H2   sing N N 15  
ARG CA  C    sing N N 16  
ARG CA  CB   sing N N 17  
ARG CA  HA   sing N N 18  
ARG C   O    doub N N 19  
ARG C   OXT  sing N N 20  
ARG CB  CG   sing N N 21  
ARG CB  HB2  sing N N 22  
ARG CB  HB3  sing N N 23  
ARG CG  CD   sing N N 24  
ARG CG  HG2  sing N N 25  
ARG CG  HG3  sing N N 26  
ARG CD  NE   sing N N 27  
ARG CD  HD2  sing N N 28  
ARG CD  HD3  sing N N 29  
ARG NE  CZ   sing N N 30  
ARG NE  HE   sing N N 31  
ARG CZ  NH1  sing N N 32  
ARG CZ  NH2  doub N N 33  
ARG NH1 HH11 sing N N 34  
ARG NH1 HH12 sing N N 35  
ARG NH2 HH21 sing N N 36  
ARG NH2 HH22 sing N N 37  
ARG OXT HXT  sing N N 38  
ASN N   CA   sing N N 39  
ASN N   H    sing N N 40  
ASN N   H2   sing N N 41  
ASN CA  C    sing N N 42  
ASN CA  CB   sing N N 43  
ASN CA  HA   sing N N 44  
ASN C   O    doub N N 45  
ASN C   OXT  sing N N 46  
ASN CB  CG   sing N N 47  
ASN CB  HB2  sing N N 48  
ASN CB  HB3  sing N N 49  
ASN CG  OD1  doub N N 50  
ASN CG  ND2  sing N N 51  
ASN ND2 HD21 sing N N 52  
ASN ND2 HD22 sing N N 53  
ASN OXT HXT  sing N N 54  
ASP N   CA   sing N N 55  
ASP N   H    sing N N 56  
ASP N   H2   sing N N 57  
ASP CA  C    sing N N 58  
ASP CA  CB   sing N N 59  
ASP CA  HA   sing N N 60  
ASP C   O    doub N N 61  
ASP C   OXT  sing N N 62  
ASP CB  CG   sing N N 63  
ASP CB  HB2  sing N N 64  
ASP CB  HB3  sing N N 65  
ASP CG  OD1  doub N N 66  
ASP CG  OD2  sing N N 67  
ASP OD2 HD2  sing N N 68  
ASP OXT HXT  sing N N 69  
CYS N   CA   sing N N 70  
CYS N   H    sing N N 71  
CYS N   H2   sing N N 72  
CYS CA  C    sing N N 73  
CYS CA  CB   sing N N 74  
CYS CA  HA   sing N N 75  
CYS C   O    doub N N 76  
CYS C   OXT  sing N N 77  
CYS CB  SG   sing N N 78  
CYS CB  HB2  sing N N 79  
CYS CB  HB3  sing N N 80  
CYS SG  HG   sing N N 81  
CYS OXT HXT  sing N N 82  
GLN N   CA   sing N N 83  
GLN N   H    sing N N 84  
GLN N   H2   sing N N 85  
GLN CA  C    sing N N 86  
GLN CA  CB   sing N N 87  
GLN CA  HA   sing N N 88  
GLN C   O    doub N N 89  
GLN C   OXT  sing N N 90  
GLN CB  CG   sing N N 91  
GLN CB  HB2  sing N N 92  
GLN CB  HB3  sing N N 93  
GLN CG  CD   sing N N 94  
GLN CG  HG2  sing N N 95  
GLN CG  HG3  sing N N 96  
GLN CD  OE1  doub N N 97  
GLN CD  NE2  sing N N 98  
GLN NE2 HE21 sing N N 99  
GLN NE2 HE22 sing N N 100 
GLN OXT HXT  sing N N 101 
GLU N   CA   sing N N 102 
GLU N   H    sing N N 103 
GLU N   H2   sing N N 104 
GLU CA  C    sing N N 105 
GLU CA  CB   sing N N 106 
GLU CA  HA   sing N N 107 
GLU C   O    doub N N 108 
GLU C   OXT  sing N N 109 
GLU CB  CG   sing N N 110 
GLU CB  HB2  sing N N 111 
GLU CB  HB3  sing N N 112 
GLU CG  CD   sing N N 113 
GLU CG  HG2  sing N N 114 
GLU CG  HG3  sing N N 115 
GLU CD  OE1  doub N N 116 
GLU CD  OE2  sing N N 117 
GLU OE2 HE2  sing N N 118 
GLU OXT HXT  sing N N 119 
GLY N   CA   sing N N 120 
GLY N   H    sing N N 121 
GLY N   H2   sing N N 122 
GLY CA  C    sing N N 123 
GLY CA  HA2  sing N N 124 
GLY CA  HA3  sing N N 125 
GLY C   O    doub N N 126 
GLY C   OXT  sing N N 127 
GLY OXT HXT  sing N N 128 
HIS N   CA   sing N N 129 
HIS N   H    sing N N 130 
HIS N   H2   sing N N 131 
HIS CA  C    sing N N 132 
HIS CA  CB   sing N N 133 
HIS CA  HA   sing N N 134 
HIS C   O    doub N N 135 
HIS C   OXT  sing N N 136 
HIS CB  CG   sing N N 137 
HIS CB  HB2  sing N N 138 
HIS CB  HB3  sing N N 139 
HIS CG  ND1  sing Y N 140 
HIS CG  CD2  doub Y N 141 
HIS ND1 CE1  doub Y N 142 
HIS ND1 HD1  sing N N 143 
HIS CD2 NE2  sing Y N 144 
HIS CD2 HD2  sing N N 145 
HIS CE1 NE2  sing Y N 146 
HIS CE1 HE1  sing N N 147 
HIS NE2 HE2  sing N N 148 
HIS OXT HXT  sing N N 149 
HOH O   H1   sing N N 150 
HOH O   H2   sing N N 151 
ILE N   CA   sing N N 152 
ILE N   H    sing N N 153 
ILE N   H2   sing N N 154 
ILE CA  C    sing N N 155 
ILE CA  CB   sing N N 156 
ILE CA  HA   sing N N 157 
ILE C   O    doub N N 158 
ILE C   OXT  sing N N 159 
ILE CB  CG1  sing N N 160 
ILE CB  CG2  sing N N 161 
ILE CB  HB   sing N N 162 
ILE CG1 CD1  sing N N 163 
ILE CG1 HG12 sing N N 164 
ILE CG1 HG13 sing N N 165 
ILE CG2 HG21 sing N N 166 
ILE CG2 HG22 sing N N 167 
ILE CG2 HG23 sing N N 168 
ILE CD1 HD11 sing N N 169 
ILE CD1 HD12 sing N N 170 
ILE CD1 HD13 sing N N 171 
ILE OXT HXT  sing N N 172 
LEU N   CA   sing N N 173 
LEU N   H    sing N N 174 
LEU N   H2   sing N N 175 
LEU CA  C    sing N N 176 
LEU CA  CB   sing N N 177 
LEU CA  HA   sing N N 178 
LEU C   O    doub N N 179 
LEU C   OXT  sing N N 180 
LEU CB  CG   sing N N 181 
LEU CB  HB2  sing N N 182 
LEU CB  HB3  sing N N 183 
LEU CG  CD1  sing N N 184 
LEU CG  CD2  sing N N 185 
LEU CG  HG   sing N N 186 
LEU CD1 HD11 sing N N 187 
LEU CD1 HD12 sing N N 188 
LEU CD1 HD13 sing N N 189 
LEU CD2 HD21 sing N N 190 
LEU CD2 HD22 sing N N 191 
LEU CD2 HD23 sing N N 192 
LEU OXT HXT  sing N N 193 
LYS N   CA   sing N N 194 
LYS N   H    sing N N 195 
LYS N   H2   sing N N 196 
LYS CA  C    sing N N 197 
LYS CA  CB   sing N N 198 
LYS CA  HA   sing N N 199 
LYS C   O    doub N N 200 
LYS C   OXT  sing N N 201 
LYS CB  CG   sing N N 202 
LYS CB  HB2  sing N N 203 
LYS CB  HB3  sing N N 204 
LYS CG  CD   sing N N 205 
LYS CG  HG2  sing N N 206 
LYS CG  HG3  sing N N 207 
LYS CD  CE   sing N N 208 
LYS CD  HD2  sing N N 209 
LYS CD  HD3  sing N N 210 
LYS CE  NZ   sing N N 211 
LYS CE  HE2  sing N N 212 
LYS CE  HE3  sing N N 213 
LYS NZ  HZ1  sing N N 214 
LYS NZ  HZ2  sing N N 215 
LYS NZ  HZ3  sing N N 216 
LYS OXT HXT  sing N N 217 
MET N   CA   sing N N 218 
MET N   H    sing N N 219 
MET N   H2   sing N N 220 
MET CA  C    sing N N 221 
MET CA  CB   sing N N 222 
MET CA  HA   sing N N 223 
MET C   O    doub N N 224 
MET C   OXT  sing N N 225 
MET CB  CG   sing N N 226 
MET CB  HB2  sing N N 227 
MET CB  HB3  sing N N 228 
MET CG  SD   sing N N 229 
MET CG  HG2  sing N N 230 
MET CG  HG3  sing N N 231 
MET SD  CE   sing N N 232 
MET CE  HE1  sing N N 233 
MET CE  HE2  sing N N 234 
MET CE  HE3  sing N N 235 
MET OXT HXT  sing N N 236 
PHE N   CA   sing N N 237 
PHE N   H    sing N N 238 
PHE N   H2   sing N N 239 
PHE CA  C    sing N N 240 
PHE CA  CB   sing N N 241 
PHE CA  HA   sing N N 242 
PHE C   O    doub N N 243 
PHE C   OXT  sing N N 244 
PHE CB  CG   sing N N 245 
PHE CB  HB2  sing N N 246 
PHE CB  HB3  sing N N 247 
PHE CG  CD1  doub Y N 248 
PHE CG  CD2  sing Y N 249 
PHE CD1 CE1  sing Y N 250 
PHE CD1 HD1  sing N N 251 
PHE CD2 CE2  doub Y N 252 
PHE CD2 HD2  sing N N 253 
PHE CE1 CZ   doub Y N 254 
PHE CE1 HE1  sing N N 255 
PHE CE2 CZ   sing Y N 256 
PHE CE2 HE2  sing N N 257 
PHE CZ  HZ   sing N N 258 
PHE OXT HXT  sing N N 259 
PRO N   CA   sing N N 260 
PRO N   CD   sing N N 261 
PRO N   H    sing N N 262 
PRO CA  C    sing N N 263 
PRO CA  CB   sing N N 264 
PRO CA  HA   sing N N 265 
PRO C   O    doub N N 266 
PRO C   OXT  sing N N 267 
PRO CB  CG   sing N N 268 
PRO CB  HB2  sing N N 269 
PRO CB  HB3  sing N N 270 
PRO CG  CD   sing N N 271 
PRO CG  HG2  sing N N 272 
PRO CG  HG3  sing N N 273 
PRO CD  HD2  sing N N 274 
PRO CD  HD3  sing N N 275 
PRO OXT HXT  sing N N 276 
SER N   CA   sing N N 277 
SER N   H    sing N N 278 
SER N   H2   sing N N 279 
SER CA  C    sing N N 280 
SER CA  CB   sing N N 281 
SER CA  HA   sing N N 282 
SER C   O    doub N N 283 
SER C   OXT  sing N N 284 
SER CB  OG   sing N N 285 
SER CB  HB2  sing N N 286 
SER CB  HB3  sing N N 287 
SER OG  HG   sing N N 288 
SER OXT HXT  sing N N 289 
THR N   CA   sing N N 290 
THR N   H    sing N N 291 
THR N   H2   sing N N 292 
THR CA  C    sing N N 293 
THR CA  CB   sing N N 294 
THR CA  HA   sing N N 295 
THR C   O    doub N N 296 
THR C   OXT  sing N N 297 
THR CB  OG1  sing N N 298 
THR CB  CG2  sing N N 299 
THR CB  HB   sing N N 300 
THR OG1 HG1  sing N N 301 
THR CG2 HG21 sing N N 302 
THR CG2 HG22 sing N N 303 
THR CG2 HG23 sing N N 304 
THR OXT HXT  sing N N 305 
TYR N   CA   sing N N 306 
TYR N   H    sing N N 307 
TYR N   H2   sing N N 308 
TYR CA  C    sing N N 309 
TYR CA  CB   sing N N 310 
TYR CA  HA   sing N N 311 
TYR C   O    doub N N 312 
TYR C   OXT  sing N N 313 
TYR CB  CG   sing N N 314 
TYR CB  HB2  sing N N 315 
TYR CB  HB3  sing N N 316 
TYR CG  CD1  doub Y N 317 
TYR CG  CD2  sing Y N 318 
TYR CD1 CE1  sing Y N 319 
TYR CD1 HD1  sing N N 320 
TYR CD2 CE2  doub Y N 321 
TYR CD2 HD2  sing N N 322 
TYR CE1 CZ   doub Y N 323 
TYR CE1 HE1  sing N N 324 
TYR CE2 CZ   sing Y N 325 
TYR CE2 HE2  sing N N 326 
TYR CZ  OH   sing N N 327 
TYR OH  HH   sing N N 328 
TYR OXT HXT  sing N N 329 
VAL N   CA   sing N N 330 
VAL N   H    sing N N 331 
VAL N   H2   sing N N 332 
VAL CA  C    sing N N 333 
VAL CA  CB   sing N N 334 
VAL CA  HA   sing N N 335 
VAL C   O    doub N N 336 
VAL C   OXT  sing N N 337 
VAL CB  CG1  sing N N 338 
VAL CB  CG2  sing N N 339 
VAL CB  HB   sing N N 340 
VAL CG1 HG11 sing N N 341 
VAL CG1 HG12 sing N N 342 
VAL CG1 HG13 sing N N 343 
VAL CG2 HG21 sing N N 344 
VAL CG2 HG22 sing N N 345 
VAL CG2 HG23 sing N N 346 
VAL OXT HXT  sing N N 347 
# 
_pdbx_entity_nonpoly.entity_id   2 
_pdbx_entity_nonpoly.name        water 
_pdbx_entity_nonpoly.comp_id     HOH 
# 
_pdbx_initial_refinement_model.id               1 
_pdbx_initial_refinement_model.entity_id_list   ? 
_pdbx_initial_refinement_model.type             'experimental model' 
_pdbx_initial_refinement_model.source_name      PDB 
_pdbx_initial_refinement_model.accession_code   1WM2 
_pdbx_initial_refinement_model.details          'PDB entry 1WM2' 
# 
